data_8ZXP
#
_entry.id   8ZXP
#
_cell.length_a   1.00
_cell.length_b   1.00
_cell.length_c   1.00
_cell.angle_alpha   90.00
_cell.angle_beta   90.00
_cell.angle_gamma   90.00
#
_symmetry.space_group_name_H-M   'P 1'
#
loop_
_entity.id
_entity.type
_entity.pdbx_description
1 polymer 'Trimethylamine transporter'
2 non-polymer N,N-dimethylmethanamine
#
_entity_poly.entity_id   1
_entity_poly.type   'polypeptide(L)'
_entity_poly.pdbx_seq_one_letter_code
;MFKKLLDNKNLVINPPVFITSILLIVALILTCVLFPEKVGVWFPAAQLAVTSNFGWFFVVTVNVILIFAIYLAFSKFGRI
RLGGDDAEPEFTKASWFAMLFSTGMGIGIMFFSIAEPVSHFFNTPRPVDTDIEAAVQAMQFTSLHWGLHAWGIYAMVGLA
LAFFGFNRKLPMTFRSLFYPFWGERIHGWWGHIIDILSALATVFGLSTSLGLGVIQITAGLEYLYGWEISPMMQAGIILF
VIGIATISVFSGLDKGVKILSNANMYIAASFMLLIFILGPTLFIMKGYVENTGAYLANFIDISTWNDTYLGSGWQNVWTI
FYWAWWIAWSPFVGSFIARISKGRTVKEFVLGVLIVPGLITLLWMNVFGGSALHTILSGDVTMIAAVKADVSTALFVFLE
NFPFTKFLSIVAIILIFSFFITSSDSGSLVVDNITSGSNGESPVWQRVFWSFAQGIIAIVLLWGGGLDALQTAVIITGLP
FAVILLVMCYSLQKGLKEELAKSSKKAKSKEEKSYKEIIAELLDEPQSKHHHHHHHHHH
;
_entity_poly.pdbx_strand_id   A,B,C
#
loop_
_chem_comp.id
_chem_comp.type
_chem_comp.name
_chem_comp.formula
KEN non-polymer N,N-dimethylmethanamine 'C3 H9 N'
#
# COMPACT_ATOMS: atom_id res chain seq x y z
N LEU A 11 -20.98 40.99 37.93
CA LEU A 11 -20.31 39.82 38.48
C LEU A 11 -19.65 38.99 37.39
N VAL A 12 -18.48 38.44 37.69
CA VAL A 12 -17.76 37.57 36.77
C VAL A 12 -17.60 36.21 37.44
N ILE A 13 -17.34 35.19 36.63
CA ILE A 13 -17.04 33.87 37.17
C ILE A 13 -15.54 33.61 37.06
N ASN A 14 -15.03 32.72 37.91
CA ASN A 14 -13.60 32.66 38.20
C ASN A 14 -13.11 31.27 38.58
N PRO A 15 -12.78 30.43 37.59
CA PRO A 15 -11.81 29.35 37.84
C PRO A 15 -10.40 29.92 37.84
N PRO A 16 -9.41 29.21 38.42
CA PRO A 16 -8.03 29.76 38.40
C PRO A 16 -7.40 29.81 37.01
N VAL A 17 -7.92 29.02 36.07
CA VAL A 17 -7.40 28.94 34.71
C VAL A 17 -7.49 30.29 34.01
N PHE A 18 -8.55 31.05 34.30
CA PHE A 18 -8.75 32.38 33.72
C PHE A 18 -7.63 33.34 34.10
N ILE A 19 -7.31 33.44 35.39
CA ILE A 19 -6.29 34.39 35.84
C ILE A 19 -4.90 33.92 35.40
N THR A 20 -4.60 32.64 35.54
CA THR A 20 -3.23 32.24 35.21
C THR A 20 -3.09 31.81 33.75
N SER A 21 -4.10 32.11 32.93
CA SER A 21 -3.96 32.18 31.47
C SER A 21 -3.89 33.61 30.96
N ILE A 22 -4.66 34.52 31.57
CA ILE A 22 -4.54 35.95 31.27
C ILE A 22 -3.16 36.46 31.66
N LEU A 23 -2.61 35.95 32.77
CA LEU A 23 -1.26 36.33 33.19
C LEU A 23 -0.21 35.85 32.21
N LEU A 24 -0.38 34.65 31.63
CA LEU A 24 0.53 34.17 30.60
C LEU A 24 0.43 35.00 29.32
N ILE A 25 -0.80 35.38 28.95
CA ILE A 25 -1.02 36.18 27.75
C ILE A 25 -0.37 37.55 27.88
N VAL A 26 -0.63 38.26 28.98
CA VAL A 26 0.00 39.56 29.18
C VAL A 26 1.48 39.43 29.54
N ALA A 27 1.94 38.25 29.97
CA ALA A 27 3.37 38.01 30.11
C ALA A 27 4.05 38.00 28.75
N LEU A 28 3.42 37.35 27.76
CA LEU A 28 4.00 37.40 26.41
C LEU A 28 3.84 38.79 25.80
N ILE A 29 2.77 39.51 26.15
CA ILE A 29 2.60 40.90 25.71
C ILE A 29 3.74 41.77 26.26
N LEU A 30 4.07 41.59 27.54
CA LEU A 30 5.18 42.33 28.13
C LEU A 30 6.53 41.89 27.57
N THR A 31 6.65 40.61 27.21
CA THR A 31 7.89 40.11 26.63
C THR A 31 8.10 40.62 25.20
N CYS A 32 7.03 40.93 24.49
CA CYS A 32 7.18 41.37 23.11
C CYS A 32 7.13 42.89 22.95
N VAL A 33 6.36 43.60 23.78
CA VAL A 33 6.28 45.05 23.63
C VAL A 33 7.46 45.75 24.31
N LEU A 34 8.13 45.10 25.24
CA LEU A 34 9.43 45.54 25.73
C LEU A 34 10.49 44.61 25.15
N PHE A 35 11.70 45.16 24.97
CA PHE A 35 12.78 44.61 24.14
C PHE A 35 12.24 44.24 22.75
N PRO A 36 11.93 45.22 21.90
CA PRO A 36 11.28 44.87 20.62
C PRO A 36 12.23 44.21 19.63
N GLU A 37 13.44 44.74 19.48
CA GLU A 37 14.39 44.17 18.55
C GLU A 37 15.09 42.94 19.12
N LYS A 38 14.98 42.71 20.42
CA LYS A 38 15.66 41.59 21.03
C LYS A 38 14.84 40.31 21.00
N VAL A 39 13.52 40.40 20.86
CA VAL A 39 12.67 39.22 20.75
C VAL A 39 12.73 38.60 19.36
N GLY A 40 13.20 39.33 18.35
CA GLY A 40 13.40 38.80 17.02
C GLY A 40 14.56 37.86 16.88
N VAL A 41 15.39 37.74 17.92
CA VAL A 41 16.42 36.71 17.97
C VAL A 41 16.07 35.61 18.97
N TRP A 42 15.15 35.84 19.92
CA TRP A 42 14.70 34.77 20.79
C TRP A 42 13.61 33.91 20.19
N PHE A 43 12.70 34.50 19.39
CA PHE A 43 11.58 33.73 18.86
C PHE A 43 11.96 32.71 17.80
N PRO A 44 12.63 33.07 16.68
CA PRO A 44 12.88 32.03 15.67
C PRO A 44 13.96 31.03 16.07
N ALA A 45 14.89 31.42 16.95
CA ALA A 45 15.87 30.46 17.45
C ALA A 45 15.22 29.39 18.32
N ALA A 46 14.32 29.80 19.23
CA ALA A 46 13.60 28.84 20.07
C ALA A 46 12.65 27.99 19.24
N GLN A 47 12.01 28.60 18.24
CA GLN A 47 11.15 27.84 17.34
C GLN A 47 11.95 26.80 16.57
N LEU A 48 13.11 27.18 16.04
CA LEU A 48 13.95 26.27 15.27
C LEU A 48 14.49 25.14 16.15
N ALA A 49 14.85 25.45 17.39
CA ALA A 49 15.29 24.40 18.32
C ALA A 49 14.17 23.42 18.61
N VAL A 50 12.95 23.92 18.86
CA VAL A 50 11.82 23.05 19.18
C VAL A 50 11.45 22.18 17.99
N THR A 51 11.39 22.75 16.79
CA THR A 51 11.00 21.93 15.64
C THR A 51 12.12 20.99 15.19
N SER A 52 13.39 21.38 15.30
CA SER A 52 14.49 20.50 14.93
C SER A 52 14.70 19.39 15.95
N ASN A 53 14.23 19.56 17.19
CA ASN A 53 14.33 18.49 18.15
C ASN A 53 13.06 17.64 18.28
N PHE A 54 11.91 18.12 17.79
CA PHE A 54 10.69 17.34 17.95
C PHE A 54 9.85 17.23 16.67
N GLY A 55 10.48 17.38 15.50
CA GLY A 55 9.76 17.13 14.25
C GLY A 55 9.39 15.67 14.09
N TRP A 56 10.26 14.76 14.53
CA TRP A 56 9.95 13.34 14.55
C TRP A 56 8.76 13.04 15.44
N PHE A 57 8.65 13.77 16.57
CA PHE A 57 7.55 13.54 17.48
C PHE A 57 6.24 14.10 16.93
N PHE A 58 6.29 15.24 16.25
CA PHE A 58 5.10 15.76 15.57
C PHE A 58 4.62 14.82 14.46
N VAL A 59 5.56 14.27 13.69
CA VAL A 59 5.22 13.33 12.62
C VAL A 59 4.63 12.05 13.20
N VAL A 60 5.23 11.55 14.29
CA VAL A 60 4.75 10.32 14.94
C VAL A 60 3.35 10.55 15.53
N THR A 61 3.12 11.71 16.15
CA THR A 61 1.81 12.01 16.74
C THR A 61 0.72 12.12 15.68
N VAL A 62 1.00 12.81 14.57
CA VAL A 62 0.00 12.97 13.52
C VAL A 62 -0.30 11.64 12.83
N ASN A 63 0.75 10.84 12.58
CA ASN A 63 0.54 9.53 11.96
C ASN A 63 -0.20 8.57 12.88
N VAL A 64 0.09 8.63 14.19
CA VAL A 64 -0.60 7.77 15.15
C VAL A 64 -2.07 8.15 15.25
N ILE A 65 -2.36 9.46 15.24
CA ILE A 65 -3.75 9.93 15.30
C ILE A 65 -4.53 9.51 14.05
N LEU A 66 -3.91 9.63 12.86
CA LEU A 66 -4.60 9.24 11.63
C LEU A 66 -4.82 7.73 11.55
N ILE A 67 -3.80 6.94 11.91
CA ILE A 67 -3.91 5.47 11.90
C ILE A 67 -4.96 5.02 12.91
N PHE A 68 -5.02 5.69 14.06
CA PHE A 68 -6.04 5.41 15.06
C PHE A 68 -7.43 5.80 14.57
N ALA A 69 -7.55 6.88 13.78
CA ALA A 69 -8.85 7.25 13.23
C ALA A 69 -9.33 6.24 12.21
N ILE A 70 -8.42 5.74 11.36
CA ILE A 70 -8.77 4.71 10.39
C ILE A 70 -9.14 3.41 11.10
N TYR A 71 -8.47 3.09 12.20
CA TYR A 71 -8.81 1.90 12.97
C TYR A 71 -10.15 2.04 13.68
N LEU A 72 -10.41 3.21 14.28
CA LEU A 72 -11.66 3.40 15.02
C LEU A 72 -12.87 3.52 14.10
N ALA A 73 -12.68 3.96 12.86
CA ALA A 73 -13.81 3.99 11.93
C ALA A 73 -14.15 2.62 11.39
N PHE A 74 -13.16 1.74 11.20
CA PHE A 74 -13.33 0.48 10.48
C PHE A 74 -13.27 -0.73 11.42
N SER A 75 -13.80 -0.61 12.63
CA SER A 75 -13.76 -1.71 13.59
C SER A 75 -15.10 -1.77 14.31
N LYS A 76 -15.15 -2.60 15.36
CA LYS A 76 -16.35 -2.74 16.17
C LYS A 76 -16.62 -1.52 17.04
N PHE A 77 -15.62 -0.64 17.23
CA PHE A 77 -15.82 0.60 17.96
C PHE A 77 -16.63 1.62 17.17
N GLY A 78 -16.81 1.43 15.87
CA GLY A 78 -17.59 2.34 15.05
C GLY A 78 -19.08 2.13 15.13
N ARG A 79 -19.55 1.08 15.80
CA ARG A 79 -20.98 0.84 15.91
C ARG A 79 -21.62 1.68 17.01
N ILE A 80 -20.81 2.29 17.88
CA ILE A 80 -21.29 3.16 18.93
C ILE A 80 -21.84 4.44 18.28
N ARG A 81 -22.87 5.02 18.87
CA ARG A 81 -23.49 6.23 18.37
C ARG A 81 -23.54 7.25 19.50
N LEU A 82 -23.17 8.49 19.18
CA LEU A 82 -23.07 9.54 20.19
C LEU A 82 -24.44 9.89 20.78
N GLY A 83 -24.45 10.18 22.08
CA GLY A 83 -25.69 10.52 22.75
C GLY A 83 -26.62 9.36 23.00
N GLY A 84 -26.11 8.13 22.97
CA GLY A 84 -26.94 6.95 23.12
C GLY A 84 -27.45 6.43 21.79
N ASP A 85 -28.03 5.23 21.84
CA ASP A 85 -28.51 4.59 20.62
C ASP A 85 -29.79 5.25 20.11
N ASP A 86 -30.59 5.81 21.01
CA ASP A 86 -31.89 6.35 20.62
C ASP A 86 -31.77 7.77 20.05
N ALA A 87 -30.60 8.37 20.14
CA ALA A 87 -30.42 9.74 19.70
C ALA A 87 -30.44 9.83 18.17
N GLU A 88 -31.16 10.82 17.66
CA GLU A 88 -31.26 11.12 16.24
C GLU A 88 -30.45 12.38 15.92
N PRO A 89 -29.68 12.38 14.83
CA PRO A 89 -29.00 13.61 14.42
C PRO A 89 -29.98 14.62 13.82
N GLU A 90 -29.79 15.89 14.17
CA GLU A 90 -30.62 16.97 13.62
C GLU A 90 -29.72 18.11 13.12
N PHE A 91 -29.13 17.93 11.94
CA PHE A 91 -28.45 19.03 11.29
C PHE A 91 -28.55 19.02 9.76
N THR A 92 -29.29 18.06 9.20
CA THR A 92 -29.52 17.92 7.75
C THR A 92 -28.21 17.81 6.98
N LYS A 93 -27.55 16.64 7.08
CA LYS A 93 -26.13 16.32 6.87
C LYS A 93 -25.42 17.10 5.75
N ALA A 94 -26.11 17.40 4.65
CA ALA A 94 -25.55 18.26 3.62
C ALA A 94 -25.25 19.67 4.16
N SER A 95 -26.01 20.13 5.15
CA SER A 95 -25.65 21.35 5.86
C SER A 95 -24.59 21.11 6.93
N TRP A 96 -24.52 19.89 7.48
CA TRP A 96 -23.50 19.56 8.48
C TRP A 96 -22.10 19.59 7.87
N PHE A 97 -21.96 19.11 6.63
CA PHE A 97 -20.68 19.11 5.93
C PHE A 97 -20.19 20.52 5.69
N ALA A 98 -21.09 21.46 5.37
CA ALA A 98 -20.73 22.86 5.20
C ALA A 98 -20.47 23.57 6.50
N MET A 99 -21.25 23.28 7.55
CA MET A 99 -21.14 24.03 8.79
C MET A 99 -19.94 23.58 9.61
N LEU A 100 -19.48 22.33 9.45
CA LEU A 100 -18.18 21.98 10.00
C LEU A 100 -17.04 22.56 9.19
N PHE A 101 -17.27 22.85 7.90
CA PHE A 101 -16.25 23.40 7.03
C PHE A 101 -16.06 24.90 7.21
N SER A 102 -17.10 25.62 7.64
CA SER A 102 -16.97 27.06 7.84
C SER A 102 -16.12 27.37 9.07
N THR A 103 -16.58 26.96 10.25
CA THR A 103 -15.75 26.98 11.44
C THR A 103 -14.96 25.67 11.42
N GLY A 104 -13.80 25.72 10.80
CA GLY A 104 -13.16 24.52 10.31
C GLY A 104 -12.03 24.89 9.39
N MET A 105 -12.08 24.37 8.16
CA MET A 105 -11.10 24.72 7.15
C MET A 105 -11.18 26.22 6.85
N GLY A 106 -10.00 26.81 6.64
CA GLY A 106 -9.90 28.24 6.40
C GLY A 106 -9.26 28.96 7.58
N ILE A 107 -8.48 29.99 7.33
CA ILE A 107 -8.20 30.67 6.06
C ILE A 107 -7.06 30.02 5.25
N GLY A 108 -6.69 28.80 5.65
CA GLY A 108 -5.55 28.10 5.09
C GLY A 108 -5.61 27.86 3.59
N ILE A 109 -6.80 27.59 3.03
CA ILE A 109 -6.92 27.47 1.57
C ILE A 109 -6.61 28.79 0.90
N MET A 110 -7.17 29.89 1.39
CA MET A 110 -7.07 31.17 0.70
C MET A 110 -5.67 31.78 0.78
N PHE A 111 -4.91 31.43 1.82
CA PHE A 111 -3.54 31.91 1.93
C PHE A 111 -2.53 30.97 1.29
N PHE A 112 -2.72 29.65 1.42
CA PHE A 112 -1.67 28.70 1.07
C PHE A 112 -2.09 27.71 -0.01
N SER A 113 -3.12 28.01 -0.79
CA SER A 113 -3.47 27.13 -1.89
C SER A 113 -2.57 27.32 -3.10
N ILE A 114 -1.89 28.45 -3.18
CA ILE A 114 -1.12 28.85 -4.36
C ILE A 114 0.32 29.09 -3.92
N ALA A 115 0.48 29.79 -2.80
CA ALA A 115 1.81 30.12 -2.29
C ALA A 115 2.58 28.88 -1.82
N GLU A 116 1.89 27.81 -1.44
CA GLU A 116 2.57 26.57 -1.06
C GLU A 116 3.00 25.67 -2.24
N PRO A 117 2.15 25.35 -3.24
CA PRO A 117 2.66 24.49 -4.34
C PRO A 117 3.72 25.16 -5.19
N VAL A 118 3.66 26.48 -5.38
CA VAL A 118 4.71 27.18 -6.11
C VAL A 118 6.02 27.15 -5.32
N SER A 119 5.94 27.32 -3.99
CA SER A 119 7.13 27.24 -3.16
C SER A 119 7.71 25.84 -3.12
N HIS A 120 6.88 24.82 -3.18
CA HIS A 120 7.41 23.46 -3.26
C HIS A 120 7.89 23.12 -4.66
N PHE A 121 7.45 23.87 -5.67
CA PHE A 121 8.00 23.71 -7.01
C PHE A 121 9.41 24.28 -7.09
N PHE A 122 9.57 25.58 -6.81
CA PHE A 122 10.89 26.17 -7.02
C PHE A 122 11.87 25.83 -5.89
N ASN A 123 11.38 25.66 -4.67
CA ASN A 123 12.22 25.27 -3.53
C ASN A 123 11.77 23.86 -3.12
N THR A 124 12.38 22.86 -3.72
CA THR A 124 11.93 21.49 -3.56
C THR A 124 12.31 20.95 -2.18
N PRO A 125 11.48 20.05 -1.61
CA PRO A 125 11.84 19.40 -0.33
C PRO A 125 13.03 18.47 -0.48
N ARG A 126 12.95 17.56 -1.44
CA ARG A 126 14.01 16.64 -1.82
C ARG A 126 14.42 16.91 -3.27
N PRO A 127 15.67 16.61 -3.64
CA PRO A 127 16.12 16.91 -5.01
C PRO A 127 15.39 16.10 -6.06
N VAL A 128 15.13 16.75 -7.21
CA VAL A 128 14.45 16.15 -8.33
C VAL A 128 15.28 16.39 -9.58
N ASP A 129 14.84 15.81 -10.70
CA ASP A 129 15.62 15.85 -11.93
C ASP A 129 15.02 16.74 -13.01
N THR A 130 13.74 17.07 -12.93
CA THR A 130 13.10 17.86 -13.98
C THR A 130 12.04 18.75 -13.34
N ASP A 131 11.21 19.36 -14.19
CA ASP A 131 10.14 20.23 -13.72
C ASP A 131 8.81 19.49 -13.53
N ILE A 132 8.57 18.46 -14.34
CA ILE A 132 7.36 17.66 -14.20
C ILE A 132 7.36 16.91 -12.88
N GLU A 133 8.51 16.29 -12.54
CA GLU A 133 8.63 15.61 -11.25
C GLU A 133 8.60 16.58 -10.08
N ALA A 134 9.14 17.79 -10.27
CA ALA A 134 9.05 18.82 -9.24
C ALA A 134 7.60 19.24 -8.99
N ALA A 135 6.82 19.39 -10.06
CA ALA A 135 5.41 19.73 -9.91
C ALA A 135 4.61 18.60 -9.28
N VAL A 136 4.92 17.35 -9.64
CA VAL A 136 4.25 16.19 -9.06
C VAL A 136 4.54 16.10 -7.56
N GLN A 137 5.81 16.29 -7.19
CA GLN A 137 6.19 16.25 -5.78
C GLN A 137 5.63 17.43 -5.00
N ALA A 138 5.53 18.60 -5.64
CA ALA A 138 4.90 19.76 -5.01
C ALA A 138 3.43 19.50 -4.72
N MET A 139 2.71 18.93 -5.69
CA MET A 139 1.29 18.62 -5.49
C MET A 139 1.09 17.50 -4.48
N GLN A 140 2.00 16.52 -4.42
CA GLN A 140 1.84 15.45 -3.46
C GLN A 140 2.20 15.88 -2.04
N PHE A 141 3.14 16.82 -1.88
CA PHE A 141 3.40 17.36 -0.55
C PHE A 141 2.29 18.31 -0.11
N THR A 142 1.70 19.04 -1.06
CA THR A 142 0.50 19.82 -0.75
C THR A 142 -0.66 18.92 -0.34
N SER A 143 -0.81 17.78 -1.02
CA SER A 143 -1.86 16.83 -0.66
C SER A 143 -1.58 16.19 0.70
N LEU A 144 -0.31 16.02 1.07
CA LEU A 144 0.01 15.58 2.42
C LEU A 144 -0.37 16.63 3.45
N HIS A 145 -0.06 17.90 3.17
CA HIS A 145 -0.29 18.96 4.15
C HIS A 145 -1.76 19.33 4.31
N TRP A 146 -2.58 19.13 3.28
CA TRP A 146 -4.00 19.49 3.37
C TRP A 146 -4.91 18.30 3.10
N GLY A 147 -4.52 17.11 3.55
CA GLY A 147 -5.29 15.92 3.24
C GLY A 147 -5.85 15.18 4.44
N LEU A 148 -5.59 13.88 4.52
CA LEU A 148 -6.14 13.06 5.59
C LEU A 148 -5.44 13.32 6.92
N HIS A 149 -4.14 13.63 6.89
CA HIS A 149 -3.40 13.92 8.12
C HIS A 149 -3.88 15.20 8.78
N ALA A 150 -4.36 16.16 7.98
CA ALA A 150 -4.92 17.38 8.54
C ALA A 150 -6.20 17.09 9.30
N TRP A 151 -7.12 16.36 8.70
CA TRP A 151 -8.46 16.18 9.24
C TRP A 151 -8.59 15.03 10.23
N GLY A 152 -7.59 14.13 10.30
CA GLY A 152 -7.63 13.07 11.30
C GLY A 152 -7.51 13.58 12.72
N ILE A 153 -6.71 14.63 12.90
CA ILE A 153 -6.58 15.28 14.20
C ILE A 153 -7.90 15.91 14.63
N TYR A 154 -8.57 16.57 13.68
CA TYR A 154 -9.88 17.17 13.92
C TYR A 154 -10.91 16.09 14.25
N ALA A 155 -10.82 14.96 13.54
CA ALA A 155 -11.73 13.85 13.76
C ALA A 155 -11.58 13.24 15.15
N MET A 156 -10.33 13.02 15.58
CA MET A 156 -10.13 12.48 16.92
C MET A 156 -10.51 13.44 18.03
N VAL A 157 -10.23 14.74 17.88
CA VAL A 157 -10.59 15.66 18.95
C VAL A 157 -12.11 15.83 19.02
N GLY A 158 -12.78 15.93 17.87
CA GLY A 158 -14.23 15.99 17.86
C GLY A 158 -14.89 14.72 18.36
N LEU A 159 -14.34 13.56 18.01
CA LEU A 159 -14.88 12.28 18.46
C LEU A 159 -14.71 12.09 19.95
N ALA A 160 -13.52 12.41 20.49
CA ALA A 160 -13.29 12.28 21.92
C ALA A 160 -14.15 13.24 22.71
N LEU A 161 -14.27 14.50 22.25
CA LEU A 161 -15.08 15.47 22.99
C LEU A 161 -16.57 15.15 22.90
N ALA A 162 -17.05 14.68 21.73
CA ALA A 162 -18.45 14.31 21.60
C ALA A 162 -18.79 13.07 22.43
N PHE A 163 -17.91 12.07 22.43
CA PHE A 163 -18.17 10.86 23.19
C PHE A 163 -18.09 11.11 24.69
N PHE A 164 -17.15 11.93 25.14
CA PHE A 164 -17.02 12.19 26.57
C PHE A 164 -17.90 13.33 27.04
N GLY A 165 -18.63 14.00 26.15
CA GLY A 165 -19.59 15.00 26.59
C GLY A 165 -21.04 14.67 26.33
N PHE A 166 -21.30 13.62 25.55
CA PHE A 166 -22.67 13.18 25.29
C PHE A 166 -22.98 11.84 25.93
N ASN A 167 -22.14 10.83 25.73
CA ASN A 167 -22.39 9.53 26.33
C ASN A 167 -22.08 9.51 27.82
N ARG A 168 -21.08 10.26 28.27
CA ARG A 168 -20.68 10.28 29.66
C ARG A 168 -21.34 11.40 30.47
N LYS A 169 -22.14 12.26 29.81
CA LYS A 169 -22.89 13.36 30.44
C LYS A 169 -21.99 14.32 31.20
N LEU A 170 -20.82 14.61 30.63
CA LEU A 170 -19.85 15.53 31.20
C LEU A 170 -19.81 16.81 30.37
N PRO A 171 -19.35 17.94 30.94
CA PRO A 171 -19.08 19.12 30.12
C PRO A 171 -17.99 18.86 29.10
N MET A 172 -18.14 19.42 27.91
CA MET A 172 -17.19 19.21 26.82
C MET A 172 -16.02 20.17 27.00
N THR A 173 -15.09 19.75 27.85
CA THR A 173 -13.89 20.50 28.15
C THR A 173 -12.74 19.50 28.13
N PHE A 174 -11.52 20.00 27.85
CA PHE A 174 -10.37 19.11 27.79
C PHE A 174 -9.96 18.61 29.19
N ARG A 175 -10.43 19.30 30.24
CA ARG A 175 -10.23 18.81 31.60
C ARG A 175 -11.00 17.52 31.83
N SER A 176 -12.22 17.44 31.33
CA SER A 176 -13.05 16.24 31.47
C SER A 176 -12.77 15.19 30.41
N LEU A 177 -11.84 15.46 29.48
CA LEU A 177 -11.54 14.53 28.41
C LEU A 177 -10.65 13.38 28.85
N PHE A 178 -10.03 13.48 30.03
CA PHE A 178 -9.20 12.43 30.58
C PHE A 178 -9.88 11.70 31.74
N TYR A 179 -11.21 11.68 31.76
CA TYR A 179 -12.03 11.07 32.81
C TYR A 179 -11.82 9.57 33.04
N PRO A 180 -11.64 8.70 32.02
CA PRO A 180 -11.29 7.30 32.37
C PRO A 180 -9.84 7.13 32.81
N PHE A 181 -8.92 7.95 32.34
CA PHE A 181 -7.50 7.80 32.63
C PHE A 181 -7.16 8.21 34.07
N TRP A 182 -7.96 9.09 34.66
CA TRP A 182 -7.79 9.55 36.04
C TRP A 182 -9.10 9.32 36.79
N GLY A 183 -9.22 9.89 37.98
CA GLY A 183 -10.46 9.85 38.73
C GLY A 183 -11.15 11.20 38.74
N GLU A 184 -11.50 11.68 39.93
CA GLU A 184 -11.98 13.05 40.11
C GLU A 184 -10.86 14.03 40.46
N ARG A 185 -9.62 13.67 40.12
CA ARG A 185 -8.46 14.49 40.44
C ARG A 185 -8.18 15.56 39.39
N ILE A 186 -9.01 15.64 38.35
CA ILE A 186 -8.85 16.61 37.27
C ILE A 186 -9.07 18.03 37.79
N HIS A 187 -9.97 18.18 38.77
CA HIS A 187 -10.25 19.49 39.33
C HIS A 187 -9.16 19.98 40.28
N GLY A 188 -8.28 19.10 40.74
CA GLY A 188 -7.26 19.49 41.71
C GLY A 188 -5.92 19.87 41.12
N TRP A 189 -5.90 20.92 40.28
CA TRP A 189 -4.73 21.61 39.72
C TRP A 189 -3.94 20.77 38.71
N TRP A 190 -4.28 19.50 38.51
CA TRP A 190 -3.51 18.66 37.61
C TRP A 190 -4.20 18.51 36.26
N GLY A 191 -5.49 18.81 36.19
CA GLY A 191 -6.18 18.95 34.93
C GLY A 191 -6.39 20.39 34.55
N HIS A 192 -6.00 21.31 35.45
CA HIS A 192 -6.08 22.73 35.14
C HIS A 192 -5.03 23.15 34.13
N ILE A 193 -3.86 22.50 34.15
CA ILE A 193 -2.80 22.78 33.17
C ILE A 193 -3.25 22.37 31.77
N ILE A 194 -4.06 21.31 31.67
CA ILE A 194 -4.62 20.88 30.40
C ILE A 194 -5.54 21.96 29.83
N ASP A 195 -6.38 22.56 30.67
CA ASP A 195 -7.26 23.63 30.22
C ASP A 195 -6.48 24.91 29.91
N ILE A 196 -5.37 25.13 30.64
CA ILE A 196 -4.46 26.25 30.35
C ILE A 196 -3.90 26.11 28.94
N LEU A 197 -3.40 24.91 28.63
CA LEU A 197 -2.82 24.66 27.31
C LEU A 197 -3.88 24.65 26.22
N SER A 198 -5.11 24.22 26.54
CA SER A 198 -6.17 24.21 25.55
C SER A 198 -6.63 25.62 25.19
N ALA A 199 -6.82 26.47 26.20
CA ALA A 199 -7.18 27.87 25.95
C ALA A 199 -6.05 28.60 25.23
N LEU A 200 -4.79 28.34 25.62
CA LEU A 200 -3.65 28.95 24.94
C LEU A 200 -3.53 28.47 23.51
N ALA A 201 -3.81 27.18 23.25
CA ALA A 201 -3.74 26.63 21.90
C ALA A 201 -4.81 27.26 21.01
N THR A 202 -6.04 27.39 21.53
CA THR A 202 -7.11 28.01 20.76
C THR A 202 -6.81 29.47 20.45
N VAL A 203 -6.38 30.23 21.47
CA VAL A 203 -6.13 31.66 21.30
C VAL A 203 -4.94 31.91 20.38
N PHE A 204 -3.87 31.13 20.54
CA PHE A 204 -2.66 31.35 19.75
C PHE A 204 -2.84 30.87 18.31
N GLY A 205 -3.57 29.76 18.10
CA GLY A 205 -3.86 29.34 16.74
C GLY A 205 -4.77 30.31 16.01
N LEU A 206 -5.78 30.85 16.71
CA LEU A 206 -6.63 31.84 16.09
C LEU A 206 -5.90 33.14 15.83
N SER A 207 -4.94 33.50 16.69
CA SER A 207 -4.11 34.67 16.43
C SER A 207 -3.19 34.44 15.23
N THR A 208 -2.69 33.22 15.06
CA THR A 208 -1.89 32.89 13.88
C THR A 208 -2.73 32.98 12.61
N SER A 209 -3.97 32.47 12.64
CA SER A 209 -4.85 32.52 11.49
C SER A 209 -5.27 33.97 11.17
N LEU A 210 -5.51 34.77 12.22
CA LEU A 210 -5.84 36.17 12.04
C LEU A 210 -4.66 36.95 11.46
N GLY A 211 -3.44 36.67 11.95
CA GLY A 211 -2.26 37.32 11.41
C GLY A 211 -1.98 36.93 9.97
N LEU A 212 -2.26 35.68 9.61
CA LEU A 212 -2.12 35.27 8.21
C LEU A 212 -3.16 35.93 7.33
N GLY A 213 -4.41 36.02 7.79
CA GLY A 213 -5.47 36.65 7.01
C GLY A 213 -5.30 38.16 6.88
N VAL A 214 -4.57 38.79 7.79
CA VAL A 214 -4.29 40.22 7.69
C VAL A 214 -2.93 40.49 7.03
N ILE A 215 -2.02 39.53 7.02
CA ILE A 215 -0.89 39.57 6.09
C ILE A 215 -1.38 39.49 4.65
N GLN A 216 -2.40 38.65 4.41
CA GLN A 216 -3.16 38.70 3.17
C GLN A 216 -4.20 39.83 3.25
N ILE A 217 -5.19 39.81 2.35
CA ILE A 217 -6.23 40.82 2.17
C ILE A 217 -5.63 42.18 1.82
N THR A 218 -4.88 42.79 2.74
CA THR A 218 -4.30 44.09 2.43
C THR A 218 -3.12 43.99 1.48
N ALA A 219 -2.49 42.82 1.35
CA ALA A 219 -1.52 42.61 0.29
C ALA A 219 -2.20 42.63 -1.07
N GLY A 220 -3.38 42.03 -1.17
CA GLY A 220 -4.18 42.16 -2.37
C GLY A 220 -4.69 43.58 -2.61
N LEU A 221 -4.97 44.31 -1.53
CA LEU A 221 -5.32 45.72 -1.65
C LEU A 221 -4.17 46.53 -2.23
N GLU A 222 -2.94 46.27 -1.76
CA GLU A 222 -1.74 46.89 -2.33
C GLU A 222 -1.54 46.50 -3.78
N TYR A 223 -1.78 45.23 -4.12
CA TYR A 223 -1.60 44.79 -5.51
C TYR A 223 -2.67 45.36 -6.43
N LEU A 224 -3.88 45.60 -5.91
CA LEU A 224 -4.97 46.09 -6.74
C LEU A 224 -4.90 47.59 -6.93
N TYR A 225 -4.74 48.34 -5.84
CA TYR A 225 -4.92 49.79 -5.86
C TYR A 225 -3.62 50.57 -5.69
N GLY A 226 -2.52 49.91 -5.37
CA GLY A 226 -1.26 50.61 -5.14
C GLY A 226 -1.25 51.47 -3.89
N TRP A 227 -1.92 51.01 -2.84
CA TRP A 227 -2.02 51.77 -1.59
C TRP A 227 -0.74 51.64 -0.78
N GLU A 228 -0.59 52.52 0.22
CA GLU A 228 0.35 52.31 1.31
C GLU A 228 -0.52 52.13 2.57
N ILE A 229 -0.25 51.04 3.30
CA ILE A 229 -1.16 50.63 4.35
C ILE A 229 -0.42 50.42 5.67
N SER A 230 0.75 49.78 5.61
CA SER A 230 1.48 49.38 6.79
C SER A 230 2.16 50.59 7.44
N PRO A 231 2.41 50.54 8.76
CA PRO A 231 1.91 49.57 9.76
C PRO A 231 0.66 50.02 10.51
N MET A 232 0.39 51.33 10.54
CA MET A 232 -0.57 51.91 11.48
C MET A 232 -2.01 51.59 11.11
N MET A 233 -2.36 51.67 9.83
CA MET A 233 -3.73 51.38 9.42
C MET A 233 -3.99 49.88 9.29
N GLN A 234 -2.93 49.07 9.40
CA GLN A 234 -3.10 47.61 9.42
C GLN A 234 -3.85 47.16 10.66
N ALA A 235 -3.59 47.81 11.80
CA ALA A 235 -4.32 47.51 13.03
C ALA A 235 -5.78 47.94 12.97
N GLY A 236 -6.11 48.91 12.12
CA GLY A 236 -7.50 49.30 11.93
C GLY A 236 -8.34 48.21 11.31
N ILE A 237 -7.76 47.43 10.40
CA ILE A 237 -8.45 46.28 9.81
C ILE A 237 -8.77 45.25 10.88
N ILE A 238 -7.79 45.00 11.78
CA ILE A 238 -7.97 44.11 12.93
C ILE A 238 -9.10 44.60 13.83
N LEU A 239 -9.08 45.89 14.18
CA LEU A 239 -10.07 46.43 15.10
C LEU A 239 -11.47 46.42 14.49
N PHE A 240 -11.59 46.75 13.21
CA PHE A 240 -12.86 46.70 12.50
C PHE A 240 -13.40 45.27 12.38
N VAL A 241 -12.55 44.29 12.03
CA VAL A 241 -13.02 42.93 11.87
C VAL A 241 -13.24 42.22 13.20
N ILE A 242 -12.68 42.74 14.29
CA ILE A 242 -13.03 42.24 15.61
C ILE A 242 -14.32 42.88 16.10
N GLY A 243 -14.55 44.15 15.73
CA GLY A 243 -15.81 44.80 16.07
C GLY A 243 -17.01 44.19 15.39
N ILE A 244 -16.88 43.84 14.10
CA ILE A 244 -17.98 43.17 13.40
C ILE A 244 -18.19 41.76 13.94
N ALA A 245 -17.09 41.08 14.34
CA ALA A 245 -17.21 39.77 14.95
C ALA A 245 -17.93 39.83 16.30
N THR A 246 -17.64 40.85 17.11
CA THR A 246 -18.35 41.01 18.38
C THR A 246 -19.77 41.50 18.17
N ILE A 247 -20.05 42.17 17.05
CA ILE A 247 -21.43 42.46 16.68
C ILE A 247 -22.17 41.16 16.38
N SER A 248 -21.51 40.24 15.66
CA SER A 248 -22.09 38.92 15.41
C SER A 248 -22.23 38.10 16.69
N VAL A 249 -21.39 38.37 17.70
CA VAL A 249 -21.60 37.80 19.03
C VAL A 249 -22.88 38.35 19.65
N PHE A 250 -23.13 39.65 19.48
CA PHE A 250 -24.22 40.34 20.15
C PHE A 250 -25.58 39.89 19.62
N SER A 251 -26.62 40.26 20.36
CA SER A 251 -27.98 39.83 20.07
C SER A 251 -28.62 40.67 18.96
N GLY A 252 -29.93 40.51 18.77
CA GLY A 252 -30.62 41.14 17.66
C GLY A 252 -30.64 40.24 16.45
N LEU A 253 -29.46 39.96 15.90
CA LEU A 253 -29.29 38.97 14.85
C LEU A 253 -28.15 38.04 15.23
N ASP A 254 -28.33 36.76 14.98
CA ASP A 254 -27.32 35.75 15.32
C ASP A 254 -26.47 35.42 14.09
N LYS A 255 -25.76 36.43 13.60
CA LYS A 255 -24.88 36.25 12.45
C LYS A 255 -23.61 35.50 12.85
N GLY A 256 -22.99 34.88 11.86
CA GLY A 256 -21.77 34.14 12.10
C GLY A 256 -21.97 32.76 12.71
N VAL A 257 -23.20 32.28 12.80
CA VAL A 257 -23.50 30.98 13.40
C VAL A 257 -23.98 29.99 12.35
N LYS A 258 -25.10 30.29 11.69
CA LYS A 258 -25.70 29.36 10.73
C LYS A 258 -25.78 29.92 9.32
N ILE A 259 -26.31 31.13 9.16
CA ILE A 259 -26.49 31.69 7.81
C ILE A 259 -25.16 32.13 7.20
N LEU A 260 -24.26 32.70 8.00
CA LEU A 260 -22.94 33.08 7.52
C LEU A 260 -21.99 31.90 7.50
N SER A 261 -22.40 30.74 8.01
CA SER A 261 -21.65 29.51 7.86
C SER A 261 -22.12 28.69 6.66
N ASN A 262 -23.21 29.08 6.01
CA ASN A 262 -23.72 28.40 4.83
C ASN A 262 -23.58 29.23 3.56
N ALA A 263 -23.90 30.53 3.62
CA ALA A 263 -23.72 31.39 2.46
C ALA A 263 -22.26 31.58 2.12
N ASN A 264 -21.39 31.58 3.12
CA ASN A 264 -19.95 31.64 2.88
C ASN A 264 -19.44 30.39 2.18
N MET A 265 -19.95 29.22 2.57
CA MET A 265 -19.58 27.98 1.88
C MET A 265 -20.12 27.97 0.45
N TYR A 266 -21.31 28.54 0.25
CA TYR A 266 -21.87 28.64 -1.10
C TYR A 266 -21.03 29.54 -2.00
N ILE A 267 -20.61 30.71 -1.49
CA ILE A 267 -19.81 31.59 -2.33
C ILE A 267 -18.37 31.08 -2.48
N ALA A 268 -17.86 30.30 -1.51
CA ALA A 268 -16.54 29.68 -1.68
C ALA A 268 -16.59 28.58 -2.73
N ALA A 269 -17.67 27.80 -2.75
CA ALA A 269 -17.84 26.79 -3.78
C ALA A 269 -18.05 27.42 -5.15
N SER A 270 -18.74 28.56 -5.19
CA SER A 270 -18.91 29.29 -6.45
C SER A 270 -17.58 29.85 -6.94
N PHE A 271 -16.73 30.33 -6.03
CA PHE A 271 -15.40 30.79 -6.39
C PHE A 271 -14.53 29.65 -6.93
N MET A 272 -14.59 28.49 -6.27
CA MET A 272 -13.83 27.33 -6.72
C MET A 272 -14.32 26.84 -8.08
N LEU A 273 -15.64 26.84 -8.29
CA LEU A 273 -16.20 26.44 -9.57
C LEU A 273 -15.88 27.44 -10.67
N LEU A 274 -15.80 28.73 -10.34
CA LEU A 274 -15.43 29.73 -11.33
C LEU A 274 -13.97 29.60 -11.75
N ILE A 275 -13.08 29.32 -10.80
CA ILE A 275 -11.67 29.07 -11.15
C ILE A 275 -11.55 27.76 -11.92
N PHE A 276 -12.36 26.76 -11.57
CA PHE A 276 -12.35 25.48 -12.29
C PHE A 276 -12.82 25.62 -13.72
N ILE A 277 -13.87 26.41 -13.96
CA ILE A 277 -14.42 26.56 -15.30
C ILE A 277 -13.53 27.48 -16.14
N LEU A 278 -13.18 28.65 -15.62
CA LEU A 278 -12.43 29.63 -16.39
C LEU A 278 -10.97 29.24 -16.57
N GLY A 279 -10.46 28.31 -15.77
CA GLY A 279 -9.10 27.83 -15.92
C GLY A 279 -9.01 26.61 -16.80
N PRO A 280 -7.86 25.93 -16.79
CA PRO A 280 -7.72 24.71 -17.57
C PRO A 280 -8.44 23.52 -16.94
N THR A 281 -9.73 23.38 -17.23
CA THR A 281 -10.59 22.42 -16.55
C THR A 281 -10.20 20.96 -16.81
N LEU A 282 -9.73 20.65 -18.02
CA LEU A 282 -9.30 19.30 -18.32
C LEU A 282 -8.02 18.96 -17.57
N PHE A 283 -7.07 19.90 -17.54
CA PHE A 283 -5.85 19.72 -16.76
C PHE A 283 -6.16 19.60 -15.27
N ILE A 284 -7.13 20.40 -14.79
CA ILE A 284 -7.49 20.37 -13.38
C ILE A 284 -8.11 19.02 -13.00
N MET A 285 -9.00 18.49 -13.84
CA MET A 285 -9.63 17.20 -13.55
C MET A 285 -8.62 16.05 -13.62
N LYS A 286 -7.79 16.03 -14.67
CA LYS A 286 -6.80 14.96 -14.82
C LYS A 286 -5.74 15.04 -13.73
N GLY A 287 -5.29 16.25 -13.39
CA GLY A 287 -4.36 16.41 -12.30
C GLY A 287 -4.96 16.10 -10.94
N TYR A 288 -6.26 16.32 -10.78
CA TYR A 288 -6.92 15.97 -9.53
C TYR A 288 -6.93 14.46 -9.33
N VAL A 289 -7.30 13.71 -10.38
CA VAL A 289 -7.32 12.26 -10.30
C VAL A 289 -5.91 11.69 -10.11
N GLU A 290 -4.95 12.21 -10.90
CA GLU A 290 -3.58 11.70 -10.84
C GLU A 290 -2.90 12.05 -9.52
N ASN A 291 -3.10 13.27 -9.01
CA ASN A 291 -2.45 13.68 -7.79
C ASN A 291 -3.09 13.05 -6.56
N THR A 292 -4.41 12.82 -6.58
CA THR A 292 -5.03 12.08 -5.48
C THR A 292 -4.55 10.63 -5.47
N GLY A 293 -4.43 10.00 -6.63
CA GLY A 293 -3.91 8.65 -6.68
C GLY A 293 -2.44 8.54 -6.30
N ALA A 294 -1.63 9.52 -6.68
CA ALA A 294 -0.22 9.52 -6.32
C ALA A 294 -0.01 9.86 -4.85
N TYR A 295 -0.89 10.67 -4.28
CA TYR A 295 -0.84 10.94 -2.85
C TYR A 295 -1.27 9.73 -2.04
N LEU A 296 -2.23 8.95 -2.54
CA LEU A 296 -2.59 7.71 -1.86
C LEU A 296 -1.53 6.63 -2.04
N ALA A 297 -0.84 6.64 -3.19
CA ALA A 297 0.16 5.60 -3.44
C ALA A 297 1.43 5.82 -2.64
N ASN A 298 1.89 7.07 -2.54
CA ASN A 298 3.11 7.42 -1.81
C ASN A 298 2.77 7.98 -0.43
N PHE A 299 1.73 7.41 0.20
CA PHE A 299 1.21 7.97 1.45
C PHE A 299 2.19 7.76 2.61
N ILE A 300 2.67 6.53 2.79
CA ILE A 300 3.55 6.25 3.92
C ILE A 300 4.95 6.79 3.69
N ASP A 301 5.33 6.99 2.42
CA ASP A 301 6.67 7.52 2.13
C ASP A 301 6.76 9.00 2.47
N ILE A 302 5.69 9.77 2.23
CA ILE A 302 5.71 11.20 2.53
C ILE A 302 5.11 11.51 3.89
N SER A 303 4.39 10.58 4.52
CA SER A 303 3.81 10.83 5.83
C SER A 303 4.86 10.76 6.94
N THR A 304 5.79 9.82 6.83
CA THR A 304 6.81 9.59 7.83
C THR A 304 8.17 10.17 7.44
N TRP A 305 8.20 11.00 6.41
CA TRP A 305 9.45 11.59 5.95
C TRP A 305 9.91 12.67 6.93
N ASN A 306 11.13 12.51 7.45
CA ASN A 306 11.64 13.41 8.48
C ASN A 306 12.81 14.25 8.01
N ASP A 307 13.26 14.09 6.75
CA ASP A 307 14.37 14.84 6.14
C ASP A 307 15.65 14.69 6.94
N THR A 308 15.91 13.46 7.43
CA THR A 308 17.02 13.26 8.34
C THR A 308 18.38 13.25 7.65
N TYR A 309 18.45 12.70 6.44
CA TYR A 309 19.74 12.56 5.78
C TYR A 309 20.22 13.89 5.19
N LEU A 310 19.32 14.63 4.54
CA LEU A 310 19.69 15.94 4.00
C LEU A 310 19.88 16.96 5.11
N GLY A 311 18.93 17.03 6.04
CA GLY A 311 18.95 18.04 7.09
C GLY A 311 18.83 19.46 6.59
N SER A 312 18.07 19.66 5.51
CA SER A 312 17.97 20.98 4.89
C SER A 312 17.10 21.94 5.68
N GLY A 313 16.23 21.43 6.55
CA GLY A 313 15.35 22.29 7.30
C GLY A 313 14.16 22.80 6.52
N TRP A 314 13.81 22.15 5.41
CA TRP A 314 12.59 22.51 4.69
C TRP A 314 11.35 22.19 5.50
N GLN A 315 11.36 21.06 6.20
CA GLN A 315 10.20 20.64 7.00
C GLN A 315 9.94 21.59 8.16
N ASN A 316 10.99 22.28 8.63
CA ASN A 316 10.93 23.10 9.83
C ASN A 316 10.02 24.31 9.67
N VAL A 317 9.79 24.77 8.44
CA VAL A 317 8.95 25.92 8.18
C VAL A 317 7.63 25.53 7.52
N TRP A 318 7.50 24.34 6.95
CA TRP A 318 6.28 23.93 6.29
C TRP A 318 5.57 22.81 7.03
N THR A 319 6.21 21.65 7.17
CA THR A 319 5.49 20.43 7.55
C THR A 319 5.20 20.40 9.04
N ILE A 320 6.22 20.64 9.85
CA ILE A 320 6.06 20.62 11.30
C ILE A 320 5.26 21.84 11.75
N PHE A 321 5.39 22.96 11.04
CA PHE A 321 4.54 24.12 11.30
C PHE A 321 3.07 23.80 11.01
N TYR A 322 2.80 23.08 9.92
CA TYR A 322 1.42 22.71 9.61
C TYR A 322 0.85 21.75 10.65
N TRP A 323 1.65 20.78 11.10
CA TRP A 323 1.17 19.84 12.11
C TRP A 323 0.95 20.54 13.45
N ALA A 324 1.84 21.45 13.84
CA ALA A 324 1.63 22.23 15.05
C ALA A 324 0.43 23.18 14.92
N TRP A 325 0.15 23.65 13.71
CA TRP A 325 -1.02 24.49 13.47
C TRP A 325 -2.31 23.69 13.59
N TRP A 326 -2.33 22.46 13.06
CA TRP A 326 -3.51 21.62 13.18
C TRP A 326 -3.73 21.18 14.62
N ILE A 327 -2.66 20.79 15.30
CA ILE A 327 -2.75 20.31 16.67
C ILE A 327 -3.06 21.47 17.63
N ALA A 328 -2.65 22.69 17.28
CA ALA A 328 -3.03 23.86 18.06
C ALA A 328 -4.46 24.34 17.80
N TRP A 329 -5.02 24.04 16.63
CA TRP A 329 -6.43 24.32 16.36
C TRP A 329 -7.34 23.17 16.73
N SER A 330 -6.82 22.14 17.39
CA SER A 330 -7.62 21.00 17.81
C SER A 330 -8.77 21.33 18.78
N PRO A 331 -8.58 22.07 19.89
CA PRO A 331 -9.72 22.21 20.82
C PRO A 331 -10.85 23.06 20.28
N PHE A 332 -10.54 24.05 19.44
CA PHE A 332 -11.50 24.96 18.83
C PHE A 332 -12.50 24.20 17.94
N VAL A 333 -12.02 23.63 16.84
CA VAL A 333 -12.95 22.96 15.93
C VAL A 333 -13.38 21.61 16.51
N GLY A 334 -12.57 20.99 17.36
CA GLY A 334 -12.99 19.76 18.02
C GLY A 334 -14.18 19.96 18.95
N SER A 335 -14.14 21.02 19.76
CA SER A 335 -15.26 21.32 20.65
C SER A 335 -16.47 21.80 19.87
N PHE A 336 -16.27 22.57 18.78
CA PHE A 336 -17.43 23.02 18.02
C PHE A 336 -18.10 21.88 17.27
N ILE A 337 -17.32 20.97 16.68
CA ILE A 337 -17.89 19.80 16.02
C ILE A 337 -18.55 18.87 17.04
N ALA A 338 -17.99 18.78 18.26
CA ALA A 338 -18.65 18.04 19.33
C ALA A 338 -19.97 18.68 19.76
N ARG A 339 -20.07 20.01 19.74
CA ARG A 339 -21.38 20.64 19.84
C ARG A 339 -22.28 20.30 18.65
N ILE A 340 -21.70 20.10 17.47
CA ILE A 340 -22.48 19.99 16.25
C ILE A 340 -23.10 18.59 16.13
N SER A 341 -22.29 17.54 16.23
CA SER A 341 -22.74 16.18 15.92
C SER A 341 -23.30 15.54 17.19
N LYS A 342 -24.62 15.41 17.24
CA LYS A 342 -25.30 14.90 18.42
C LYS A 342 -25.62 13.41 18.34
N GLY A 343 -26.14 12.95 17.20
CA GLY A 343 -26.53 11.55 17.08
C GLY A 343 -25.85 10.81 15.95
N ARG A 344 -24.65 11.22 15.59
CA ARG A 344 -23.93 10.56 14.50
C ARG A 344 -23.35 9.23 14.97
N THR A 345 -23.36 8.24 14.08
CA THR A 345 -22.61 7.02 14.30
C THR A 345 -21.12 7.34 14.24
N VAL A 346 -20.33 6.64 15.07
CA VAL A 346 -18.91 6.95 15.22
C VAL A 346 -18.15 6.72 13.91
N LYS A 347 -18.43 5.61 13.23
CA LYS A 347 -17.84 5.35 11.91
C LYS A 347 -18.30 6.39 10.89
N GLU A 348 -19.59 6.72 10.91
CA GLU A 348 -20.13 7.75 10.02
C GLU A 348 -19.54 9.12 10.34
N PHE A 349 -19.32 9.40 11.64
CA PHE A 349 -18.71 10.66 12.06
C PHE A 349 -17.28 10.79 11.55
N VAL A 350 -16.47 9.75 11.76
CA VAL A 350 -15.07 9.80 11.35
C VAL A 350 -14.96 9.85 9.83
N LEU A 351 -15.83 9.11 9.12
CA LEU A 351 -15.84 9.16 7.66
C LEU A 351 -16.22 10.55 7.15
N GLY A 352 -17.32 11.12 7.66
CA GLY A 352 -17.76 12.42 7.20
C GLY A 352 -16.97 13.60 7.72
N VAL A 353 -16.03 13.39 8.63
CA VAL A 353 -15.19 14.51 9.06
C VAL A 353 -13.82 14.36 8.41
N LEU A 354 -13.39 13.13 8.16
CA LEU A 354 -12.06 12.87 7.60
C LEU A 354 -12.05 12.83 6.07
N ILE A 355 -12.87 11.96 5.47
CA ILE A 355 -12.73 11.67 4.05
C ILE A 355 -13.31 12.79 3.19
N VAL A 356 -14.57 13.15 3.43
CA VAL A 356 -15.26 14.12 2.57
C VAL A 356 -14.67 15.54 2.69
N PRO A 357 -14.42 16.12 3.88
CA PRO A 357 -13.72 17.41 3.90
C PRO A 357 -12.28 17.32 3.43
N GLY A 358 -11.61 16.19 3.66
CA GLY A 358 -10.28 16.00 3.11
C GLY A 358 -10.27 15.95 1.60
N LEU A 359 -11.26 15.27 1.01
CA LEU A 359 -11.36 15.21 -0.44
C LEU A 359 -11.73 16.57 -1.03
N ILE A 360 -12.57 17.33 -0.33
CA ILE A 360 -12.96 18.67 -0.81
C ILE A 360 -11.77 19.63 -0.72
N THR A 361 -10.98 19.53 0.36
CA THR A 361 -9.77 20.36 0.49
C THR A 361 -8.73 19.98 -0.56
N LEU A 362 -8.61 18.68 -0.87
CA LEU A 362 -7.73 18.27 -1.95
C LEU A 362 -8.23 18.74 -3.30
N LEU A 363 -9.55 18.82 -3.48
CA LEU A 363 -10.12 19.39 -4.71
C LEU A 363 -9.79 20.87 -4.84
N TRP A 364 -9.87 21.62 -3.73
CA TRP A 364 -9.49 23.03 -3.76
C TRP A 364 -8.00 23.19 -4.05
N MET A 365 -7.17 22.35 -3.42
CA MET A 365 -5.73 22.34 -3.69
C MET A 365 -5.43 22.05 -5.15
N ASN A 366 -6.14 21.09 -5.75
CA ASN A 366 -5.89 20.76 -7.14
C ASN A 366 -6.36 21.88 -8.07
N VAL A 367 -7.56 22.43 -7.80
CA VAL A 367 -8.15 23.49 -8.62
C VAL A 367 -7.27 24.73 -8.65
N PHE A 368 -6.69 25.10 -7.51
CA PHE A 368 -5.83 26.27 -7.53
C PHE A 368 -4.38 25.96 -7.87
N GLY A 369 -3.75 25.03 -7.12
CA GLY A 369 -2.34 24.76 -7.30
C GLY A 369 -2.00 24.09 -8.62
N GLY A 370 -2.84 23.15 -9.09
CA GLY A 370 -2.56 22.52 -10.37
C GLY A 370 -2.71 23.47 -11.54
N SER A 371 -3.66 24.41 -11.45
CA SER A 371 -3.76 25.45 -12.47
C SER A 371 -2.57 26.40 -12.42
N ALA A 372 -2.10 26.74 -11.21
CA ALA A 372 -0.90 27.56 -11.09
C ALA A 372 0.33 26.84 -11.63
N LEU A 373 0.44 25.54 -11.38
CA LEU A 373 1.56 24.77 -11.90
C LEU A 373 1.46 24.57 -13.41
N HIS A 374 0.23 24.53 -13.95
CA HIS A 374 0.05 24.50 -15.40
C HIS A 374 0.50 25.80 -16.03
N THR A 375 0.18 26.93 -15.39
CA THR A 375 0.65 28.23 -15.88
C THR A 375 2.16 28.36 -15.76
N ILE A 376 2.76 27.78 -14.72
CA ILE A 376 4.21 27.82 -14.57
C ILE A 376 4.89 26.94 -15.62
N LEU A 377 4.38 25.72 -15.81
CA LEU A 377 4.95 24.78 -16.77
C LEU A 377 4.68 25.19 -18.21
N SER A 378 3.70 26.07 -18.44
CA SER A 378 3.50 26.61 -19.79
C SER A 378 4.62 27.58 -20.16
N GLY A 379 5.26 28.20 -19.17
CA GLY A 379 6.35 29.12 -19.43
C GLY A 379 6.27 30.40 -18.62
N ASP A 380 5.08 30.72 -18.13
CA ASP A 380 4.86 31.95 -17.37
C ASP A 380 5.43 31.78 -15.97
N VAL A 381 6.53 32.48 -15.68
CA VAL A 381 7.22 32.34 -14.42
C VAL A 381 7.07 33.60 -13.58
N THR A 382 5.98 34.33 -13.78
CA THR A 382 5.73 35.53 -12.98
C THR A 382 5.30 35.17 -11.56
N MET A 383 4.58 34.06 -11.40
CA MET A 383 4.19 33.61 -10.07
C MET A 383 5.39 33.17 -9.24
N ILE A 384 6.43 32.64 -9.90
CA ILE A 384 7.66 32.24 -9.21
C ILE A 384 8.35 33.46 -8.60
N ALA A 385 8.49 34.53 -9.39
CA ALA A 385 9.10 35.75 -8.89
C ALA A 385 8.20 36.45 -7.87
N ALA A 386 6.87 36.35 -8.02
CA ALA A 386 5.96 36.92 -7.05
C ALA A 386 6.05 36.22 -5.71
N VAL A 387 6.14 34.88 -5.71
CA VAL A 387 6.29 34.12 -4.47
C VAL A 387 7.66 34.38 -3.85
N LYS A 388 8.70 34.50 -4.69
CA LYS A 388 10.03 34.83 -4.20
C LYS A 388 10.11 36.23 -3.61
N ALA A 389 9.24 37.14 -4.07
CA ALA A 389 9.14 38.45 -3.44
C ALA A 389 8.46 38.35 -2.08
N ASP A 390 7.19 37.92 -2.08
CA ASP A 390 6.45 37.71 -0.84
C ASP A 390 5.31 36.74 -1.14
N VAL A 391 5.09 35.78 -0.23
CA VAL A 391 4.07 34.75 -0.43
C VAL A 391 2.65 35.26 -0.17
N SER A 392 2.50 36.52 0.21
CA SER A 392 1.17 37.05 0.52
C SER A 392 0.35 37.33 -0.72
N THR A 393 1.00 37.67 -1.84
CA THR A 393 0.31 38.13 -3.04
C THR A 393 0.19 37.05 -4.11
N ALA A 394 0.41 35.78 -3.76
CA ALA A 394 0.43 34.71 -4.74
C ALA A 394 -0.94 34.48 -5.36
N LEU A 395 -2.00 34.52 -4.55
CA LEU A 395 -3.36 34.33 -5.05
C LEU A 395 -3.76 35.45 -6.00
N PHE A 396 -3.37 36.68 -5.69
CA PHE A 396 -3.76 37.82 -6.52
C PHE A 396 -2.94 37.86 -7.81
N VAL A 397 -1.67 37.45 -7.75
CA VAL A 397 -0.88 37.32 -8.98
C VAL A 397 -1.44 36.20 -9.86
N PHE A 398 -1.93 35.11 -9.24
CA PHE A 398 -2.60 34.07 -9.98
C PHE A 398 -3.92 34.56 -10.60
N LEU A 399 -4.64 35.43 -9.89
CA LEU A 399 -5.89 35.96 -10.42
C LEU A 399 -5.68 37.08 -11.43
N GLU A 400 -4.44 37.58 -11.57
CA GLU A 400 -4.16 38.65 -12.53
C GLU A 400 -4.38 38.20 -13.97
N ASN A 401 -3.99 36.98 -14.32
CA ASN A 401 -4.12 36.52 -15.70
C ASN A 401 -5.43 35.80 -15.97
N PHE A 402 -6.40 35.89 -15.06
CA PHE A 402 -7.75 35.39 -15.21
C PHE A 402 -8.69 36.48 -15.70
N PRO A 403 -9.74 36.12 -16.43
CA PRO A 403 -10.78 37.11 -16.75
C PRO A 403 -11.53 37.54 -15.50
N PHE A 404 -11.97 38.81 -15.51
CA PHE A 404 -12.56 39.51 -14.37
C PHE A 404 -11.63 39.45 -13.15
N THR A 405 -10.46 40.08 -13.32
CA THR A 405 -9.42 40.02 -12.30
C THR A 405 -9.83 40.78 -11.04
N LYS A 406 -10.36 42.00 -11.21
CA LYS A 406 -10.74 42.84 -10.07
C LYS A 406 -11.93 42.24 -9.32
N PHE A 407 -12.92 41.71 -10.06
CA PHE A 407 -14.08 41.09 -9.43
C PHE A 407 -13.68 39.84 -8.65
N LEU A 408 -12.81 39.01 -9.21
CA LEU A 408 -12.35 37.81 -8.52
C LEU A 408 -11.50 38.15 -7.31
N SER A 409 -10.71 39.22 -7.38
CA SER A 409 -9.90 39.62 -6.24
C SER A 409 -10.77 40.19 -5.12
N ILE A 410 -11.81 40.94 -5.47
CA ILE A 410 -12.74 41.46 -4.47
C ILE A 410 -13.52 40.30 -3.82
N VAL A 411 -13.92 39.32 -4.64
CA VAL A 411 -14.59 38.12 -4.12
C VAL A 411 -13.66 37.34 -3.19
N ALA A 412 -12.38 37.26 -3.55
CA ALA A 412 -11.39 36.59 -2.70
C ALA A 412 -11.20 37.31 -1.36
N ILE A 413 -11.14 38.64 -1.40
CA ILE A 413 -10.96 39.42 -0.17
C ILE A 413 -12.15 39.26 0.77
N ILE A 414 -13.37 39.34 0.20
CA ILE A 414 -14.59 39.12 0.99
C ILE A 414 -14.65 37.68 1.50
N LEU A 415 -14.15 36.74 0.71
CA LEU A 415 -14.11 35.33 1.11
C LEU A 415 -13.20 35.11 2.33
N ILE A 416 -12.00 35.72 2.31
CA ILE A 416 -11.10 35.62 3.45
C ILE A 416 -11.72 36.27 4.69
N PHE A 417 -12.35 37.45 4.48
CA PHE A 417 -13.01 38.19 5.55
C PHE A 417 -14.07 37.35 6.25
N SER A 418 -14.95 36.73 5.47
CA SER A 418 -15.99 35.89 6.06
C SER A 418 -15.44 34.60 6.65
N PHE A 419 -14.39 34.04 6.02
CA PHE A 419 -13.74 32.82 6.52
C PHE A 419 -13.17 32.97 7.92
N PHE A 420 -12.45 34.06 8.21
CA PHE A 420 -12.01 34.16 9.59
C PHE A 420 -12.96 34.92 10.50
N ILE A 421 -13.97 35.62 9.96
CA ILE A 421 -14.94 36.21 10.86
C ILE A 421 -15.94 35.17 11.38
N THR A 422 -16.08 34.02 10.69
CA THR A 422 -16.83 32.92 11.31
C THR A 422 -15.99 32.23 12.37
N SER A 423 -14.71 32.02 12.09
CA SER A 423 -13.83 31.30 12.99
C SER A 423 -13.54 32.06 14.27
N SER A 424 -13.49 33.41 14.20
CA SER A 424 -13.28 34.20 15.41
C SER A 424 -14.47 34.09 16.36
N ASP A 425 -15.70 34.09 15.83
CA ASP A 425 -16.89 33.94 16.66
C ASP A 425 -16.95 32.54 17.27
N SER A 426 -16.66 31.51 16.47
CA SER A 426 -16.69 30.15 17.02
C SER A 426 -15.55 29.93 18.03
N GLY A 427 -14.42 30.60 17.86
CA GLY A 427 -13.35 30.51 18.82
C GLY A 427 -13.64 31.24 20.10
N SER A 428 -14.37 32.37 20.02
CA SER A 428 -14.84 33.03 21.23
C SER A 428 -15.82 32.15 21.99
N LEU A 429 -16.70 31.44 21.26
CA LEU A 429 -17.56 30.42 21.87
C LEU A 429 -16.75 29.34 22.60
N VAL A 430 -15.71 28.82 21.94
CA VAL A 430 -14.94 27.72 22.49
C VAL A 430 -14.12 28.17 23.70
N VAL A 431 -13.51 29.35 23.63
CA VAL A 431 -12.71 29.86 24.73
C VAL A 431 -13.59 30.21 25.93
N ASP A 432 -14.74 30.86 25.69
CA ASP A 432 -15.62 31.17 26.81
C ASP A 432 -16.42 29.97 27.29
N ASN A 433 -16.36 28.85 26.57
CA ASN A 433 -16.86 27.59 27.12
C ASN A 433 -15.81 26.91 27.99
N ILE A 434 -14.54 26.98 27.57
CA ILE A 434 -13.47 26.29 28.28
C ILE A 434 -13.12 27.02 29.58
N THR A 435 -13.00 28.34 29.53
CA THR A 435 -12.64 29.13 30.71
C THR A 435 -13.81 29.31 31.68
N SER A 436 -15.01 28.87 31.32
CA SER A 436 -16.16 28.91 32.20
C SER A 436 -16.48 27.58 32.87
N GLY A 437 -16.38 26.47 32.14
CA GLY A 437 -16.90 25.21 32.63
C GLY A 437 -18.40 25.10 32.57
N SER A 438 -19.06 25.99 31.81
CA SER A 438 -20.51 26.00 31.70
C SER A 438 -20.89 26.64 30.38
N ASN A 439 -22.03 26.22 29.83
CA ASN A 439 -22.47 26.69 28.51
C ASN A 439 -22.96 28.14 28.56
N GLY A 440 -24.03 28.39 29.31
CA GLY A 440 -24.66 29.70 29.33
C GLY A 440 -23.85 30.80 29.98
N GLU A 441 -23.40 30.56 31.21
CA GLU A 441 -22.53 31.49 31.92
C GLU A 441 -21.17 31.54 31.23
N SER A 442 -20.54 32.71 31.19
CA SER A 442 -20.92 34.02 31.70
C SER A 442 -21.81 34.76 30.69
N PRO A 443 -22.62 35.71 31.18
CA PRO A 443 -23.24 36.68 30.26
C PRO A 443 -22.19 37.48 29.50
N VAL A 444 -22.56 37.93 28.31
CA VAL A 444 -21.58 38.26 27.28
C VAL A 444 -20.94 39.60 27.65
N TRP A 445 -19.76 39.51 28.26
CA TRP A 445 -18.80 40.60 28.31
C TRP A 445 -17.37 40.13 28.13
N GLN A 446 -17.08 38.86 28.43
CA GLN A 446 -15.75 38.30 28.19
C GLN A 446 -15.57 37.85 26.75
N ARG A 447 -16.67 37.65 26.02
CA ARG A 447 -16.61 37.37 24.59
C ARG A 447 -15.94 38.49 23.81
N VAL A 448 -16.37 39.73 24.08
CA VAL A 448 -15.74 40.90 23.49
C VAL A 448 -14.32 41.03 24.01
N PHE A 449 -14.10 40.71 25.29
CA PHE A 449 -12.77 40.75 25.87
C PHE A 449 -11.85 39.70 25.25
N TRP A 450 -12.35 38.49 25.01
CA TRP A 450 -11.49 37.46 24.43
C TRP A 450 -11.21 37.72 22.96
N SER A 451 -12.20 38.25 22.23
CA SER A 451 -11.96 38.66 20.84
C SER A 451 -10.97 39.81 20.76
N PHE A 452 -11.06 40.76 21.71
CA PHE A 452 -10.11 41.86 21.74
C PHE A 452 -8.72 41.39 22.14
N ALA A 453 -8.64 40.37 23.00
CA ALA A 453 -7.34 39.78 23.34
C ALA A 453 -6.73 39.05 22.16
N GLN A 454 -7.58 38.38 21.37
CA GLN A 454 -7.14 37.74 20.13
C GLN A 454 -6.59 38.78 19.15
N GLY A 455 -7.29 39.90 19.00
CA GLY A 455 -6.80 40.97 18.14
C GLY A 455 -5.53 41.62 18.67
N ILE A 456 -5.42 41.77 19.99
CA ILE A 456 -4.24 42.39 20.60
C ILE A 456 -3.01 41.49 20.41
N ILE A 457 -3.19 40.18 20.55
CA ILE A 457 -2.11 39.25 20.27
C ILE A 457 -1.76 39.25 18.78
N ALA A 458 -2.75 39.48 17.91
CA ALA A 458 -2.47 39.61 16.48
C ALA A 458 -1.59 40.84 16.18
N ILE A 459 -1.91 42.00 16.78
CA ILE A 459 -1.05 43.19 16.64
C ILE A 459 0.34 42.95 17.21
N VAL A 460 0.42 42.34 18.39
CA VAL A 460 1.70 42.17 19.07
C VAL A 460 2.59 41.20 18.32
N LEU A 461 2.01 40.12 17.77
CA LEU A 461 2.80 39.16 17.01
C LEU A 461 3.15 39.69 15.63
N LEU A 462 2.26 40.48 15.00
CA LEU A 462 2.54 40.99 13.66
C LEU A 462 3.52 42.15 13.67
N TRP A 463 3.57 42.93 14.76
CA TRP A 463 4.57 43.99 14.83
C TRP A 463 5.94 43.45 15.17
N GLY A 464 6.03 42.41 15.99
CA GLY A 464 7.29 41.79 16.33
C GLY A 464 7.66 40.63 15.44
N GLY A 465 7.51 40.79 14.13
CA GLY A 465 7.79 39.73 13.19
C GLY A 465 6.63 39.48 12.25
N GLY A 466 6.90 38.91 11.08
CA GLY A 466 5.84 38.70 10.11
C GLY A 466 5.12 37.38 10.30
N LEU A 467 5.16 36.54 9.27
CA LEU A 467 4.64 35.18 9.36
C LEU A 467 5.45 34.34 10.36
N ASP A 468 6.74 34.67 10.50
CA ASP A 468 7.65 33.87 11.31
C ASP A 468 7.27 33.85 12.78
N ALA A 469 6.88 35.00 13.35
CA ALA A 469 6.55 35.05 14.78
C ALA A 469 5.27 34.28 15.09
N LEU A 470 4.30 34.33 14.17
CA LEU A 470 3.11 33.48 14.27
C LEU A 470 3.48 32.00 14.22
N GLN A 471 4.47 31.65 13.37
CA GLN A 471 4.95 30.28 13.33
C GLN A 471 5.59 29.84 14.65
N THR A 472 6.43 30.72 15.25
CA THR A 472 7.02 30.40 16.55
C THR A 472 5.95 30.22 17.62
N ALA A 473 4.95 31.12 17.64
CA ALA A 473 3.91 31.06 18.67
C ALA A 473 3.11 29.77 18.56
N VAL A 474 2.73 29.41 17.32
CA VAL A 474 1.94 28.19 17.14
C VAL A 474 2.78 26.93 17.40
N ILE A 475 4.10 26.98 17.14
CA ILE A 475 4.91 25.77 17.28
C ILE A 475 5.25 25.50 18.75
N ILE A 476 5.68 26.53 19.48
CA ILE A 476 5.96 26.37 20.91
C ILE A 476 4.67 26.08 21.67
N THR A 477 3.54 26.65 21.26
CA THR A 477 2.31 26.39 21.98
C THR A 477 1.77 24.99 21.65
N GLY A 478 1.94 24.52 20.41
CA GLY A 478 1.50 23.19 20.06
C GLY A 478 2.45 22.05 20.36
N LEU A 479 3.65 22.35 20.88
CA LEU A 479 4.55 21.27 21.29
C LEU A 479 4.00 20.37 22.41
N PRO A 480 3.48 20.85 23.56
CA PRO A 480 2.96 19.89 24.54
C PRO A 480 1.61 19.29 24.19
N PHE A 481 0.90 19.87 23.23
CA PHE A 481 -0.33 19.24 22.76
C PHE A 481 -0.11 17.94 22.01
N ALA A 482 1.13 17.61 21.61
CA ALA A 482 1.41 16.29 21.07
C ALA A 482 1.22 15.21 22.14
N VAL A 483 1.81 15.39 23.33
CA VAL A 483 1.60 14.41 24.40
C VAL A 483 0.17 14.50 24.92
N ILE A 484 -0.44 15.69 24.87
CA ILE A 484 -1.84 15.81 25.30
C ILE A 484 -2.76 15.02 24.38
N LEU A 485 -2.54 15.08 23.07
CA LEU A 485 -3.36 14.32 22.13
C LEU A 485 -3.05 12.83 22.14
N LEU A 486 -1.81 12.43 22.44
CA LEU A 486 -1.52 11.00 22.58
C LEU A 486 -2.23 10.41 23.80
N VAL A 487 -2.17 11.12 24.94
CA VAL A 487 -2.88 10.67 26.14
C VAL A 487 -4.38 10.71 25.91
N MET A 488 -4.86 11.70 25.12
CA MET A 488 -6.27 11.79 24.76
C MET A 488 -6.71 10.60 23.91
N CYS A 489 -5.86 10.16 22.97
CA CYS A 489 -6.20 9.00 22.14
C CYS A 489 -6.25 7.73 22.97
N TYR A 490 -5.29 7.55 23.89
CA TYR A 490 -5.31 6.35 24.74
C TYR A 490 -6.51 6.36 25.70
N SER A 491 -6.86 7.53 26.22
CA SER A 491 -8.04 7.66 27.08
C SER A 491 -9.33 7.44 26.29
N LEU A 492 -9.36 7.86 25.02
CA LEU A 492 -10.52 7.60 24.17
C LEU A 492 -10.67 6.11 23.88
N GLN A 493 -9.55 5.41 23.68
CA GLN A 493 -9.62 3.96 23.49
C GLN A 493 -10.12 3.26 24.74
N LYS A 494 -9.65 3.69 25.91
CA LYS A 494 -10.13 3.11 27.17
C LYS A 494 -11.61 3.40 27.40
N GLY A 495 -12.06 4.62 27.06
CA GLY A 495 -13.47 4.96 27.21
C GLY A 495 -14.36 4.19 26.25
N LEU A 496 -13.91 4.00 25.01
CA LEU A 496 -14.68 3.22 24.05
C LEU A 496 -14.75 1.75 24.44
N LYS A 497 -13.65 1.21 24.96
CA LYS A 497 -13.66 -0.17 25.44
C LYS A 497 -14.53 -0.33 26.68
N GLU A 498 -14.60 0.70 27.53
CA GLU A 498 -15.50 0.66 28.69
C GLU A 498 -16.96 0.75 28.27
N GLU A 499 -17.28 1.62 27.31
CA GLU A 499 -18.66 1.85 26.91
C GLU A 499 -19.20 0.68 26.07
N LEU A 500 -18.38 0.11 25.20
CA LEU A 500 -18.87 -0.96 24.33
C LEU A 500 -19.16 -2.25 25.11
N ALA A 501 -18.50 -2.44 26.25
CA ALA A 501 -18.83 -3.57 27.12
C ALA A 501 -20.09 -3.36 27.94
N LYS A 502 -20.59 -2.12 28.01
CA LYS A 502 -21.78 -1.81 28.77
C LYS A 502 -23.08 -2.10 28.02
N SER A 503 -23.00 -2.40 26.72
CA SER A 503 -24.19 -2.65 25.91
C SER A 503 -24.72 -4.05 26.21
N SER A 504 -25.47 -4.14 27.31
CA SER A 504 -26.10 -5.36 27.83
C SER A 504 -25.13 -6.52 28.03
N LEU B 11 21.43 -45.45 28.72
CA LEU B 11 20.95 -46.10 27.49
C LEU B 11 20.88 -45.10 26.35
N VAL B 12 20.56 -45.61 25.15
CA VAL B 12 20.48 -44.77 23.95
C VAL B 12 19.08 -44.89 23.37
N ILE B 13 18.41 -43.75 23.19
CA ILE B 13 17.13 -43.70 22.50
C ILE B 13 17.42 -43.73 20.99
N ASN B 14 16.96 -44.78 20.33
CA ASN B 14 17.39 -44.96 18.95
C ASN B 14 16.26 -45.14 17.95
N PRO B 15 15.63 -44.06 17.49
CA PRO B 15 15.01 -44.08 16.17
C PRO B 15 16.09 -44.12 15.10
N PRO B 16 15.77 -44.54 13.87
CA PRO B 16 16.78 -44.50 12.80
C PRO B 16 17.16 -43.09 12.37
N VAL B 17 16.35 -42.09 12.78
CA VAL B 17 16.65 -40.69 12.57
C VAL B 17 18.01 -40.32 13.16
N PHE B 18 18.28 -40.80 14.36
CA PHE B 18 19.53 -40.46 15.06
C PHE B 18 20.75 -41.02 14.33
N ILE B 19 20.73 -42.29 13.96
CA ILE B 19 21.96 -42.87 13.42
C ILE B 19 22.17 -42.47 11.96
N THR B 20 21.09 -42.21 11.20
CA THR B 20 21.39 -41.75 9.85
C THR B 20 21.63 -40.24 9.79
N SER B 21 21.17 -39.47 10.79
CA SER B 21 21.62 -38.09 10.91
C SER B 21 23.10 -38.04 11.29
N ILE B 22 23.52 -38.95 12.17
CA ILE B 22 24.92 -39.04 12.55
C ILE B 22 25.78 -39.47 11.35
N LEU B 23 25.28 -40.42 10.56
CA LEU B 23 25.98 -40.85 9.34
C LEU B 23 26.06 -39.73 8.31
N LEU B 24 24.99 -38.93 8.17
CA LEU B 24 25.05 -37.78 7.27
C LEU B 24 26.06 -36.73 7.75
N ILE B 25 26.09 -36.48 9.06
CA ILE B 25 27.03 -35.51 9.63
C ILE B 25 28.46 -35.97 9.43
N VAL B 26 28.76 -37.24 9.73
CA VAL B 26 30.13 -37.72 9.55
C VAL B 26 30.47 -37.93 8.08
N ALA B 27 29.46 -38.07 7.20
CA ALA B 27 29.73 -38.06 5.77
C ALA B 27 30.16 -36.66 5.32
N LEU B 28 29.55 -35.63 5.88
CA LEU B 28 30.01 -34.27 5.61
C LEU B 28 31.39 -34.03 6.22
N ILE B 29 31.68 -34.65 7.37
CA ILE B 29 33.01 -34.58 7.98
C ILE B 29 34.06 -35.20 7.06
N LEU B 30 33.75 -36.38 6.51
CA LEU B 30 34.67 -37.06 5.61
C LEU B 30 34.82 -36.34 4.28
N THR B 31 33.75 -35.68 3.81
CA THR B 31 33.85 -34.89 2.58
C THR B 31 34.64 -33.61 2.81
N CYS B 32 34.66 -33.10 4.04
CA CYS B 32 35.35 -31.83 4.29
C CYS B 32 36.81 -32.00 4.68
N VAL B 33 37.13 -32.92 5.61
CA VAL B 33 38.51 -33.03 6.07
C VAL B 33 39.37 -33.79 5.07
N LEU B 34 38.78 -34.59 4.21
CA LEU B 34 39.49 -35.23 3.10
C LEU B 34 39.12 -34.50 1.80
N PHE B 35 40.13 -34.36 0.93
CA PHE B 35 40.11 -33.54 -0.28
C PHE B 35 39.68 -32.11 0.04
N PRO B 36 40.54 -31.31 0.70
CA PRO B 36 40.11 -29.96 1.09
C PRO B 36 39.99 -28.99 -0.06
N GLU B 37 40.82 -29.11 -1.09
CA GLU B 37 40.69 -28.23 -2.25
C GLU B 37 39.45 -28.57 -3.07
N LYS B 38 39.04 -29.84 -3.09
CA LYS B 38 37.85 -30.25 -3.83
C LYS B 38 36.59 -29.67 -3.19
N VAL B 39 36.48 -29.78 -1.87
CA VAL B 39 35.32 -29.20 -1.19
C VAL B 39 35.41 -27.67 -1.20
N GLY B 40 36.63 -27.10 -1.16
CA GLY B 40 36.77 -25.66 -1.24
C GLY B 40 36.45 -25.06 -2.58
N VAL B 41 36.56 -25.85 -3.66
CA VAL B 41 36.16 -25.37 -4.98
C VAL B 41 34.73 -25.78 -5.34
N TRP B 42 34.16 -26.78 -4.65
CA TRP B 42 32.82 -27.24 -4.99
C TRP B 42 31.73 -26.66 -4.09
N PHE B 43 32.06 -26.21 -2.87
CA PHE B 43 31.05 -25.62 -2.01
C PHE B 43 30.47 -24.31 -2.53
N PRO B 44 31.26 -23.28 -2.92
CA PRO B 44 30.61 -22.05 -3.41
C PRO B 44 29.94 -22.22 -4.77
N ALA B 45 30.43 -23.14 -5.61
CA ALA B 45 29.79 -23.40 -6.89
C ALA B 45 28.42 -24.03 -6.71
N ALA B 46 28.33 -25.06 -5.85
CA ALA B 46 27.05 -25.71 -5.58
C ALA B 46 26.09 -24.78 -4.85
N GLN B 47 26.61 -23.98 -3.92
CA GLN B 47 25.80 -22.98 -3.22
C GLN B 47 25.23 -21.96 -4.20
N LEU B 48 26.08 -21.42 -5.08
CA LEU B 48 25.66 -20.42 -6.06
C LEU B 48 24.67 -20.99 -7.05
N ALA B 49 24.85 -22.25 -7.47
CA ALA B 49 23.88 -22.89 -8.34
C ALA B 49 22.53 -23.04 -7.67
N VAL B 50 22.51 -23.46 -6.39
CA VAL B 50 21.25 -23.65 -5.68
C VAL B 50 20.51 -22.33 -5.48
N THR B 51 21.23 -21.28 -5.07
CA THR B 51 20.51 -20.02 -4.86
C THR B 51 20.17 -19.31 -6.16
N SER B 52 21.00 -19.44 -7.22
CA SER B 52 20.65 -18.84 -8.50
C SER B 52 19.48 -19.54 -9.16
N ASN B 53 19.26 -20.82 -8.85
CA ASN B 53 18.11 -21.52 -9.41
C ASN B 53 16.88 -21.47 -8.52
N PHE B 54 17.00 -21.14 -7.22
CA PHE B 54 15.84 -21.16 -6.34
C PHE B 54 15.69 -19.92 -5.47
N GLY B 55 16.28 -18.79 -5.86
CA GLY B 55 16.04 -17.56 -5.14
C GLY B 55 14.62 -17.07 -5.25
N TRP B 56 14.00 -17.26 -6.41
CA TRP B 56 12.58 -16.95 -6.59
C TRP B 56 11.71 -17.80 -5.67
N PHE B 57 12.10 -19.05 -5.45
CA PHE B 57 11.33 -19.94 -4.59
C PHE B 57 11.51 -19.56 -3.12
N PHE B 58 12.71 -19.16 -2.73
CA PHE B 58 12.93 -18.67 -1.37
C PHE B 58 12.13 -17.39 -1.10
N VAL B 59 12.12 -16.47 -2.08
CA VAL B 59 11.37 -15.22 -1.95
C VAL B 59 9.86 -15.50 -1.87
N VAL B 60 9.36 -16.42 -2.71
CA VAL B 60 7.95 -16.79 -2.71
C VAL B 60 7.55 -17.45 -1.40
N THR B 61 8.41 -18.34 -0.88
CA THR B 61 8.12 -19.04 0.38
C THR B 61 8.07 -18.07 1.56
N VAL B 62 9.05 -17.16 1.64
CA VAL B 62 9.10 -16.21 2.75
C VAL B 62 7.93 -15.23 2.70
N ASN B 63 7.61 -14.73 1.49
CA ASN B 63 6.48 -13.82 1.34
C ASN B 63 5.15 -14.49 1.64
N VAL B 64 5.00 -15.76 1.22
CA VAL B 64 3.77 -16.51 1.48
C VAL B 64 3.59 -16.75 2.97
N ILE B 65 4.69 -17.08 3.67
CA ILE B 65 4.64 -17.28 5.12
C ILE B 65 4.27 -16.00 5.84
N LEU B 66 4.83 -14.86 5.40
CA LEU B 66 4.53 -13.59 6.06
C LEU B 66 3.08 -13.15 5.84
N ILE B 67 2.60 -13.22 4.59
CA ILE B 67 1.22 -12.80 4.33
C ILE B 67 0.23 -13.79 4.94
N PHE B 68 0.63 -15.05 5.09
CA PHE B 68 -0.20 -16.02 5.80
C PHE B 68 -0.25 -15.72 7.29
N ALA B 69 0.86 -15.23 7.87
CA ALA B 69 0.86 -14.80 9.26
C ALA B 69 -0.07 -13.60 9.47
N ILE B 70 -0.01 -12.63 8.55
CA ILE B 70 -0.86 -11.44 8.66
C ILE B 70 -2.33 -11.82 8.52
N TYR B 71 -2.65 -12.67 7.54
CA TYR B 71 -4.02 -13.14 7.36
C TYR B 71 -4.51 -13.95 8.55
N LEU B 72 -3.72 -14.90 9.04
CA LEU B 72 -4.20 -15.81 10.06
C LEU B 72 -4.13 -15.18 11.45
N ALA B 73 -3.48 -14.02 11.59
CA ALA B 73 -3.66 -13.21 12.78
C ALA B 73 -4.87 -12.29 12.67
N PHE B 74 -5.19 -11.82 11.46
CA PHE B 74 -6.24 -10.83 11.28
C PHE B 74 -7.52 -11.44 10.72
N SER B 75 -7.88 -12.65 11.17
CA SER B 75 -9.09 -13.31 10.71
C SER B 75 -9.72 -14.04 11.90
N LYS B 76 -10.72 -14.87 11.59
CA LYS B 76 -11.43 -15.65 12.60
C LYS B 76 -10.58 -16.79 13.15
N PHE B 77 -9.49 -17.16 12.47
CA PHE B 77 -8.59 -18.19 13.00
C PHE B 77 -7.76 -17.67 14.17
N GLY B 78 -7.68 -16.37 14.36
CA GLY B 78 -6.95 -15.81 15.48
C GLY B 78 -7.66 -15.86 16.81
N ARG B 79 -8.95 -16.23 16.83
CA ARG B 79 -9.69 -16.34 18.07
C ARG B 79 -9.38 -17.62 18.84
N ILE B 80 -8.72 -18.59 18.21
CA ILE B 80 -8.30 -19.81 18.91
C ILE B 80 -7.20 -19.46 19.91
N ARG B 81 -7.16 -20.19 21.02
CA ARG B 81 -6.16 -19.99 22.05
C ARG B 81 -5.46 -21.32 22.29
N LEU B 82 -4.13 -21.29 22.34
CA LEU B 82 -3.33 -22.50 22.46
C LEU B 82 -3.54 -23.15 23.82
N GLY B 83 -3.57 -24.49 23.82
CA GLY B 83 -3.75 -25.24 25.05
C GLY B 83 -5.16 -25.25 25.60
N GLY B 84 -6.16 -25.01 24.76
CA GLY B 84 -7.54 -24.94 25.23
C GLY B 84 -7.91 -23.54 25.70
N ASP B 85 -9.19 -23.39 26.04
CA ASP B 85 -9.73 -22.09 26.40
C ASP B 85 -9.46 -21.70 27.83
N ASP B 86 -8.86 -22.57 28.64
CA ASP B 86 -8.55 -22.30 30.04
C ASP B 86 -7.09 -22.61 30.33
N ALA B 87 -6.19 -22.12 29.48
CA ALA B 87 -4.81 -22.59 29.52
C ALA B 87 -3.94 -21.76 30.47
N GLU B 88 -4.28 -20.46 30.65
CA GLU B 88 -3.65 -19.54 31.60
C GLU B 88 -2.14 -19.43 31.40
N PRO B 89 -1.67 -18.59 30.47
CA PRO B 89 -0.34 -18.79 29.84
C PRO B 89 0.90 -18.69 30.74
N GLU B 90 0.75 -18.30 32.01
CA GLU B 90 1.80 -18.28 33.04
C GLU B 90 2.99 -17.40 32.75
N PHE B 91 2.91 -16.46 31.81
CA PHE B 91 4.04 -15.60 31.51
C PHE B 91 3.61 -14.14 31.55
N THR B 92 4.58 -13.26 31.78
CA THR B 92 4.28 -11.91 32.24
C THR B 92 4.07 -10.94 31.07
N LYS B 93 4.27 -11.43 29.83
CA LYS B 93 4.33 -10.75 28.52
C LYS B 93 5.63 -9.95 28.36
N ALA B 94 6.42 -9.84 29.42
CA ALA B 94 7.78 -9.31 29.36
C ALA B 94 8.82 -10.40 29.46
N SER B 95 8.62 -11.37 30.37
CA SER B 95 9.48 -12.54 30.42
C SER B 95 9.39 -13.36 29.15
N TRP B 96 8.17 -13.50 28.61
CA TRP B 96 7.96 -14.21 27.35
C TRP B 96 8.71 -13.55 26.21
N PHE B 97 8.63 -12.23 26.10
CA PHE B 97 9.32 -11.51 25.03
C PHE B 97 10.83 -11.55 25.21
N ALA B 98 11.33 -11.39 26.44
CA ALA B 98 12.76 -11.34 26.67
C ALA B 98 13.40 -12.71 26.46
N MET B 99 12.79 -13.76 26.98
CA MET B 99 13.34 -15.10 26.83
C MET B 99 13.11 -15.64 25.42
N LEU B 100 12.10 -15.13 24.70
CA LEU B 100 11.95 -15.36 23.27
C LEU B 100 13.04 -14.69 22.45
N PHE B 101 13.37 -13.44 22.75
CA PHE B 101 14.34 -12.66 21.98
C PHE B 101 15.77 -13.10 22.23
N SER B 102 16.11 -13.46 23.48
CA SER B 102 17.50 -13.78 23.79
C SER B 102 17.93 -15.11 23.18
N THR B 103 17.10 -16.14 23.33
CA THR B 103 17.44 -17.45 22.78
C THR B 103 17.19 -17.53 21.28
N GLY B 104 16.15 -16.87 20.78
CA GLY B 104 15.74 -17.06 19.41
C GLY B 104 16.30 -16.08 18.40
N MET B 105 17.39 -15.39 18.76
CA MET B 105 17.98 -14.42 17.86
C MET B 105 19.49 -14.45 18.08
N GLY B 106 20.22 -14.37 16.99
CA GLY B 106 21.66 -14.23 17.03
C GLY B 106 22.33 -14.89 15.83
N ILE B 107 23.55 -14.45 15.54
CA ILE B 107 24.31 -13.42 16.23
C ILE B 107 24.45 -12.28 15.24
N GLY B 108 23.47 -12.20 14.34
CA GLY B 108 23.47 -11.14 13.34
C GLY B 108 23.14 -9.78 13.88
N ILE B 109 22.53 -9.70 15.07
CA ILE B 109 22.39 -8.44 15.78
C ILE B 109 23.76 -7.85 16.10
N MET B 110 24.73 -8.69 16.45
CA MET B 110 26.07 -8.20 16.70
C MET B 110 26.96 -8.22 15.47
N PHE B 111 26.66 -9.09 14.49
CA PHE B 111 27.52 -9.21 13.32
C PHE B 111 27.13 -8.23 12.22
N PHE B 112 25.86 -8.28 11.79
CA PHE B 112 25.40 -7.58 10.60
C PHE B 112 24.62 -6.30 10.90
N SER B 113 24.74 -5.77 12.13
CA SER B 113 24.11 -4.49 12.39
C SER B 113 24.82 -3.34 11.68
N ILE B 114 26.14 -3.46 11.53
CA ILE B 114 26.96 -2.45 10.89
C ILE B 114 27.59 -2.96 9.61
N ALA B 115 27.98 -4.24 9.57
CA ALA B 115 28.64 -4.80 8.40
C ALA B 115 27.70 -4.91 7.21
N GLU B 116 26.40 -5.09 7.45
CA GLU B 116 25.42 -5.16 6.36
C GLU B 116 24.98 -3.80 5.79
N PRO B 117 24.61 -2.77 6.58
CA PRO B 117 24.20 -1.51 5.93
C PRO B 117 25.35 -0.77 5.26
N VAL B 118 26.57 -0.87 5.78
CA VAL B 118 27.72 -0.28 5.11
C VAL B 118 28.01 -1.00 3.79
N SER B 119 27.87 -2.33 3.77
CA SER B 119 28.06 -3.08 2.54
C SER B 119 26.97 -2.78 1.52
N HIS B 120 25.74 -2.56 1.96
CA HIS B 120 24.70 -2.14 1.04
C HIS B 120 24.85 -0.68 0.62
N PHE B 121 25.59 0.10 1.41
CA PHE B 121 25.90 1.48 1.05
C PHE B 121 26.90 1.53 -0.10
N PHE B 122 28.10 0.97 0.11
CA PHE B 122 29.11 1.12 -0.94
C PHE B 122 28.88 0.17 -2.10
N ASN B 123 28.38 -1.04 -1.84
CA ASN B 123 28.05 -2.03 -2.87
C ASN B 123 26.54 -2.11 -2.93
N THR B 124 25.93 -1.26 -3.76
CA THR B 124 24.49 -1.12 -3.81
C THR B 124 23.83 -2.35 -4.43
N PRO B 125 22.62 -2.70 -3.99
CA PRO B 125 21.90 -3.83 -4.60
C PRO B 125 21.45 -3.54 -6.03
N ARG B 126 20.86 -2.36 -6.21
CA ARG B 126 20.49 -1.85 -7.52
C ARG B 126 21.05 -0.44 -7.65
N PRO B 127 21.32 0.02 -8.88
CA PRO B 127 21.97 1.33 -9.05
C PRO B 127 21.13 2.50 -8.58
N VAL B 128 21.81 3.49 -8.00
CA VAL B 128 21.20 4.71 -7.49
C VAL B 128 22.03 5.89 -7.98
N ASP B 129 21.45 7.09 -7.88
CA ASP B 129 22.08 8.27 -8.45
C ASP B 129 22.96 8.98 -7.43
N THR B 130 22.37 9.45 -6.33
CA THR B 130 23.10 10.21 -5.34
C THR B 130 23.56 9.30 -4.21
N ASP B 131 24.06 9.89 -3.12
CA ASP B 131 24.58 9.14 -1.99
C ASP B 131 23.57 8.98 -0.86
N ILE B 132 22.69 9.98 -0.69
CA ILE B 132 21.62 9.91 0.29
C ILE B 132 20.65 8.79 -0.08
N GLU B 133 20.34 8.64 -1.37
CA GLU B 133 19.49 7.55 -1.83
C GLU B 133 20.16 6.20 -1.64
N ALA B 134 21.49 6.13 -1.76
CA ALA B 134 22.22 4.90 -1.46
C ALA B 134 22.11 4.52 0.02
N ALA B 135 22.22 5.52 0.91
CA ALA B 135 22.07 5.26 2.34
C ALA B 135 20.64 4.83 2.70
N VAL B 136 19.64 5.47 2.06
CA VAL B 136 18.24 5.12 2.28
C VAL B 136 17.96 3.69 1.81
N GLN B 137 18.51 3.33 0.64
CA GLN B 137 18.35 1.99 0.11
C GLN B 137 19.04 0.96 0.99
N ALA B 138 20.21 1.30 1.53
CA ALA B 138 20.92 0.41 2.45
C ALA B 138 20.11 0.16 3.71
N MET B 139 19.54 1.21 4.29
CA MET B 139 18.74 1.02 5.51
C MET B 139 17.43 0.31 5.23
N GLN B 140 16.82 0.51 4.06
CA GLN B 140 15.59 -0.19 3.76
C GLN B 140 15.82 -1.65 3.41
N PHE B 141 16.99 -2.00 2.85
CA PHE B 141 17.29 -3.42 2.65
C PHE B 141 17.69 -4.11 3.95
N THR B 142 18.35 -3.39 4.86
CA THR B 142 18.57 -3.91 6.21
C THR B 142 17.25 -4.12 6.93
N SER B 143 16.30 -3.20 6.75
CA SER B 143 14.98 -3.35 7.34
C SER B 143 14.21 -4.52 6.73
N LEU B 144 14.42 -4.79 5.43
CA LEU B 144 13.83 -5.98 4.83
C LEU B 144 14.43 -7.25 5.41
N HIS B 145 15.76 -7.29 5.58
CA HIS B 145 16.41 -8.51 6.04
C HIS B 145 16.18 -8.77 7.52
N TRP B 146 15.92 -7.74 8.32
CA TRP B 146 15.79 -7.89 9.77
C TRP B 146 14.44 -7.42 10.27
N GLY B 147 13.39 -7.55 9.46
CA GLY B 147 12.09 -7.01 9.82
C GLY B 147 10.99 -8.04 9.97
N LEU B 148 9.86 -7.81 9.28
CA LEU B 148 8.70 -8.66 9.43
C LEU B 148 8.90 -10.03 8.77
N HIS B 149 9.64 -10.08 7.66
CA HIS B 149 9.93 -11.34 7.00
C HIS B 149 10.82 -12.24 7.85
N ALA B 150 11.66 -11.63 8.70
CA ALA B 150 12.56 -12.40 9.54
C ALA B 150 11.81 -13.14 10.64
N TRP B 151 10.74 -12.54 11.16
CA TRP B 151 10.03 -13.10 12.30
C TRP B 151 8.71 -13.76 11.93
N GLY B 152 8.22 -13.58 10.70
CA GLY B 152 7.02 -14.29 10.27
C GLY B 152 7.24 -15.79 10.17
N ILE B 153 8.45 -16.20 9.76
CA ILE B 153 8.79 -17.62 9.72
C ILE B 153 8.80 -18.20 11.13
N TYR B 154 9.36 -17.46 12.08
CA TYR B 154 9.38 -17.90 13.47
C TYR B 154 7.97 -17.96 14.04
N ALA B 155 7.13 -16.99 13.67
CA ALA B 155 5.74 -16.96 14.13
C ALA B 155 4.95 -18.17 13.62
N MET B 156 5.09 -18.50 12.34
CA MET B 156 4.39 -19.68 11.80
C MET B 156 4.92 -20.99 12.36
N VAL B 157 6.24 -21.16 12.49
CA VAL B 157 6.73 -22.44 13.00
C VAL B 157 6.41 -22.60 14.48
N GLY B 158 6.55 -21.53 15.27
CA GLY B 158 6.18 -21.59 16.66
C GLY B 158 4.69 -21.78 16.88
N LEU B 159 3.86 -21.15 16.03
CA LEU B 159 2.41 -21.29 16.19
C LEU B 159 1.93 -22.67 15.77
N ALA B 160 2.48 -23.20 14.68
CA ALA B 160 2.11 -24.55 14.24
C ALA B 160 2.55 -25.59 15.24
N LEU B 161 3.77 -25.47 15.76
CA LEU B 161 4.27 -26.43 16.75
C LEU B 161 3.50 -26.30 18.07
N ALA B 162 3.15 -25.08 18.48
CA ALA B 162 2.39 -24.89 19.71
C ALA B 162 0.97 -25.42 19.58
N PHE B 163 0.31 -25.14 18.45
CA PHE B 163 -1.05 -25.63 18.23
C PHE B 163 -1.10 -27.14 18.13
N PHE B 164 -0.17 -27.74 17.37
CA PHE B 164 -0.17 -29.18 17.22
C PHE B 164 0.46 -29.91 18.40
N GLY B 165 1.08 -29.20 19.33
CA GLY B 165 1.62 -29.84 20.52
C GLY B 165 0.80 -29.60 21.77
N PHE B 166 -0.14 -28.66 21.72
CA PHE B 166 -0.99 -28.39 22.87
C PHE B 166 -2.45 -28.69 22.59
N ASN B 167 -2.99 -28.26 21.45
CA ASN B 167 -4.39 -28.50 21.14
C ASN B 167 -4.64 -29.91 20.59
N ARG B 168 -3.59 -30.69 20.32
CA ARG B 168 -3.73 -32.02 19.78
C ARG B 168 -3.13 -33.12 20.64
N LYS B 169 -2.42 -32.75 21.73
CA LYS B 169 -1.75 -33.68 22.66
C LYS B 169 -0.77 -34.60 21.94
N LEU B 170 -0.04 -34.04 20.99
CA LEU B 170 0.97 -34.67 20.14
C LEU B 170 2.35 -34.13 20.50
N PRO B 171 3.44 -34.91 20.33
CA PRO B 171 4.75 -34.40 20.76
C PRO B 171 5.32 -33.36 19.81
N MET B 172 6.04 -32.40 20.38
CA MET B 172 6.49 -31.21 19.67
C MET B 172 7.69 -31.57 18.80
N THR B 173 7.38 -32.01 17.58
CA THR B 173 8.37 -32.50 16.64
C THR B 173 7.74 -32.37 15.26
N PHE B 174 8.56 -32.03 14.25
CA PHE B 174 8.09 -31.82 12.88
C PHE B 174 7.49 -33.08 12.24
N ARG B 175 7.74 -34.27 12.81
CA ARG B 175 7.04 -35.47 12.38
C ARG B 175 5.55 -35.37 12.63
N SER B 176 5.14 -34.89 13.80
CA SER B 176 3.74 -34.76 14.16
C SER B 176 3.12 -33.47 13.64
N LEU B 177 3.91 -32.61 12.97
CA LEU B 177 3.42 -31.34 12.48
C LEU B 177 2.62 -31.48 11.19
N PHE B 178 2.71 -32.62 10.53
CA PHE B 178 1.93 -32.92 9.34
C PHE B 178 0.83 -33.95 9.63
N TYR B 179 0.27 -33.88 10.84
CA TYR B 179 -0.79 -34.80 11.26
C TYR B 179 -2.09 -34.72 10.44
N PRO B 180 -2.67 -33.56 10.10
CA PRO B 180 -3.88 -33.62 9.27
C PRO B 180 -3.62 -33.82 7.78
N PHE B 181 -2.37 -33.94 7.34
CA PHE B 181 -2.06 -34.11 5.93
C PHE B 181 -1.85 -35.57 5.55
N TRP B 182 -1.27 -36.37 6.44
CA TRP B 182 -1.03 -37.79 6.22
C TRP B 182 -1.67 -38.70 7.25
N GLY B 183 -2.08 -38.19 8.41
CA GLY B 183 -2.65 -39.04 9.43
C GLY B 183 -1.59 -39.77 10.23
N GLU B 184 -1.74 -41.09 10.32
CA GLU B 184 -0.81 -41.93 11.06
C GLU B 184 0.31 -42.49 10.19
N ARG B 185 0.45 -41.99 8.95
CA ARG B 185 1.51 -42.42 8.06
C ARG B 185 2.82 -41.69 8.32
N ILE B 186 2.83 -40.75 9.27
CA ILE B 186 4.05 -40.00 9.58
C ILE B 186 5.09 -40.86 10.29
N HIS B 187 4.69 -41.99 10.88
CA HIS B 187 5.62 -42.78 11.68
C HIS B 187 6.58 -43.60 10.81
N GLY B 188 6.10 -44.14 9.70
CA GLY B 188 6.95 -45.03 8.93
C GLY B 188 7.72 -44.42 7.76
N TRP B 189 8.98 -44.03 8.03
CA TRP B 189 9.99 -43.65 7.03
C TRP B 189 9.54 -42.49 6.12
N TRP B 190 8.57 -41.68 6.56
CA TRP B 190 8.06 -40.65 5.68
C TRP B 190 7.99 -39.32 6.42
N GLY B 191 7.80 -39.38 7.75
CA GLY B 191 8.17 -38.28 8.61
C GLY B 191 9.60 -38.33 9.09
N HIS B 192 10.24 -39.48 8.87
CA HIS B 192 11.64 -39.67 9.24
C HIS B 192 12.55 -38.70 8.49
N ILE B 193 12.31 -38.54 7.17
CA ILE B 193 13.12 -37.66 6.33
C ILE B 193 12.94 -36.21 6.75
N ILE B 194 11.73 -35.84 7.15
CA ILE B 194 11.48 -34.50 7.67
C ILE B 194 12.22 -34.29 8.99
N ASP B 195 12.32 -35.32 9.81
CA ASP B 195 13.10 -35.18 11.04
C ASP B 195 14.60 -35.06 10.75
N ILE B 196 15.10 -35.75 9.72
CA ILE B 196 16.50 -35.54 9.29
C ILE B 196 16.72 -34.11 8.85
N LEU B 197 15.81 -33.60 8.01
CA LEU B 197 15.96 -32.24 7.50
C LEU B 197 15.84 -31.21 8.62
N SER B 198 14.97 -31.47 9.60
CA SER B 198 14.81 -30.55 10.73
C SER B 198 16.04 -30.51 11.61
N ALA B 199 16.55 -31.70 12.00
CA ALA B 199 17.74 -31.77 12.84
C ALA B 199 18.97 -31.21 12.14
N LEU B 200 19.12 -31.53 10.85
CA LEU B 200 20.24 -30.99 10.07
C LEU B 200 20.12 -29.48 9.91
N ALA B 201 18.90 -28.96 9.76
CA ALA B 201 18.69 -27.53 9.60
C ALA B 201 19.06 -26.78 10.87
N THR B 202 18.59 -27.25 12.03
CA THR B 202 18.93 -26.52 13.26
C THR B 202 20.39 -26.69 13.63
N VAL B 203 20.99 -27.86 13.35
CA VAL B 203 22.41 -28.07 13.64
C VAL B 203 23.29 -27.20 12.74
N PHE B 204 22.97 -27.13 11.45
CA PHE B 204 23.79 -26.34 10.53
C PHE B 204 23.60 -24.85 10.75
N GLY B 205 22.38 -24.41 11.08
CA GLY B 205 22.17 -23.02 11.42
C GLY B 205 22.87 -22.60 12.69
N LEU B 206 22.83 -23.46 13.72
CA LEU B 206 23.54 -23.16 14.96
C LEU B 206 25.05 -23.18 14.77
N SER B 207 25.56 -24.06 13.90
CA SER B 207 26.99 -24.07 13.59
C SER B 207 27.39 -22.83 12.81
N THR B 208 26.52 -22.35 11.92
CA THR B 208 26.77 -21.10 11.20
C THR B 208 26.82 -19.91 12.17
N SER B 209 25.88 -19.87 13.13
CA SER B 209 25.89 -18.81 14.14
C SER B 209 27.11 -18.89 15.04
N LEU B 210 27.55 -20.11 15.38
CA LEU B 210 28.76 -20.32 16.17
C LEU B 210 29.99 -19.82 15.43
N GLY B 211 30.08 -20.11 14.13
CA GLY B 211 31.20 -19.63 13.33
C GLY B 211 31.22 -18.12 13.17
N LEU B 212 30.04 -17.51 12.99
CA LEU B 212 29.96 -16.06 12.90
C LEU B 212 30.37 -15.39 14.20
N GLY B 213 29.91 -15.93 15.33
CA GLY B 213 30.27 -15.38 16.63
C GLY B 213 31.75 -15.52 16.93
N VAL B 214 32.35 -16.65 16.56
CA VAL B 214 33.76 -16.82 16.86
C VAL B 214 34.65 -16.01 15.91
N ILE B 215 34.24 -15.78 14.65
CA ILE B 215 35.09 -14.93 13.82
C ILE B 215 34.93 -13.48 14.20
N GLN B 216 33.75 -13.08 14.71
CA GLN B 216 33.61 -11.72 15.23
C GLN B 216 34.44 -11.53 16.51
N ILE B 217 34.47 -12.55 17.38
CA ILE B 217 35.28 -12.48 18.60
C ILE B 217 36.77 -12.45 18.26
N THR B 218 37.19 -13.24 17.28
CA THR B 218 38.59 -13.26 16.84
C THR B 218 39.01 -11.93 16.25
N ALA B 219 38.16 -11.35 15.38
CA ALA B 219 38.46 -10.05 14.78
C ALA B 219 38.45 -8.94 15.83
N GLY B 220 37.55 -9.03 16.80
CA GLY B 220 37.51 -8.03 17.87
C GLY B 220 38.72 -8.10 18.77
N LEU B 221 39.18 -9.31 19.10
CA LEU B 221 40.38 -9.47 19.91
C LEU B 221 41.61 -8.98 19.16
N GLU B 222 41.69 -9.27 17.86
CA GLU B 222 42.81 -8.79 17.04
C GLU B 222 42.82 -7.28 16.92
N TYR B 223 41.63 -6.67 16.78
CA TYR B 223 41.56 -5.22 16.66
C TYR B 223 41.76 -4.53 18.01
N LEU B 224 41.40 -5.20 19.10
CA LEU B 224 41.50 -4.58 20.42
C LEU B 224 42.93 -4.67 20.97
N TYR B 225 43.49 -5.87 21.02
CA TYR B 225 44.75 -6.09 21.71
C TYR B 225 45.94 -6.31 20.79
N GLY B 226 45.72 -6.36 19.48
CA GLY B 226 46.82 -6.56 18.55
C GLY B 226 47.40 -7.95 18.55
N TRP B 227 46.63 -8.95 19.01
CA TRP B 227 47.11 -10.31 19.07
C TRP B 227 47.12 -10.95 17.68
N GLU B 228 47.71 -12.13 17.61
CA GLU B 228 47.60 -12.99 16.44
C GLU B 228 46.79 -14.23 16.84
N ILE B 229 46.05 -14.77 15.87
CA ILE B 229 45.14 -15.87 16.11
C ILE B 229 45.48 -17.01 15.16
N SER B 230 45.83 -18.16 15.73
CA SER B 230 46.01 -19.40 14.99
C SER B 230 44.65 -20.09 14.86
N PRO B 231 44.46 -20.97 13.87
CA PRO B 231 43.22 -21.77 13.82
C PRO B 231 43.05 -22.69 15.02
N MET B 232 44.16 -23.12 15.62
CA MET B 232 44.09 -23.95 16.81
C MET B 232 43.62 -23.15 18.03
N MET B 233 44.01 -21.87 18.12
CA MET B 233 43.44 -20.98 19.14
C MET B 233 41.95 -20.76 18.93
N GLN B 234 41.51 -20.63 17.67
CA GLN B 234 40.08 -20.52 17.37
C GLN B 234 39.34 -21.80 17.77
N ALA B 235 39.98 -22.95 17.52
CA ALA B 235 39.43 -24.23 17.98
C ALA B 235 39.34 -24.31 19.49
N GLY B 236 40.33 -23.74 20.19
CA GLY B 236 40.26 -23.64 21.64
C GLY B 236 39.14 -22.76 22.11
N ILE B 237 38.85 -21.67 21.38
CA ILE B 237 37.72 -20.81 21.73
C ILE B 237 36.40 -21.55 21.57
N ILE B 238 36.24 -22.30 20.46
CA ILE B 238 35.06 -23.16 20.27
C ILE B 238 34.94 -24.19 21.38
N LEU B 239 36.05 -24.86 21.72
CA LEU B 239 36.00 -25.92 22.73
C LEU B 239 35.67 -25.37 24.10
N PHE B 240 36.22 -24.21 24.45
CA PHE B 240 35.90 -23.56 25.73
C PHE B 240 34.44 -23.11 25.76
N VAL B 241 33.93 -22.58 24.66
CA VAL B 241 32.57 -22.05 24.63
C VAL B 241 31.55 -23.18 24.70
N ILE B 242 31.80 -24.29 24.00
CA ILE B 242 30.97 -25.47 24.13
C ILE B 242 31.09 -26.06 25.53
N GLY B 243 32.28 -25.97 26.14
CA GLY B 243 32.45 -26.48 27.50
C GLY B 243 31.64 -25.74 28.54
N ILE B 244 31.60 -24.41 28.46
CA ILE B 244 30.79 -23.62 29.40
C ILE B 244 29.30 -23.90 29.19
N ALA B 245 28.92 -24.21 27.95
CA ALA B 245 27.55 -24.61 27.67
C ALA B 245 27.22 -25.98 28.28
N THR B 246 28.17 -26.91 28.23
CA THR B 246 27.93 -28.26 28.76
C THR B 246 27.93 -28.28 30.28
N ILE B 247 28.68 -27.36 30.91
CA ILE B 247 28.62 -27.26 32.37
C ILE B 247 27.57 -26.20 32.73
N SER B 248 26.78 -25.77 31.73
CA SER B 248 25.54 -25.06 32.01
C SER B 248 24.37 -26.03 31.92
N VAL B 249 24.50 -27.05 31.06
CA VAL B 249 23.51 -28.11 30.97
C VAL B 249 23.49 -28.98 32.23
N PHE B 250 24.66 -29.26 32.81
CA PHE B 250 24.76 -30.17 33.95
C PHE B 250 24.09 -29.60 35.20
N SER B 251 23.75 -30.50 36.12
CA SER B 251 22.93 -30.16 37.29
C SER B 251 23.72 -29.39 38.34
N GLY B 252 23.09 -29.11 39.48
CA GLY B 252 23.67 -28.25 40.49
C GLY B 252 23.20 -26.82 40.31
N LEU B 253 23.53 -26.23 39.16
CA LEU B 253 23.02 -24.93 38.76
C LEU B 253 22.56 -25.00 37.32
N ASP B 254 21.54 -24.19 37.00
CA ASP B 254 21.01 -24.10 35.65
C ASP B 254 21.14 -22.66 35.18
N LYS B 255 21.70 -22.49 33.99
CA LYS B 255 21.80 -21.18 33.34
C LYS B 255 21.12 -21.28 31.99
N GLY B 256 20.02 -20.54 31.81
CA GLY B 256 19.39 -19.60 32.71
C GLY B 256 18.50 -20.12 33.85
N VAL B 257 17.40 -20.80 33.54
CA VAL B 257 16.78 -21.13 32.26
C VAL B 257 16.12 -19.89 31.65
N LYS B 258 15.84 -18.92 32.51
CA LYS B 258 15.38 -17.60 32.11
C LYS B 258 16.24 -16.47 32.68
N ILE B 259 17.10 -16.79 33.65
CA ILE B 259 17.92 -15.77 34.31
C ILE B 259 19.01 -15.24 33.39
N LEU B 260 19.72 -16.14 32.71
CA LEU B 260 20.75 -15.73 31.77
C LEU B 260 20.16 -14.99 30.57
N SER B 261 19.00 -15.44 30.08
CA SER B 261 18.33 -14.77 28.98
C SER B 261 17.86 -13.37 29.37
N ASN B 262 17.30 -13.22 30.58
CA ASN B 262 16.86 -11.90 31.04
C ASN B 262 18.04 -10.96 31.26
N ALA B 263 19.13 -11.47 31.83
CA ALA B 263 20.33 -10.66 32.03
C ALA B 263 20.97 -10.26 30.71
N ASN B 264 20.98 -11.17 29.74
CA ASN B 264 21.51 -10.88 28.41
C ASN B 264 20.66 -9.84 27.68
N MET B 265 19.32 -9.94 27.82
CA MET B 265 18.44 -8.93 27.24
C MET B 265 18.62 -7.58 27.91
N TYR B 266 18.83 -7.57 29.23
CA TYR B 266 19.05 -6.32 29.96
C TYR B 266 20.36 -5.64 29.54
N ILE B 267 21.44 -6.42 29.42
CA ILE B 267 22.71 -5.80 29.03
C ILE B 267 22.72 -5.44 27.56
N ALA B 268 21.95 -6.16 26.72
CA ALA B 268 21.83 -5.76 25.32
C ALA B 268 21.04 -4.46 25.19
N ALA B 269 19.98 -4.30 25.97
CA ALA B 269 19.22 -3.07 25.97
C ALA B 269 20.04 -1.91 26.51
N SER B 270 20.87 -2.17 27.52
CA SER B 270 21.77 -1.15 28.06
C SER B 270 22.83 -0.74 27.03
N PHE B 271 23.36 -1.71 26.29
CA PHE B 271 24.32 -1.42 25.23
C PHE B 271 23.70 -0.60 24.11
N MET B 272 22.47 -0.96 23.70
CA MET B 272 21.77 -0.22 22.66
C MET B 272 21.43 1.19 23.13
N LEU B 273 21.02 1.34 24.40
CA LEU B 273 20.74 2.66 24.94
C LEU B 273 22.00 3.50 25.08
N LEU B 274 23.14 2.88 25.38
CA LEU B 274 24.40 3.62 25.46
C LEU B 274 24.84 4.12 24.09
N ILE B 275 24.69 3.28 23.05
CA ILE B 275 25.00 3.72 21.68
C ILE B 275 24.00 4.79 21.23
N PHE B 276 22.73 4.66 21.63
CA PHE B 276 21.70 5.62 21.26
C PHE B 276 21.93 6.98 21.92
N ILE B 277 22.36 6.99 23.18
CA ILE B 277 22.58 8.24 23.89
C ILE B 277 23.89 8.88 23.47
N LEU B 278 24.99 8.12 23.48
CA LEU B 278 26.30 8.67 23.18
C LEU B 278 26.51 8.94 21.70
N GLY B 279 25.65 8.43 20.82
CA GLY B 279 25.74 8.73 19.41
C GLY B 279 24.83 9.87 19.01
N PRO B 280 24.60 10.03 17.70
CA PRO B 280 23.70 11.09 17.23
C PRO B 280 22.23 10.74 17.46
N THR B 281 21.71 11.04 18.65
CA THR B 281 20.40 10.57 19.07
C THR B 281 19.26 11.16 18.23
N LEU B 282 19.39 12.41 17.78
CA LEU B 282 18.35 13.03 16.96
C LEU B 282 18.31 12.41 15.58
N PHE B 283 19.49 12.21 14.97
CA PHE B 283 19.59 11.54 13.68
C PHE B 283 19.09 10.11 13.78
N ILE B 284 19.42 9.42 14.88
CA ILE B 284 18.99 8.03 15.05
C ILE B 284 17.48 7.94 15.16
N MET B 285 16.84 8.82 15.93
CA MET B 285 15.40 8.77 16.08
C MET B 285 14.67 9.17 14.79
N LYS B 286 15.13 10.24 14.14
CA LYS B 286 14.51 10.67 12.89
C LYS B 286 14.71 9.65 11.78
N GLY B 287 15.90 9.06 11.70
CA GLY B 287 16.13 8.01 10.73
C GLY B 287 15.39 6.73 11.05
N TYR B 288 15.12 6.47 12.33
CA TYR B 288 14.30 5.32 12.71
C TYR B 288 12.88 5.47 12.21
N VAL B 289 12.28 6.65 12.43
CA VAL B 289 10.91 6.91 11.97
C VAL B 289 10.86 6.90 10.45
N GLU B 290 11.81 7.59 9.79
CA GLU B 290 11.81 7.69 8.33
C GLU B 290 12.07 6.34 7.67
N ASN B 291 13.02 5.56 8.18
CA ASN B 291 13.35 4.28 7.56
C ASN B 291 12.29 3.22 7.84
N THR B 292 11.64 3.28 9.00
CA THR B 292 10.50 2.38 9.24
C THR B 292 9.34 2.70 8.31
N GLY B 293 9.06 4.00 8.11
CA GLY B 293 8.01 4.37 7.17
C GLY B 293 8.33 4.04 5.73
N ALA B 294 9.60 4.21 5.33
CA ALA B 294 10.00 3.88 3.97
C ALA B 294 10.06 2.38 3.74
N TYR B 295 10.38 1.61 4.77
CA TYR B 295 10.35 0.15 4.67
C TYR B 295 8.92 -0.37 4.59
N LEU B 296 7.99 0.29 5.30
CA LEU B 296 6.59 -0.09 5.16
C LEU B 296 6.00 0.37 3.84
N ALA B 297 6.48 1.50 3.30
CA ALA B 297 5.93 2.03 2.06
C ALA B 297 6.38 1.22 0.85
N ASN B 298 7.66 0.86 0.81
CA ASN B 298 8.23 0.08 -0.29
C ASN B 298 8.33 -1.39 0.07
N PHE B 299 7.35 -1.90 0.82
CA PHE B 299 7.41 -3.26 1.36
C PHE B 299 7.26 -4.31 0.26
N ILE B 300 6.23 -4.16 -0.58
CA ILE B 300 5.97 -5.15 -1.63
C ILE B 300 7.03 -5.06 -2.72
N ASP B 301 7.57 -3.86 -2.96
CA ASP B 301 8.55 -3.67 -4.04
C ASP B 301 9.88 -4.34 -3.71
N ILE B 302 10.32 -4.27 -2.45
CA ILE B 302 11.59 -4.88 -2.08
C ILE B 302 11.44 -6.27 -1.50
N SER B 303 10.21 -6.68 -1.14
CA SER B 303 10.01 -8.03 -0.62
C SER B 303 10.04 -9.08 -1.72
N THR B 304 9.63 -8.71 -2.93
CA THR B 304 9.55 -9.63 -4.06
C THR B 304 10.59 -9.32 -5.13
N TRP B 305 11.56 -8.47 -4.83
CA TRP B 305 12.58 -8.11 -5.80
C TRP B 305 13.54 -9.27 -5.98
N ASN B 306 13.67 -9.76 -7.21
CA ASN B 306 14.45 -10.95 -7.49
C ASN B 306 15.74 -10.68 -8.27
N ASP B 307 16.02 -9.40 -8.58
CA ASP B 307 17.23 -8.97 -9.32
C ASP B 307 17.34 -9.67 -10.67
N THR B 308 16.21 -9.82 -11.36
CA THR B 308 16.19 -10.63 -12.57
C THR B 308 16.79 -9.91 -13.77
N TYR B 309 16.56 -8.60 -13.90
CA TYR B 309 17.03 -7.89 -15.07
C TYR B 309 18.53 -7.62 -15.02
N LEU B 310 19.05 -7.20 -13.86
CA LEU B 310 20.47 -6.94 -13.73
C LEU B 310 21.27 -8.23 -13.70
N GLY B 311 20.83 -9.19 -12.89
CA GLY B 311 21.59 -10.42 -12.69
C GLY B 311 22.94 -10.21 -12.03
N SER B 312 23.04 -9.22 -11.14
CA SER B 312 24.32 -8.85 -10.56
C SER B 312 24.80 -9.83 -9.50
N GLY B 313 23.90 -10.66 -8.97
CA GLY B 313 24.29 -11.57 -7.91
C GLY B 313 24.48 -10.94 -6.56
N TRP B 314 23.87 -9.77 -6.32
CA TRP B 314 23.90 -9.20 -4.97
C TRP B 314 23.03 -10.02 -4.03
N GLN B 315 21.90 -10.52 -4.54
CA GLN B 315 20.98 -11.34 -3.74
C GLN B 315 21.63 -12.65 -3.32
N ASN B 316 22.62 -13.10 -4.10
CA ASN B 316 23.21 -14.43 -4.00
C ASN B 316 23.88 -14.65 -2.65
N VAL B 317 24.53 -13.62 -2.14
CA VAL B 317 25.32 -13.74 -0.91
C VAL B 317 24.53 -13.15 0.25
N TRP B 318 23.60 -12.23 -0.02
CA TRP B 318 22.90 -11.54 1.05
C TRP B 318 21.50 -12.09 1.33
N THR B 319 20.58 -11.97 0.38
CA THR B 319 19.20 -12.10 0.83
C THR B 319 18.68 -13.53 0.75
N ILE B 320 19.20 -14.35 -0.15
CA ILE B 320 18.78 -15.74 -0.18
C ILE B 320 19.51 -16.51 0.91
N PHE B 321 20.75 -16.11 1.22
CA PHE B 321 21.42 -16.60 2.41
C PHE B 321 20.66 -16.23 3.67
N TYR B 322 20.12 -15.01 3.71
CA TYR B 322 19.33 -14.60 4.88
C TYR B 322 18.05 -15.42 5.01
N TRP B 323 17.33 -15.62 3.89
CA TRP B 323 16.09 -16.38 3.98
C TRP B 323 16.35 -17.85 4.30
N ALA B 324 17.42 -18.42 3.75
CA ALA B 324 17.79 -19.79 4.13
C ALA B 324 18.29 -19.88 5.57
N TRP B 325 18.87 -18.80 6.10
CA TRP B 325 19.34 -18.80 7.47
C TRP B 325 18.19 -18.69 8.47
N TRP B 326 17.23 -17.81 8.21
CA TRP B 326 16.04 -17.72 9.07
C TRP B 326 15.16 -18.96 8.93
N ILE B 327 15.11 -19.56 7.75
CA ILE B 327 14.35 -20.79 7.55
C ILE B 327 15.05 -22.00 8.17
N ALA B 328 16.39 -22.02 8.18
CA ALA B 328 17.12 -23.13 8.80
C ALA B 328 17.12 -23.07 10.32
N TRP B 329 16.97 -21.89 10.92
CA TRP B 329 16.80 -21.78 12.37
C TRP B 329 15.38 -22.00 12.81
N SER B 330 14.45 -22.24 11.88
CA SER B 330 13.04 -22.36 12.24
C SER B 330 12.68 -23.52 13.16
N PRO B 331 13.20 -24.77 13.03
CA PRO B 331 12.87 -25.78 14.06
C PRO B 331 13.31 -25.41 15.47
N PHE B 332 14.53 -24.86 15.61
CA PHE B 332 15.02 -24.36 16.89
C PHE B 332 14.11 -23.31 17.51
N VAL B 333 13.95 -22.16 16.86
CA VAL B 333 13.21 -21.05 17.46
C VAL B 333 11.74 -21.38 17.54
N GLY B 334 11.20 -22.08 16.54
CA GLY B 334 9.78 -22.44 16.57
C GLY B 334 9.43 -23.41 17.68
N SER B 335 10.24 -24.46 17.87
CA SER B 335 10.01 -25.39 18.96
C SER B 335 10.21 -24.72 20.32
N PHE B 336 11.19 -23.82 20.43
CA PHE B 336 11.43 -23.17 21.71
C PHE B 336 10.31 -22.21 22.09
N ILE B 337 9.84 -21.39 21.14
CA ILE B 337 8.71 -20.50 21.41
C ILE B 337 7.43 -21.30 21.64
N ALA B 338 7.29 -22.45 20.99
CA ALA B 338 6.12 -23.31 21.21
C ALA B 338 6.10 -23.89 22.62
N ARG B 339 7.26 -24.32 23.14
CA ARG B 339 7.30 -24.71 24.55
C ARG B 339 7.19 -23.51 25.49
N ILE B 340 7.53 -22.30 25.03
CA ILE B 340 7.52 -21.15 25.92
C ILE B 340 6.08 -20.71 26.22
N SER B 341 5.26 -20.59 25.19
CA SER B 341 3.92 -20.02 25.32
C SER B 341 2.89 -21.14 25.37
N LYS B 342 2.11 -21.18 26.45
CA LYS B 342 1.17 -22.26 26.68
C LYS B 342 -0.30 -21.85 26.54
N GLY B 343 -0.61 -20.57 26.64
CA GLY B 343 -1.99 -20.14 26.58
C GLY B 343 -2.24 -18.84 25.85
N ARG B 344 -1.35 -18.48 24.93
CA ARG B 344 -1.50 -17.24 24.19
C ARG B 344 -2.58 -17.37 23.13
N THR B 345 -3.36 -16.31 22.96
CA THR B 345 -4.28 -16.18 21.84
C THR B 345 -3.47 -16.14 20.54
N VAL B 346 -3.98 -16.86 19.52
CA VAL B 346 -3.26 -17.06 18.26
C VAL B 346 -2.96 -15.73 17.57
N LYS B 347 -3.94 -14.83 17.52
CA LYS B 347 -3.70 -13.48 17.00
C LYS B 347 -2.71 -12.72 17.86
N GLU B 348 -2.87 -12.82 19.19
CA GLU B 348 -1.92 -12.21 20.12
C GLU B 348 -0.54 -12.85 20.02
N PHE B 349 -0.48 -14.16 19.76
CA PHE B 349 0.80 -14.84 19.58
C PHE B 349 1.53 -14.34 18.34
N VAL B 350 0.82 -14.26 17.20
CA VAL B 350 1.45 -13.82 15.96
C VAL B 350 1.87 -12.37 16.05
N LEU B 351 1.06 -11.54 16.72
CA LEU B 351 1.46 -10.14 16.95
C LEU B 351 2.68 -10.04 17.85
N GLY B 352 2.73 -10.80 18.93
CA GLY B 352 3.85 -10.73 19.86
C GLY B 352 5.11 -11.42 19.40
N VAL B 353 5.07 -12.22 18.34
CA VAL B 353 6.29 -12.80 17.78
C VAL B 353 6.71 -11.99 16.54
N LEU B 354 5.73 -11.39 15.85
CA LEU B 354 6.03 -10.71 14.60
C LEU B 354 6.32 -9.22 14.79
N ILE B 355 5.39 -8.47 15.38
CA ILE B 355 5.47 -7.02 15.37
C ILE B 355 6.50 -6.51 16.37
N VAL B 356 6.37 -6.91 17.64
CA VAL B 356 7.24 -6.39 18.69
C VAL B 356 8.71 -6.82 18.55
N PRO B 357 9.06 -8.09 18.32
CA PRO B 357 10.47 -8.39 18.07
C PRO B 357 10.98 -7.85 16.75
N GLY B 358 10.12 -7.76 15.74
CA GLY B 358 10.51 -7.12 14.50
C GLY B 358 10.79 -5.64 14.67
N LEU B 359 9.97 -4.95 15.46
CA LEU B 359 10.20 -3.53 15.71
C LEU B 359 11.43 -3.31 16.57
N ILE B 360 11.69 -4.22 17.52
CA ILE B 360 12.90 -4.10 18.35
C ILE B 360 14.16 -4.36 17.52
N THR B 361 14.11 -5.35 16.63
CA THR B 361 15.24 -5.61 15.74
C THR B 361 15.46 -4.47 14.75
N LEU B 362 14.38 -3.86 14.26
CA LEU B 362 14.52 -2.67 13.42
C LEU B 362 15.07 -1.48 14.21
N LEU B 363 14.73 -1.39 15.50
CA LEU B 363 15.29 -0.33 16.35
C LEU B 363 16.78 -0.52 16.54
N TRP B 364 17.23 -1.75 16.77
CA TRP B 364 18.67 -2.03 16.87
C TRP B 364 19.37 -1.75 15.55
N MET B 365 18.75 -2.15 14.44
CA MET B 365 19.31 -1.91 13.11
C MET B 365 19.44 -0.42 12.83
N ASN B 366 18.44 0.37 13.22
CA ASN B 366 18.51 1.81 13.02
C ASN B 366 19.56 2.45 13.93
N VAL B 367 19.59 2.05 15.20
CA VAL B 367 20.50 2.61 16.21
C VAL B 367 21.96 2.39 15.81
N PHE B 368 22.27 1.22 15.26
CA PHE B 368 23.65 1.00 14.85
C PHE B 368 23.92 1.46 13.42
N GLY B 369 23.14 0.98 12.44
CA GLY B 369 23.41 1.28 11.05
C GLY B 369 23.21 2.73 10.66
N GLY B 370 22.16 3.38 11.19
CA GLY B 370 21.94 4.79 10.88
C GLY B 370 23.02 5.68 11.48
N SER B 371 23.51 5.34 12.67
CA SER B 371 24.64 6.07 13.24
C SER B 371 25.91 5.85 12.44
N ALA B 372 26.13 4.63 11.96
CA ALA B 372 27.28 4.35 11.10
C ALA B 372 27.17 5.10 9.78
N LEU B 373 25.98 5.16 9.21
CA LEU B 373 25.78 5.90 7.96
C LEU B 373 25.87 7.40 8.17
N HIS B 374 25.51 7.90 9.36
CA HIS B 374 25.73 9.29 9.68
C HIS B 374 27.22 9.60 9.78
N THR B 375 27.99 8.68 10.38
CA THR B 375 29.45 8.86 10.44
C THR B 375 30.07 8.81 9.05
N ILE B 376 29.54 7.96 8.16
CA ILE B 376 30.07 7.88 6.81
C ILE B 376 29.70 9.13 6.01
N LEU B 377 28.44 9.56 6.09
CA LEU B 377 27.96 10.73 5.35
C LEU B 377 28.52 12.03 5.90
N SER B 378 29.03 12.04 7.14
CA SER B 378 29.75 13.20 7.63
C SER B 378 31.09 13.37 6.91
N GLY B 379 31.68 12.27 6.44
CA GLY B 379 32.94 12.34 5.72
C GLY B 379 33.92 11.26 6.12
N ASP B 380 33.72 10.68 7.29
CA ASP B 380 34.62 9.64 7.82
C ASP B 380 34.36 8.34 7.07
N VAL B 381 35.25 7.98 6.17
CA VAL B 381 35.06 6.81 5.31
C VAL B 381 36.00 5.69 5.72
N THR B 382 36.41 5.67 6.98
CA THR B 382 37.27 4.58 7.46
C THR B 382 36.49 3.28 7.63
N MET B 383 35.17 3.37 7.86
CA MET B 383 34.35 2.17 7.97
C MET B 383 34.21 1.47 6.63
N ILE B 384 34.24 2.23 5.53
CA ILE B 384 34.16 1.65 4.19
C ILE B 384 35.38 0.79 3.92
N ALA B 385 36.58 1.31 4.20
CA ALA B 385 37.79 0.55 4.01
C ALA B 385 37.91 -0.59 5.00
N ALA B 386 37.36 -0.42 6.22
CA ALA B 386 37.37 -1.51 7.19
C ALA B 386 36.48 -2.66 6.77
N VAL B 387 35.30 -2.36 6.23
CA VAL B 387 34.39 -3.39 5.75
C VAL B 387 34.96 -4.06 4.50
N LYS B 388 35.58 -3.26 3.62
CA LYS B 388 36.23 -3.82 2.44
C LYS B 388 37.45 -4.67 2.79
N ALA B 389 38.09 -4.43 3.94
CA ALA B 389 39.13 -5.33 4.40
C ALA B 389 38.55 -6.64 4.93
N ASP B 390 37.72 -6.56 5.97
CA ASP B 390 37.05 -7.72 6.54
C ASP B 390 35.77 -7.28 7.23
N VAL B 391 34.69 -8.00 6.95
CA VAL B 391 33.37 -7.64 7.47
C VAL B 391 33.20 -7.93 8.96
N SER B 392 34.12 -8.68 9.57
CA SER B 392 33.98 -9.04 10.97
C SER B 392 34.55 -7.99 11.91
N THR B 393 35.17 -6.93 11.40
CA THR B 393 35.76 -5.89 12.23
C THR B 393 34.92 -4.60 12.23
N ALA B 394 33.72 -4.64 11.64
CA ALA B 394 32.96 -3.42 11.40
C ALA B 394 32.43 -2.81 12.70
N LEU B 395 31.93 -3.66 13.61
CA LEU B 395 31.41 -3.17 14.89
C LEU B 395 32.50 -2.54 15.74
N PHE B 396 33.69 -3.15 15.75
CA PHE B 396 34.79 -2.63 16.56
C PHE B 396 35.41 -1.39 15.93
N VAL B 397 35.41 -1.30 14.59
CA VAL B 397 35.86 -0.06 13.94
C VAL B 397 34.87 1.07 14.21
N PHE B 398 33.56 0.76 14.23
CA PHE B 398 32.56 1.75 14.62
C PHE B 398 32.73 2.19 16.07
N LEU B 399 33.04 1.25 16.96
CA LEU B 399 33.26 1.60 18.36
C LEU B 399 34.59 2.30 18.59
N GLU B 400 35.51 2.24 17.63
CA GLU B 400 36.76 2.98 17.75
C GLU B 400 36.53 4.49 17.74
N ASN B 401 35.62 4.97 16.89
CA ASN B 401 35.28 6.39 16.86
C ASN B 401 34.08 6.68 17.77
N PHE B 402 34.26 6.34 19.05
CA PHE B 402 33.19 6.37 20.03
C PHE B 402 33.85 6.52 21.39
N PRO B 403 33.25 7.29 22.31
CA PRO B 403 33.80 7.36 23.67
C PRO B 403 33.65 6.02 24.39
N PHE B 404 34.62 5.76 25.28
CA PHE B 404 34.79 4.47 25.97
C PHE B 404 34.85 3.31 24.99
N THR B 405 35.90 3.34 24.16
CA THR B 405 36.04 2.36 23.08
C THR B 405 36.33 0.96 23.62
N LYS B 406 37.28 0.86 24.55
CA LYS B 406 37.69 -0.45 25.08
C LYS B 406 36.57 -1.09 25.91
N PHE B 407 35.89 -0.28 26.74
CA PHE B 407 34.80 -0.79 27.57
C PHE B 407 33.63 -1.25 26.72
N LEU B 408 33.28 -0.49 25.69
CA LEU B 408 32.17 -0.89 24.81
C LEU B 408 32.55 -2.10 23.96
N SER B 409 33.81 -2.24 23.58
CA SER B 409 34.24 -3.42 22.85
C SER B 409 34.21 -4.67 23.72
N ILE B 410 34.61 -4.54 24.99
CA ILE B 410 34.53 -5.65 25.93
C ILE B 410 33.07 -6.02 26.21
N VAL B 411 32.19 -5.01 26.33
CA VAL B 411 30.76 -5.25 26.52
C VAL B 411 30.16 -5.95 25.30
N ALA B 412 30.60 -5.55 24.09
CA ALA B 412 30.14 -6.21 22.87
C ALA B 412 30.61 -7.66 22.80
N ILE B 413 31.85 -7.93 23.20
CA ILE B 413 32.37 -9.29 23.20
C ILE B 413 31.60 -10.17 24.19
N ILE B 414 31.31 -9.63 25.39
CA ILE B 414 30.53 -10.38 26.38
C ILE B 414 29.09 -10.59 25.88
N LEU B 415 28.55 -9.61 25.15
CA LEU B 415 27.22 -9.75 24.58
C LEU B 415 27.18 -10.84 23.51
N ILE B 416 28.20 -10.91 22.67
CA ILE B 416 28.33 -11.99 21.68
C ILE B 416 28.44 -13.33 22.39
N PHE B 417 29.23 -13.37 23.47
CA PHE B 417 29.46 -14.58 24.26
C PHE B 417 28.16 -15.13 24.83
N SER B 418 27.35 -14.24 25.42
CA SER B 418 26.04 -14.63 25.94
C SER B 418 25.11 -15.06 24.81
N PHE B 419 25.17 -14.36 23.67
CA PHE B 419 24.30 -14.65 22.53
C PHE B 419 24.55 -16.03 21.95
N PHE B 420 25.81 -16.46 21.87
CA PHE B 420 26.11 -17.76 21.31
C PHE B 420 26.47 -18.81 22.36
N ILE B 421 26.24 -18.53 23.64
CA ILE B 421 26.08 -19.62 24.59
C ILE B 421 24.60 -19.93 24.85
N THR B 422 23.71 -18.93 24.76
CA THR B 422 22.30 -19.16 25.07
C THR B 422 21.61 -19.96 23.96
N SER B 423 21.91 -19.64 22.71
CA SER B 423 21.33 -20.37 21.58
C SER B 423 21.81 -21.82 21.55
N SER B 424 23.09 -22.05 21.85
CA SER B 424 23.61 -23.41 21.92
C SER B 424 22.98 -24.21 23.06
N ASP B 425 22.80 -23.56 24.22
CA ASP B 425 22.17 -24.22 25.37
C ASP B 425 20.72 -24.57 25.06
N SER B 426 19.98 -23.68 24.39
CA SER B 426 18.62 -24.00 24.03
C SER B 426 18.52 -24.92 22.82
N GLY B 427 19.59 -25.05 22.03
CA GLY B 427 19.54 -25.86 20.83
C GLY B 427 19.94 -27.30 21.03
N SER B 428 20.79 -27.57 22.03
CA SER B 428 21.10 -28.94 22.39
C SER B 428 19.85 -29.69 22.83
N LEU B 429 18.99 -29.02 23.62
CA LEU B 429 17.73 -29.60 24.04
C LEU B 429 16.79 -29.84 22.86
N VAL B 430 16.76 -28.92 21.89
CA VAL B 430 15.86 -29.04 20.75
C VAL B 430 16.30 -30.19 19.84
N VAL B 431 17.60 -30.30 19.56
CA VAL B 431 18.13 -31.39 18.75
C VAL B 431 17.92 -32.72 19.46
N ASP B 432 18.11 -32.74 20.79
CA ASP B 432 17.89 -33.96 21.56
C ASP B 432 16.42 -34.39 21.56
N ASN B 433 15.50 -33.43 21.65
CA ASN B 433 14.07 -33.77 21.62
C ASN B 433 13.63 -34.22 20.23
N ILE B 434 14.23 -33.65 19.18
CA ILE B 434 13.88 -34.08 17.82
C ILE B 434 14.43 -35.47 17.53
N THR B 435 15.69 -35.71 17.92
CA THR B 435 16.37 -36.96 17.54
C THR B 435 15.94 -38.15 18.41
N SER B 436 15.21 -37.93 19.50
CA SER B 436 14.75 -39.01 20.36
C SER B 436 13.26 -39.30 20.25
N GLY B 437 12.47 -38.32 19.84
CA GLY B 437 11.03 -38.50 19.73
C GLY B 437 10.27 -38.37 21.02
N SER B 438 10.92 -38.02 22.12
CA SER B 438 10.27 -37.86 23.40
C SER B 438 10.81 -36.63 24.10
N ASN B 439 9.99 -36.05 24.96
CA ASN B 439 10.39 -34.86 25.70
C ASN B 439 11.25 -35.25 26.90
N GLY B 440 12.49 -34.76 26.92
CA GLY B 440 13.43 -35.07 27.98
C GLY B 440 13.81 -36.53 28.04
N GLU B 441 14.02 -37.04 29.27
CA GLU B 441 14.31 -38.43 29.65
C GLU B 441 15.32 -39.15 28.75
N SER B 442 16.34 -38.42 28.30
CA SER B 442 17.23 -38.95 27.27
C SER B 442 18.27 -39.97 27.74
N PRO B 443 19.05 -39.78 28.84
CA PRO B 443 19.25 -38.66 29.79
C PRO B 443 20.37 -37.75 29.31
N VAL B 444 20.98 -36.93 30.17
CA VAL B 444 21.98 -35.97 29.69
C VAL B 444 23.26 -36.79 29.53
N TRP B 445 23.45 -37.29 28.32
CA TRP B 445 24.74 -37.81 27.86
C TRP B 445 24.95 -37.33 26.43
N GLN B 446 23.85 -37.09 25.73
CA GLN B 446 23.88 -36.72 24.32
C GLN B 446 23.56 -35.26 24.05
N ARG B 447 23.12 -34.50 25.05
CA ARG B 447 23.10 -33.05 24.88
C ARG B 447 24.52 -32.49 24.78
N VAL B 448 25.41 -33.00 25.63
CA VAL B 448 26.84 -32.68 25.53
C VAL B 448 27.41 -33.14 24.20
N PHE B 449 27.01 -34.33 23.75
CA PHE B 449 27.49 -34.86 22.47
C PHE B 449 26.98 -34.04 21.30
N TRP B 450 25.73 -33.56 21.35
CA TRP B 450 25.22 -32.77 20.25
C TRP B 450 25.82 -31.37 20.23
N SER B 451 26.10 -30.81 21.42
CA SER B 451 26.83 -29.54 21.48
C SER B 451 28.25 -29.69 20.94
N PHE B 452 28.90 -30.82 21.24
CA PHE B 452 30.23 -31.09 20.71
C PHE B 452 30.20 -31.29 19.20
N ALA B 453 29.15 -31.94 18.69
CA ALA B 453 29.01 -32.11 17.24
C ALA B 453 28.76 -30.78 16.54
N GLN B 454 27.95 -29.92 17.18
CA GLN B 454 27.75 -28.55 16.70
C GLN B 454 29.07 -27.79 16.61
N GLY B 455 29.87 -27.88 17.68
CA GLY B 455 31.17 -27.25 17.68
C GLY B 455 32.11 -27.80 16.62
N ILE B 456 32.15 -29.13 16.46
CA ILE B 456 33.04 -29.78 15.50
C ILE B 456 32.65 -29.43 14.07
N ILE B 457 31.34 -29.34 13.79
CA ILE B 457 30.86 -28.91 12.49
C ILE B 457 31.27 -27.45 12.23
N ALA B 458 31.25 -26.62 13.28
CA ALA B 458 31.74 -25.25 13.14
C ALA B 458 33.24 -25.21 12.83
N ILE B 459 34.04 -26.09 13.46
CA ILE B 459 35.47 -26.15 13.19
C ILE B 459 35.73 -26.54 11.74
N VAL B 460 35.06 -27.59 11.26
CA VAL B 460 35.37 -28.06 9.91
C VAL B 460 34.80 -27.11 8.86
N LEU B 461 33.73 -26.40 9.17
CA LEU B 461 33.21 -25.42 8.23
C LEU B 461 34.11 -24.18 8.18
N LEU B 462 34.73 -23.81 9.30
CA LEU B 462 35.64 -22.66 9.27
C LEU B 462 37.02 -23.01 8.71
N TRP B 463 37.47 -24.26 8.87
CA TRP B 463 38.77 -24.63 8.33
C TRP B 463 38.71 -24.86 6.82
N GLY B 464 37.58 -25.35 6.32
CA GLY B 464 37.43 -25.58 4.89
C GLY B 464 36.70 -24.48 4.17
N GLY B 465 36.97 -23.24 4.54
CA GLY B 465 36.31 -22.10 3.94
C GLY B 465 35.93 -21.04 4.96
N GLY B 466 35.74 -19.80 4.52
CA GLY B 466 35.45 -18.72 5.45
C GLY B 466 33.96 -18.54 5.68
N LEU B 467 33.43 -17.39 5.28
CA LEU B 467 31.99 -17.15 5.34
C LEU B 467 31.26 -18.08 4.38
N ASP B 468 31.86 -18.35 3.22
CA ASP B 468 31.17 -19.00 2.11
C ASP B 468 30.83 -20.45 2.41
N ALA B 469 31.63 -21.13 3.24
CA ALA B 469 31.29 -22.50 3.61
C ALA B 469 30.08 -22.56 4.53
N LEU B 470 29.98 -21.63 5.48
CA LEU B 470 28.82 -21.55 6.35
C LEU B 470 27.56 -21.18 5.57
N GLN B 471 27.68 -20.22 4.65
CA GLN B 471 26.55 -19.84 3.79
C GLN B 471 26.14 -21.00 2.89
N THR B 472 27.12 -21.76 2.38
CA THR B 472 26.86 -22.93 1.55
C THR B 472 26.07 -23.97 2.31
N ALA B 473 26.54 -24.30 3.53
CA ALA B 473 25.88 -25.33 4.33
C ALA B 473 24.46 -24.93 4.70
N VAL B 474 24.27 -23.66 5.13
CA VAL B 474 22.95 -23.23 5.56
C VAL B 474 21.98 -23.10 4.38
N ILE B 475 22.46 -22.72 3.19
CA ILE B 475 21.60 -22.62 2.01
C ILE B 475 21.20 -24.00 1.52
N ILE B 476 22.14 -24.95 1.54
CA ILE B 476 21.86 -26.33 1.12
C ILE B 476 20.85 -26.98 2.05
N THR B 477 20.97 -26.80 3.36
CA THR B 477 19.96 -27.44 4.21
C THR B 477 18.66 -26.66 4.23
N GLY B 478 18.67 -25.37 3.88
CA GLY B 478 17.44 -24.63 3.82
C GLY B 478 16.67 -24.73 2.53
N LEU B 479 17.27 -25.33 1.49
CA LEU B 479 16.55 -25.52 0.24
C LEU B 479 15.31 -26.44 0.32
N PRO B 480 15.35 -27.66 0.91
CA PRO B 480 14.09 -28.43 0.99
C PRO B 480 13.13 -27.94 2.07
N PHE B 481 13.61 -27.11 3.00
CA PHE B 481 12.70 -26.53 3.97
C PHE B 481 11.75 -25.51 3.38
N ALA B 482 11.95 -25.04 2.15
CA ALA B 482 10.93 -24.22 1.49
C ALA B 482 9.66 -25.03 1.24
N VAL B 483 9.79 -26.22 0.66
CA VAL B 483 8.61 -27.06 0.45
C VAL B 483 8.11 -27.60 1.79
N ILE B 484 9.01 -27.82 2.76
CA ILE B 484 8.56 -28.28 4.08
C ILE B 484 7.72 -27.22 4.77
N LEU B 485 8.12 -25.95 4.68
CA LEU B 485 7.35 -24.87 5.31
C LEU B 485 6.08 -24.55 4.55
N LEU B 486 6.04 -24.75 3.22
CA LEU B 486 4.80 -24.56 2.49
C LEU B 486 3.77 -25.63 2.84
N VAL B 487 4.21 -26.90 2.92
CA VAL B 487 3.33 -27.98 3.36
C VAL B 487 2.92 -27.77 4.81
N MET B 488 3.82 -27.23 5.63
CA MET B 488 3.52 -26.86 7.01
C MET B 488 2.44 -25.79 7.10
N CYS B 489 2.50 -24.78 6.23
CA CYS B 489 1.49 -23.72 6.25
C CYS B 489 0.12 -24.26 5.83
N TYR B 490 0.08 -25.11 4.79
CA TYR B 490 -1.19 -25.68 4.36
C TYR B 490 -1.76 -26.61 5.43
N SER B 491 -0.89 -27.38 6.08
CA SER B 491 -1.34 -28.29 7.15
C SER B 491 -1.81 -27.51 8.37
N LEU B 492 -1.17 -26.38 8.67
CA LEU B 492 -1.64 -25.53 9.78
C LEU B 492 -2.99 -24.92 9.47
N GLN B 493 -3.21 -24.52 8.20
CA GLN B 493 -4.53 -24.00 7.82
C GLN B 493 -5.61 -25.07 7.93
N LYS B 494 -5.30 -26.30 7.49
CA LYS B 494 -6.27 -27.39 7.61
C LYS B 494 -6.52 -27.76 9.07
N GLY B 495 -5.49 -27.73 9.91
CA GLY B 495 -5.67 -28.01 11.32
C GLY B 495 -6.47 -26.95 12.04
N LEU B 496 -6.27 -25.68 11.70
CA LEU B 496 -7.05 -24.61 12.31
C LEU B 496 -8.50 -24.64 11.82
N LYS B 497 -8.73 -25.01 10.55
CA LYS B 497 -10.09 -25.16 10.06
C LYS B 497 -10.79 -26.35 10.70
N GLU B 498 -10.05 -27.42 11.01
CA GLU B 498 -10.63 -28.56 11.70
C GLU B 498 -10.94 -28.23 13.16
N GLU B 499 -10.03 -27.51 13.83
CA GLU B 499 -10.20 -27.20 15.24
C GLU B 499 -11.28 -26.15 15.48
N LEU B 500 -11.37 -25.14 14.61
CA LEU B 500 -12.35 -24.08 14.80
C LEU B 500 -13.78 -24.57 14.58
N ALA B 501 -13.96 -25.61 13.76
CA ALA B 501 -15.28 -26.21 13.60
C ALA B 501 -15.65 -27.14 14.74
N LYS B 502 -14.70 -27.48 15.62
CA LYS B 502 -14.98 -28.36 16.75
C LYS B 502 -15.58 -27.63 17.93
N SER B 503 -15.62 -26.30 17.89
CA SER B 503 -16.16 -25.52 19.01
C SER B 503 -17.69 -25.56 18.99
N SER B 504 -18.26 -26.65 19.51
CA SER B 504 -19.70 -26.92 19.60
C SER B 504 -20.42 -26.80 18.25
N LEU C 11 -40.64 -16.69 -37.15
CA LEU C 11 -40.30 -15.64 -38.09
C LEU C 11 -39.33 -14.64 -37.46
N VAL C 12 -39.75 -13.38 -37.39
CA VAL C 12 -38.93 -12.33 -36.79
C VAL C 12 -39.62 -11.82 -35.54
N ILE C 13 -38.87 -11.72 -34.44
CA ILE C 13 -39.37 -11.09 -33.22
C ILE C 13 -38.56 -9.82 -32.99
N ASN C 14 -39.23 -8.75 -32.55
CA ASN C 14 -38.53 -7.49 -32.40
C ASN C 14 -39.16 -6.55 -31.38
N PRO C 15 -38.41 -6.17 -30.36
CA PRO C 15 -38.63 -4.88 -29.71
C PRO C 15 -38.15 -3.75 -30.63
N PRO C 16 -38.37 -2.45 -30.29
CA PRO C 16 -37.77 -1.41 -31.13
C PRO C 16 -36.28 -1.18 -30.88
N VAL C 17 -35.62 -2.12 -30.20
CA VAL C 17 -34.19 -2.17 -30.01
C VAL C 17 -33.53 -2.85 -31.21
N PHE C 18 -34.33 -3.44 -32.10
CA PHE C 18 -33.79 -4.20 -33.21
C PHE C 18 -33.60 -3.30 -34.43
N ILE C 19 -34.68 -2.65 -34.86
CA ILE C 19 -34.75 -1.93 -36.12
C ILE C 19 -33.80 -0.74 -36.09
N THR C 20 -33.79 0.01 -34.99
CA THR C 20 -32.91 1.17 -34.93
C THR C 20 -31.45 0.77 -34.70
N SER C 21 -31.20 -0.43 -34.16
CA SER C 21 -29.82 -0.93 -34.10
C SER C 21 -29.31 -1.27 -35.49
N ILE C 22 -30.15 -1.94 -36.29
CA ILE C 22 -29.79 -2.23 -37.69
C ILE C 22 -29.62 -0.94 -38.48
N LEU C 23 -30.49 0.05 -38.20
CA LEU C 23 -30.39 1.36 -38.86
C LEU C 23 -29.10 2.09 -38.48
N LEU C 24 -28.69 2.02 -37.20
CA LEU C 24 -27.44 2.65 -36.79
C LEU C 24 -26.23 1.93 -37.39
N ILE C 25 -26.30 0.60 -37.48
CA ILE C 25 -25.21 -0.17 -38.08
C ILE C 25 -25.06 0.16 -39.56
N VAL C 26 -26.17 0.17 -40.30
CA VAL C 26 -26.07 0.51 -41.72
C VAL C 26 -25.80 2.00 -41.93
N ALA C 27 -26.15 2.86 -40.97
CA ALA C 27 -25.78 4.26 -41.05
C ALA C 27 -24.27 4.43 -40.95
N LEU C 28 -23.64 3.69 -40.05
CA LEU C 28 -22.17 3.71 -40.00
C LEU C 28 -21.56 3.03 -41.23
N ILE C 29 -22.28 2.06 -41.81
CA ILE C 29 -21.80 1.41 -43.04
C ILE C 29 -21.74 2.41 -44.19
N LEU C 30 -22.84 3.14 -44.44
CA LEU C 30 -22.81 4.16 -45.50
C LEU C 30 -22.00 5.39 -45.10
N THR C 31 -21.72 5.59 -43.81
CA THR C 31 -20.70 6.56 -43.43
C THR C 31 -19.32 6.11 -43.87
N CYS C 32 -19.06 4.80 -43.84
CA CYS C 32 -17.74 4.28 -44.15
C CYS C 32 -17.61 3.71 -45.56
N VAL C 33 -18.65 3.76 -46.38
CA VAL C 33 -18.51 3.34 -47.77
C VAL C 33 -18.92 4.42 -48.78
N LEU C 34 -19.81 5.36 -48.44
CA LEU C 34 -20.10 6.48 -49.32
C LEU C 34 -19.20 7.67 -49.06
N PHE C 35 -18.42 7.63 -47.98
CA PHE C 35 -17.41 8.66 -47.68
C PHE C 35 -16.11 7.90 -47.46
N PRO C 36 -15.45 7.45 -48.55
CA PRO C 36 -14.28 6.57 -48.37
C PRO C 36 -13.04 7.32 -47.91
N GLU C 37 -12.80 8.52 -48.42
CA GLU C 37 -11.63 9.29 -48.02
C GLU C 37 -11.95 10.32 -46.94
N LYS C 38 -13.23 10.60 -46.70
CA LYS C 38 -13.62 11.58 -45.70
C LYS C 38 -13.82 10.98 -44.32
N VAL C 39 -13.79 9.65 -44.20
CA VAL C 39 -13.88 8.99 -42.91
C VAL C 39 -12.52 8.67 -42.32
N GLY C 40 -11.45 8.72 -43.12
CA GLY C 40 -10.12 8.50 -42.60
C GLY C 40 -9.55 9.66 -41.79
N VAL C 41 -10.21 10.82 -41.83
CA VAL C 41 -9.83 11.95 -41.01
C VAL C 41 -10.90 12.29 -39.97
N TRP C 42 -12.15 11.87 -40.17
CA TRP C 42 -13.18 12.08 -39.15
C TRP C 42 -13.03 11.12 -37.99
N PHE C 43 -12.69 9.86 -38.28
CA PHE C 43 -12.58 8.85 -37.22
C PHE C 43 -11.44 9.09 -36.22
N PRO C 44 -10.17 9.31 -36.61
CA PRO C 44 -9.15 9.50 -35.56
C PRO C 44 -9.25 10.82 -34.83
N ALA C 45 -9.76 11.86 -35.48
CA ALA C 45 -9.97 13.15 -34.80
C ALA C 45 -11.06 13.04 -33.74
N ALA C 46 -12.18 12.39 -34.07
CA ALA C 46 -13.25 12.20 -33.09
C ALA C 46 -12.83 11.27 -31.96
N GLN C 47 -12.07 10.22 -32.30
CA GLN C 47 -11.56 9.30 -31.28
C GLN C 47 -10.61 10.03 -30.34
N LEU C 48 -9.69 10.84 -30.89
CA LEU C 48 -8.73 11.58 -30.10
C LEU C 48 -9.40 12.62 -29.21
N ALA C 49 -10.43 13.30 -29.73
CA ALA C 49 -11.17 14.27 -28.93
C ALA C 49 -11.89 13.58 -27.77
N VAL C 50 -12.53 12.44 -28.03
CA VAL C 50 -13.26 11.73 -27.00
C VAL C 50 -12.33 11.21 -25.91
N THR C 51 -11.18 10.63 -26.30
CA THR C 51 -10.28 10.10 -25.28
C THR C 51 -9.52 11.22 -24.55
N SER C 52 -9.21 12.33 -25.23
CA SER C 52 -8.50 13.42 -24.57
C SER C 52 -9.43 14.17 -23.62
N ASN C 53 -10.73 14.12 -23.87
CA ASN C 53 -11.65 14.76 -22.95
C ASN C 53 -12.21 13.83 -21.87
N PHE C 54 -12.10 12.50 -22.03
CA PHE C 54 -12.69 11.62 -21.04
C PHE C 54 -11.78 10.46 -20.61
N GLY C 55 -10.46 10.60 -20.76
CA GLY C 55 -9.55 9.59 -20.24
C GLY C 55 -9.57 9.53 -18.73
N TRP C 56 -9.70 10.69 -18.08
CA TRP C 56 -9.85 10.73 -16.63
C TRP C 56 -11.12 10.01 -16.18
N PHE C 57 -12.18 10.11 -16.98
CA PHE C 57 -13.44 9.45 -16.64
C PHE C 57 -13.34 7.95 -16.84
N PHE C 58 -12.65 7.50 -17.89
CA PHE C 58 -12.40 6.07 -18.08
C PHE C 58 -11.57 5.49 -16.94
N VAL C 59 -10.53 6.23 -16.52
CA VAL C 59 -9.67 5.78 -15.42
C VAL C 59 -10.45 5.72 -14.11
N VAL C 60 -11.28 6.74 -13.86
CA VAL C 60 -12.10 6.79 -12.65
C VAL C 60 -13.12 5.66 -12.63
N THR C 61 -13.75 5.39 -13.77
CA THR C 61 -14.75 4.32 -13.87
C THR C 61 -14.12 2.95 -13.62
N VAL C 62 -12.97 2.69 -14.24
CA VAL C 62 -12.33 1.38 -14.09
C VAL C 62 -11.81 1.19 -12.66
N ASN C 63 -11.23 2.24 -12.06
CA ASN C 63 -10.75 2.14 -10.69
C ASN C 63 -11.88 1.98 -9.68
N VAL C 64 -12.98 2.70 -9.88
CA VAL C 64 -14.15 2.59 -9.00
C VAL C 64 -14.77 1.20 -9.11
N ILE C 65 -14.83 0.66 -10.32
CA ILE C 65 -15.33 -0.69 -10.55
C ILE C 65 -14.45 -1.74 -9.85
N LEU C 66 -13.12 -1.58 -9.92
CA LEU C 66 -12.23 -2.55 -9.30
C LEU C 66 -12.29 -2.49 -7.77
N ILE C 67 -12.30 -1.28 -7.20
CA ILE C 67 -12.37 -1.19 -5.74
C ILE C 67 -13.76 -1.59 -5.25
N PHE C 68 -14.80 -1.45 -6.08
CA PHE C 68 -16.10 -1.97 -5.73
C PHE C 68 -16.13 -3.49 -5.77
N ALA C 69 -15.36 -4.11 -6.69
CA ALA C 69 -15.24 -5.56 -6.70
C ALA C 69 -14.53 -6.07 -5.46
N ILE C 70 -13.47 -5.39 -5.04
CA ILE C 70 -12.75 -5.76 -3.83
C ILE C 70 -13.64 -5.61 -2.60
N TYR C 71 -14.39 -4.50 -2.53
CA TYR C 71 -15.31 -4.27 -1.42
C TYR C 71 -16.44 -5.29 -1.39
N LEU C 72 -17.01 -5.63 -2.55
CA LEU C 72 -18.11 -6.59 -2.57
C LEU C 72 -17.65 -8.01 -2.31
N ALA C 73 -16.39 -8.32 -2.62
CA ALA C 73 -15.87 -9.64 -2.28
C ALA C 73 -15.51 -9.74 -0.81
N PHE C 74 -14.97 -8.68 -0.21
CA PHE C 74 -14.39 -8.74 1.13
C PHE C 74 -15.28 -8.08 2.18
N SER C 75 -16.59 -8.25 2.09
CA SER C 75 -17.49 -7.68 3.08
C SER C 75 -18.64 -8.65 3.31
N LYS C 76 -19.67 -8.18 4.02
CA LYS C 76 -20.83 -9.00 4.34
C LYS C 76 -21.72 -9.26 3.13
N PHE C 77 -21.56 -8.50 2.04
CA PHE C 77 -22.28 -8.79 0.81
C PHE C 77 -21.75 -10.01 0.08
N GLY C 78 -20.57 -10.50 0.45
CA GLY C 78 -20.00 -11.68 -0.18
C GLY C 78 -20.56 -12.99 0.30
N ARG C 79 -21.41 -12.99 1.33
CA ARG C 79 -22.01 -14.21 1.82
C ARG C 79 -23.22 -14.65 1.00
N ILE C 80 -23.69 -13.81 0.08
CA ILE C 80 -24.83 -14.17 -0.77
C ILE C 80 -24.39 -15.22 -1.78
N ARG C 81 -25.29 -16.15 -2.09
CA ARG C 81 -25.06 -17.19 -3.09
C ARG C 81 -26.05 -16.99 -4.22
N LEU C 82 -25.54 -17.04 -5.46
CA LEU C 82 -26.39 -16.81 -6.61
C LEU C 82 -27.38 -17.96 -6.80
N GLY C 83 -28.60 -17.62 -7.20
CA GLY C 83 -29.64 -18.62 -7.34
C GLY C 83 -30.20 -19.13 -6.04
N GLY C 84 -30.06 -18.38 -4.95
CA GLY C 84 -30.52 -18.82 -3.66
C GLY C 84 -29.50 -19.71 -2.96
N ASP C 85 -29.78 -19.99 -1.68
CA ASP C 85 -28.87 -20.80 -0.88
C ASP C 85 -28.95 -22.28 -1.24
N ASP C 86 -29.99 -22.72 -1.92
CA ASP C 86 -30.14 -24.13 -2.27
C ASP C 86 -29.49 -24.49 -3.61
N ALA C 87 -28.96 -23.51 -4.32
CA ALA C 87 -28.38 -23.77 -5.64
C ALA C 87 -27.03 -24.46 -5.52
N GLU C 88 -26.65 -25.15 -6.60
CA GLU C 88 -25.39 -25.87 -6.70
C GLU C 88 -24.54 -25.28 -7.82
N PRO C 89 -23.20 -25.39 -7.74
CA PRO C 89 -22.35 -24.81 -8.80
C PRO C 89 -22.49 -25.49 -10.15
N GLU C 90 -22.44 -26.82 -10.19
CA GLU C 90 -22.83 -27.68 -11.33
C GLU C 90 -21.87 -27.59 -12.52
N PHE C 91 -20.88 -26.69 -12.51
CA PHE C 91 -19.98 -26.59 -13.65
C PHE C 91 -18.53 -26.98 -13.40
N THR C 92 -18.20 -27.60 -12.25
CA THR C 92 -16.91 -28.28 -12.01
C THR C 92 -15.72 -27.34 -12.16
N LYS C 93 -15.57 -26.46 -11.15
CA LYS C 93 -14.81 -25.20 -11.12
C LYS C 93 -13.52 -25.14 -11.91
N ALA C 94 -12.76 -26.24 -11.93
CA ALA C 94 -11.55 -26.32 -12.74
C ALA C 94 -11.88 -26.22 -14.24
N SER C 95 -12.98 -26.82 -14.67
CA SER C 95 -13.45 -26.62 -16.04
C SER C 95 -14.13 -25.26 -16.21
N TRP C 96 -14.69 -24.71 -15.14
CA TRP C 96 -15.34 -23.41 -15.20
C TRP C 96 -14.34 -22.29 -15.48
N PHE C 97 -13.15 -22.37 -14.88
CA PHE C 97 -12.09 -21.39 -15.15
C PHE C 97 -11.66 -21.42 -16.61
N ALA C 98 -11.48 -22.63 -17.16
CA ALA C 98 -11.10 -22.79 -18.56
C ALA C 98 -12.19 -22.30 -19.50
N MET C 99 -13.45 -22.61 -19.19
CA MET C 99 -14.55 -22.23 -20.06
C MET C 99 -14.81 -20.73 -20.03
N LEU C 100 -14.62 -20.07 -18.88
CA LEU C 100 -14.74 -18.62 -18.85
C LEU C 100 -13.53 -17.94 -19.47
N PHE C 101 -12.36 -18.58 -19.41
CA PHE C 101 -11.17 -17.97 -20.01
C PHE C 101 -11.17 -18.05 -21.53
N SER C 102 -11.67 -19.16 -22.09
CA SER C 102 -11.58 -19.34 -23.54
C SER C 102 -12.52 -18.41 -24.30
N THR C 103 -13.77 -18.26 -23.83
CA THR C 103 -14.72 -17.44 -24.55
C THR C 103 -14.57 -15.96 -24.24
N GLY C 104 -14.04 -15.62 -23.06
CA GLY C 104 -13.93 -14.24 -22.64
C GLY C 104 -12.61 -13.56 -22.93
N MET C 105 -11.73 -14.16 -23.73
CA MET C 105 -10.41 -13.59 -23.92
C MET C 105 -9.86 -14.03 -25.28
N GLY C 106 -9.24 -13.09 -25.99
CA GLY C 106 -8.75 -13.32 -27.34
C GLY C 106 -9.18 -12.18 -28.24
N ILE C 107 -8.25 -11.60 -29.01
CA ILE C 107 -6.90 -12.00 -29.39
C ILE C 107 -5.95 -11.17 -28.55
N GLY C 108 -6.39 -10.85 -27.34
CA GLY C 108 -5.61 -9.99 -26.47
C GLY C 108 -4.29 -10.57 -26.02
N ILE C 109 -4.23 -11.89 -25.81
CA ILE C 109 -2.99 -12.49 -25.32
C ILE C 109 -2.20 -13.10 -26.48
N MET C 110 -2.57 -12.77 -27.71
CA MET C 110 -1.80 -13.17 -28.88
C MET C 110 -1.32 -11.97 -29.68
N PHE C 111 -2.20 -11.00 -29.94
CA PHE C 111 -1.81 -9.81 -30.69
C PHE C 111 -0.94 -8.89 -29.85
N PHE C 112 -1.27 -8.74 -28.57
CA PHE C 112 -0.65 -7.74 -27.73
C PHE C 112 0.18 -8.35 -26.60
N SER C 113 0.51 -9.63 -26.67
CA SER C 113 1.33 -10.23 -25.63
C SER C 113 2.79 -9.83 -25.77
N ILE C 114 3.24 -9.55 -26.99
CA ILE C 114 4.63 -9.22 -27.26
C ILE C 114 4.78 -7.80 -27.80
N ALA C 115 3.86 -7.37 -28.67
CA ALA C 115 3.93 -6.04 -29.25
C ALA C 115 3.76 -4.93 -28.22
N GLU C 116 2.99 -5.19 -27.16
CA GLU C 116 2.78 -4.18 -26.12
C GLU C 116 3.98 -4.00 -25.18
N PRO C 117 4.63 -5.05 -24.63
CA PRO C 117 5.84 -4.77 -23.82
C PRO C 117 7.00 -4.20 -24.62
N VAL C 118 7.18 -4.63 -25.87
CA VAL C 118 8.23 -4.06 -26.72
C VAL C 118 7.90 -2.61 -27.09
N SER C 119 6.62 -2.33 -27.34
CA SER C 119 6.18 -0.98 -27.67
C SER C 119 6.33 -0.05 -26.46
N HIS C 120 6.11 -0.56 -25.25
CA HIS C 120 6.35 0.24 -24.07
C HIS C 120 7.84 0.32 -23.73
N PHE C 121 8.65 -0.60 -24.25
CA PHE C 121 10.09 -0.50 -24.06
C PHE C 121 10.68 0.62 -24.92
N PHE C 122 10.47 0.56 -26.23
CA PHE C 122 11.11 1.57 -27.08
C PHE C 122 10.39 2.90 -27.03
N ASN C 123 9.07 2.90 -26.87
CA ASN C 123 8.27 4.12 -26.74
C ASN C 123 7.71 4.15 -25.33
N THR C 124 8.42 4.81 -24.43
CA THR C 124 8.08 4.77 -23.02
C THR C 124 6.85 5.64 -22.72
N PRO C 125 6.02 5.22 -21.75
CA PRO C 125 4.88 6.06 -21.32
C PRO C 125 5.32 7.37 -20.68
N ARG C 126 6.18 7.27 -19.67
CA ARG C 126 6.76 8.42 -18.99
C ARG C 126 8.28 8.33 -19.10
N PRO C 127 9.00 9.46 -19.01
CA PRO C 127 10.46 9.44 -19.21
C PRO C 127 11.20 8.60 -18.18
N VAL C 128 12.24 7.90 -18.66
CA VAL C 128 12.96 6.90 -17.89
C VAL C 128 14.44 7.06 -18.19
N ASP C 129 15.28 6.50 -17.32
CA ASP C 129 16.72 6.70 -17.41
C ASP C 129 17.42 5.61 -18.22
N THR C 130 17.33 4.36 -17.78
CA THR C 130 18.12 3.27 -18.33
C THR C 130 17.22 2.24 -19.01
N ASP C 131 17.86 1.23 -19.61
CA ASP C 131 17.14 0.18 -20.32
C ASP C 131 16.49 -0.82 -19.36
N ILE C 132 17.09 -1.04 -18.18
CA ILE C 132 16.51 -1.95 -17.20
C ILE C 132 15.21 -1.39 -16.64
N GLU C 133 15.23 -0.10 -16.25
CA GLU C 133 14.05 0.54 -15.70
C GLU C 133 12.96 0.72 -16.75
N ALA C 134 13.36 0.89 -18.02
CA ALA C 134 12.38 0.93 -19.11
C ALA C 134 11.67 -0.41 -19.26
N ALA C 135 12.40 -1.51 -19.13
CA ALA C 135 11.79 -2.83 -19.21
C ALA C 135 10.89 -3.11 -18.02
N VAL C 136 11.30 -2.67 -16.82
CA VAL C 136 10.47 -2.83 -15.62
C VAL C 136 9.17 -2.03 -15.77
N GLN C 137 9.27 -0.80 -16.27
CA GLN C 137 8.09 0.04 -16.50
C GLN C 137 7.19 -0.54 -17.58
N ALA C 138 7.79 -1.12 -18.63
CA ALA C 138 7.02 -1.77 -19.69
C ALA C 138 6.23 -2.97 -19.17
N MET C 139 6.87 -3.80 -18.35
CA MET C 139 6.18 -4.97 -17.81
C MET C 139 5.14 -4.57 -16.77
N GLN C 140 5.38 -3.49 -16.01
CA GLN C 140 4.37 -3.07 -15.04
C GLN C 140 3.19 -2.39 -15.71
N PHE C 141 3.39 -1.74 -16.86
CA PHE C 141 2.24 -1.20 -17.59
C PHE C 141 1.48 -2.30 -18.32
N THR C 142 2.17 -3.32 -18.82
CA THR C 142 1.48 -4.50 -19.33
C THR C 142 0.69 -5.20 -18.24
N SER C 143 1.25 -5.26 -17.03
CA SER C 143 0.54 -5.84 -15.90
C SER C 143 -0.66 -5.00 -15.49
N LEU C 144 -0.59 -3.68 -15.64
CA LEU C 144 -1.75 -2.84 -15.42
C LEU C 144 -2.83 -3.11 -16.46
N HIS C 145 -2.44 -3.20 -17.72
CA HIS C 145 -3.42 -3.35 -18.80
C HIS C 145 -4.03 -4.74 -18.87
N TRP C 146 -3.36 -5.77 -18.36
CA TRP C 146 -3.89 -7.13 -18.44
C TRP C 146 -3.98 -7.78 -17.07
N GLY C 147 -4.27 -7.00 -16.04
CA GLY C 147 -4.30 -7.53 -14.68
C GLY C 147 -5.65 -7.48 -14.00
N LEU C 148 -5.69 -6.88 -12.81
CA LEU C 148 -6.93 -6.87 -12.03
C LEU C 148 -7.96 -5.91 -12.60
N HIS C 149 -7.52 -4.83 -13.24
CA HIS C 149 -8.46 -3.87 -13.83
C HIS C 149 -9.18 -4.44 -15.03
N ALA C 150 -8.55 -5.38 -15.73
CA ALA C 150 -9.16 -5.98 -16.91
C ALA C 150 -10.31 -6.92 -16.52
N TRP C 151 -10.18 -7.60 -15.39
CA TRP C 151 -11.16 -8.60 -14.98
C TRP C 151 -12.11 -8.11 -13.89
N GLY C 152 -11.83 -6.95 -13.28
CA GLY C 152 -12.77 -6.40 -12.32
C GLY C 152 -14.06 -5.94 -12.98
N ILE C 153 -13.97 -5.39 -14.18
CA ILE C 153 -15.15 -5.02 -14.96
C ILE C 153 -15.95 -6.26 -15.33
N TYR C 154 -15.26 -7.33 -15.70
CA TYR C 154 -15.88 -8.60 -16.04
C TYR C 154 -16.59 -9.19 -14.83
N ALA C 155 -15.95 -9.11 -13.67
CA ALA C 155 -16.54 -9.60 -12.43
C ALA C 155 -17.78 -8.80 -12.03
N MET C 156 -17.72 -7.47 -12.16
CA MET C 156 -18.89 -6.65 -11.85
C MET C 156 -20.07 -6.92 -12.78
N VAL C 157 -19.82 -7.02 -14.08
CA VAL C 157 -20.93 -7.22 -15.00
C VAL C 157 -21.51 -8.63 -14.86
N GLY C 158 -20.64 -9.63 -14.70
CA GLY C 158 -21.11 -10.99 -14.48
C GLY C 158 -21.85 -11.15 -13.18
N LEU C 159 -21.38 -10.49 -12.11
CA LEU C 159 -22.06 -10.55 -10.82
C LEU C 159 -23.40 -9.85 -10.85
N ALA C 160 -23.48 -8.68 -11.50
CA ALA C 160 -24.73 -7.95 -11.60
C ALA C 160 -25.76 -8.71 -12.43
N LEU C 161 -25.34 -9.23 -13.59
CA LEU C 161 -26.26 -9.95 -14.45
C LEU C 161 -26.68 -11.29 -13.85
N ALA C 162 -25.75 -11.99 -13.16
CA ALA C 162 -26.09 -13.25 -12.53
C ALA C 162 -27.04 -13.05 -11.35
N PHE C 163 -26.77 -12.03 -10.52
CA PHE C 163 -27.64 -11.74 -9.38
C PHE C 163 -29.03 -11.31 -9.83
N PHE C 164 -29.11 -10.43 -10.83
CA PHE C 164 -30.41 -9.96 -11.27
C PHE C 164 -31.08 -10.91 -12.28
N GLY C 165 -30.41 -11.98 -12.70
CA GLY C 165 -31.06 -12.97 -13.52
C GLY C 165 -31.40 -14.24 -12.78
N PHE C 166 -30.84 -14.44 -11.59
CA PHE C 166 -31.14 -15.62 -10.79
C PHE C 166 -31.87 -15.28 -9.50
N ASN C 167 -31.34 -14.34 -8.70
CA ASN C 167 -31.96 -14.03 -7.42
C ASN C 167 -33.18 -13.13 -7.54
N ARG C 168 -33.47 -12.61 -8.73
CA ARG C 168 -34.63 -11.74 -8.95
C ARG C 168 -35.58 -12.22 -10.03
N LYS C 169 -35.23 -13.28 -10.77
CA LYS C 169 -36.06 -13.91 -11.80
C LYS C 169 -36.44 -12.93 -12.92
N LEU C 170 -35.51 -12.07 -13.29
CA LEU C 170 -35.63 -11.19 -14.44
C LEU C 170 -34.83 -11.76 -15.61
N PRO C 171 -35.16 -11.37 -16.85
CA PRO C 171 -34.33 -11.79 -17.99
C PRO C 171 -32.93 -11.20 -17.91
N MET C 172 -31.96 -11.99 -18.38
CA MET C 172 -30.55 -11.68 -18.24
C MET C 172 -30.17 -10.66 -19.31
N THR C 173 -30.48 -9.40 -19.04
CA THR C 173 -30.41 -8.33 -20.03
C THR C 173 -30.02 -7.06 -19.29
N PHE C 174 -29.25 -6.19 -19.96
CA PHE C 174 -28.83 -4.93 -19.34
C PHE C 174 -30.00 -3.99 -19.11
N ARG C 175 -31.09 -4.16 -19.88
CA ARG C 175 -32.29 -3.36 -19.66
C ARG C 175 -32.95 -3.68 -18.33
N SER C 176 -33.01 -4.96 -17.96
CA SER C 176 -33.65 -5.39 -16.73
C SER C 176 -32.75 -5.30 -15.52
N LEU C 177 -31.50 -4.88 -15.70
CA LEU C 177 -30.56 -4.83 -14.58
C LEU C 177 -30.85 -3.63 -13.66
N PHE C 178 -31.42 -2.56 -14.18
CA PHE C 178 -31.74 -1.36 -13.39
C PHE C 178 -33.15 -1.41 -12.80
N TYR C 179 -33.62 -2.62 -12.49
CA TYR C 179 -34.89 -2.79 -11.80
C TYR C 179 -34.98 -2.13 -10.42
N PRO C 180 -34.02 -2.25 -9.49
CA PRO C 180 -34.16 -1.52 -8.23
C PRO C 180 -33.92 -0.02 -8.34
N PHE C 181 -33.14 0.42 -9.31
CA PHE C 181 -32.83 1.85 -9.42
C PHE C 181 -33.97 2.62 -10.08
N TRP C 182 -34.78 1.95 -10.91
CA TRP C 182 -35.74 2.66 -11.74
C TRP C 182 -37.13 2.05 -11.78
N GLY C 183 -37.31 0.79 -11.36
CA GLY C 183 -38.62 0.19 -11.36
C GLY C 183 -39.00 -0.46 -12.68
N GLU C 184 -40.31 -0.51 -12.93
CA GLU C 184 -40.87 -1.16 -14.10
C GLU C 184 -41.04 -0.22 -15.29
N ARG C 185 -40.57 1.02 -15.18
CA ARG C 185 -40.60 1.95 -16.30
C ARG C 185 -39.36 1.86 -17.18
N ILE C 186 -38.54 0.83 -16.99
CA ILE C 186 -37.40 0.60 -17.88
C ILE C 186 -37.88 0.14 -19.25
N HIS C 187 -39.06 -0.49 -19.30
CA HIS C 187 -39.58 -1.05 -20.54
C HIS C 187 -40.00 0.03 -21.53
N GLY C 188 -40.34 1.21 -21.03
CA GLY C 188 -40.86 2.28 -21.88
C GLY C 188 -39.80 3.21 -22.46
N TRP C 189 -38.96 2.67 -23.36
CA TRP C 189 -37.97 3.36 -24.19
C TRP C 189 -36.78 3.90 -23.41
N TRP C 190 -36.79 3.87 -22.09
CA TRP C 190 -35.72 4.43 -21.30
C TRP C 190 -34.69 3.37 -20.90
N GLY C 191 -35.04 2.10 -21.04
CA GLY C 191 -34.08 1.02 -20.99
C GLY C 191 -33.77 0.49 -22.38
N HIS C 192 -34.47 1.03 -23.40
CA HIS C 192 -34.17 0.66 -24.77
C HIS C 192 -32.84 1.24 -25.22
N ILE C 193 -32.49 2.43 -24.74
CA ILE C 193 -31.21 3.06 -25.06
C ILE C 193 -30.06 2.27 -24.44
N ILE C 194 -30.28 1.73 -23.24
CA ILE C 194 -29.28 0.91 -22.56
C ILE C 194 -29.02 -0.37 -23.36
N ASP C 195 -30.09 -1.00 -23.84
CA ASP C 195 -29.94 -2.21 -24.65
C ASP C 195 -29.35 -1.91 -26.02
N ILE C 196 -29.64 -0.73 -26.58
CA ILE C 196 -29.04 -0.30 -27.84
C ILE C 196 -27.53 -0.16 -27.67
N LEU C 197 -27.10 0.49 -26.58
CA LEU C 197 -25.68 0.65 -26.33
C LEU C 197 -25.02 -0.69 -26.00
N SER C 198 -25.74 -1.60 -25.34
CA SER C 198 -25.19 -2.91 -25.03
C SER C 198 -24.96 -3.74 -26.30
N ALA C 199 -25.95 -3.77 -27.19
CA ALA C 199 -25.80 -4.51 -28.44
C ALA C 199 -24.73 -3.90 -29.32
N LEU C 200 -24.68 -2.56 -29.39
CA LEU C 200 -23.65 -1.89 -30.19
C LEU C 200 -22.25 -2.12 -29.62
N ALA C 201 -22.11 -2.09 -28.29
CA ALA C 201 -20.81 -2.33 -27.67
C ALA C 201 -20.34 -3.76 -27.88
N THR C 202 -21.26 -4.74 -27.76
CA THR C 202 -20.90 -6.13 -27.98
C THR C 202 -20.48 -6.38 -29.43
N VAL C 203 -21.27 -5.85 -30.38
CA VAL C 203 -20.97 -6.05 -31.80
C VAL C 203 -19.68 -5.35 -32.20
N PHE C 204 -19.45 -4.13 -31.69
CA PHE C 204 -18.25 -3.39 -32.07
C PHE C 204 -17.00 -3.96 -31.43
N GLY C 205 -17.10 -4.46 -30.18
CA GLY C 205 -15.96 -5.12 -29.57
C GLY C 205 -15.62 -6.44 -30.26
N LEU C 206 -16.64 -7.21 -30.64
CA LEU C 206 -16.38 -8.44 -31.39
C LEU C 206 -15.82 -8.16 -32.77
N SER C 207 -16.23 -7.05 -33.40
CA SER C 207 -15.66 -6.68 -34.69
C SER C 207 -14.21 -6.22 -34.56
N THR C 208 -13.89 -5.53 -33.45
CA THR C 208 -12.51 -5.14 -33.18
C THR C 208 -11.63 -6.37 -32.96
N SER C 209 -12.13 -7.35 -32.22
CA SER C 209 -11.38 -8.60 -32.02
C SER C 209 -11.25 -9.38 -33.33
N LEU C 210 -12.29 -9.35 -34.17
CA LEU C 210 -12.26 -9.97 -35.48
C LEU C 210 -11.19 -9.35 -36.37
N GLY C 211 -11.12 -8.01 -36.38
CA GLY C 211 -10.11 -7.32 -37.17
C GLY C 211 -8.70 -7.57 -36.69
N LEU C 212 -8.50 -7.58 -35.36
CA LEU C 212 -7.18 -7.89 -34.82
C LEU C 212 -6.75 -9.31 -35.15
N GLY C 213 -7.69 -10.26 -35.06
CA GLY C 213 -7.38 -11.64 -35.39
C GLY C 213 -7.02 -11.84 -36.85
N VAL C 214 -7.77 -11.20 -37.75
CA VAL C 214 -7.46 -11.40 -39.17
C VAL C 214 -6.19 -10.63 -39.57
N ILE C 215 -5.89 -9.50 -38.91
CA ILE C 215 -4.66 -8.78 -39.22
C ILE C 215 -3.44 -9.57 -38.74
N GLN C 216 -3.53 -10.17 -37.55
CA GLN C 216 -2.44 -11.02 -37.08
C GLN C 216 -2.29 -12.28 -37.93
N ILE C 217 -3.41 -12.86 -38.38
CA ILE C 217 -3.36 -14.05 -39.22
C ILE C 217 -2.73 -13.74 -40.58
N THR C 218 -3.10 -12.61 -41.20
CA THR C 218 -2.50 -12.30 -42.50
C THR C 218 -1.06 -11.82 -42.35
N ALA C 219 -0.69 -11.24 -41.20
CA ALA C 219 0.71 -10.92 -40.97
C ALA C 219 1.56 -12.18 -40.80
N GLY C 220 1.03 -13.17 -40.07
CA GLY C 220 1.71 -14.44 -39.94
C GLY C 220 1.78 -15.22 -41.25
N LEU C 221 0.75 -15.11 -42.09
CA LEU C 221 0.80 -15.77 -43.39
C LEU C 221 1.77 -15.09 -44.33
N GLU C 222 1.91 -13.76 -44.24
CA GLU C 222 2.90 -13.06 -45.05
C GLU C 222 4.31 -13.35 -44.55
N TYR C 223 4.50 -13.48 -43.23
CA TYR C 223 5.82 -13.72 -42.67
C TYR C 223 6.27 -15.16 -42.85
N LEU C 224 5.34 -16.12 -42.79
CA LEU C 224 5.70 -17.53 -42.82
C LEU C 224 6.07 -17.99 -44.23
N TYR C 225 5.12 -17.92 -45.15
CA TYR C 225 5.28 -18.49 -46.47
C TYR C 225 5.54 -17.46 -47.55
N GLY C 226 5.66 -16.18 -47.19
CA GLY C 226 5.91 -15.13 -48.17
C GLY C 226 4.75 -14.88 -49.13
N TRP C 227 3.52 -14.88 -48.63
CA TRP C 227 2.36 -14.63 -49.46
C TRP C 227 2.14 -13.12 -49.62
N GLU C 228 1.04 -12.75 -50.27
CA GLU C 228 0.80 -11.36 -50.63
C GLU C 228 -0.64 -10.94 -50.36
N ILE C 229 -1.25 -11.43 -49.29
CA ILE C 229 -2.68 -11.17 -49.03
C ILE C 229 -2.74 -9.86 -48.23
N SER C 230 -2.58 -8.76 -48.94
CA SER C 230 -3.06 -7.46 -48.45
C SER C 230 -4.51 -7.14 -48.84
N PRO C 231 -4.89 -7.01 -50.16
CA PRO C 231 -6.12 -6.27 -50.47
C PRO C 231 -7.45 -7.01 -50.28
N MET C 232 -7.56 -8.26 -50.75
CA MET C 232 -8.88 -8.82 -51.03
C MET C 232 -9.20 -10.12 -50.31
N MET C 233 -8.29 -11.08 -50.21
CA MET C 233 -8.64 -12.38 -49.65
C MET C 233 -8.67 -12.34 -48.12
N GLN C 234 -8.31 -11.22 -47.52
CA GLN C 234 -8.54 -10.95 -46.11
C GLN C 234 -10.02 -10.99 -45.79
N ALA C 235 -10.83 -10.39 -46.68
CA ALA C 235 -12.28 -10.50 -46.57
C ALA C 235 -12.77 -11.93 -46.78
N GLY C 236 -12.08 -12.70 -47.63
CA GLY C 236 -12.40 -14.11 -47.76
C GLY C 236 -12.10 -14.90 -46.51
N ILE C 237 -11.03 -14.52 -45.80
CA ILE C 237 -10.71 -15.13 -44.51
C ILE C 237 -11.81 -14.83 -43.49
N ILE C 238 -12.29 -13.57 -43.48
CA ILE C 238 -13.44 -13.20 -42.64
C ILE C 238 -14.67 -14.02 -42.99
N LEU C 239 -14.97 -14.16 -44.29
CA LEU C 239 -16.18 -14.86 -44.71
C LEU C 239 -16.10 -16.35 -44.38
N PHE C 240 -14.94 -16.97 -44.59
CA PHE C 240 -14.71 -18.35 -44.19
C PHE C 240 -14.81 -18.55 -42.68
N VAL C 241 -14.24 -17.65 -41.88
CA VAL C 241 -14.29 -17.79 -40.43
C VAL C 241 -15.71 -17.63 -39.90
N ILE C 242 -16.45 -16.65 -40.41
CA ILE C 242 -17.85 -16.47 -40.01
C ILE C 242 -18.70 -17.65 -40.50
N GLY C 243 -18.37 -18.22 -41.66
CA GLY C 243 -19.08 -19.41 -42.13
C GLY C 243 -18.88 -20.62 -41.25
N ILE C 244 -17.63 -20.88 -40.84
CA ILE C 244 -17.37 -22.02 -39.95
C ILE C 244 -17.93 -21.75 -38.56
N ALA C 245 -17.94 -20.48 -38.13
CA ALA C 245 -18.53 -20.12 -36.84
C ALA C 245 -20.04 -20.32 -36.84
N THR C 246 -20.71 -20.00 -37.95
CA THR C 246 -22.15 -20.23 -38.06
C THR C 246 -22.47 -21.71 -38.27
N ILE C 247 -21.54 -22.47 -38.86
CA ILE C 247 -21.68 -23.92 -38.90
C ILE C 247 -21.62 -24.49 -37.49
N SER C 248 -20.70 -23.98 -36.67
CA SER C 248 -20.64 -24.35 -35.26
C SER C 248 -21.88 -23.89 -34.49
N VAL C 249 -22.47 -22.76 -34.88
CA VAL C 249 -23.77 -22.36 -34.37
C VAL C 249 -24.85 -23.34 -34.82
N PHE C 250 -24.78 -23.76 -36.08
CA PHE C 250 -25.74 -24.70 -36.65
C PHE C 250 -25.59 -26.09 -36.02
N SER C 251 -26.59 -26.92 -36.25
CA SER C 251 -26.68 -28.22 -35.59
C SER C 251 -25.75 -29.24 -36.26
N GLY C 252 -25.82 -30.49 -35.81
CA GLY C 252 -24.92 -31.52 -36.25
C GLY C 252 -23.91 -31.83 -35.16
N LEU C 253 -23.40 -30.78 -34.53
CA LEU C 253 -22.54 -30.87 -33.37
C LEU C 253 -22.55 -29.52 -32.66
N ASP C 254 -22.61 -29.55 -31.33
CA ASP C 254 -22.62 -28.32 -30.52
C ASP C 254 -21.18 -27.94 -30.17
N LYS C 255 -20.42 -27.62 -31.21
CA LYS C 255 -19.03 -27.20 -31.07
C LYS C 255 -18.97 -25.70 -30.80
N GLY C 256 -18.04 -25.30 -29.92
CA GLY C 256 -17.86 -23.91 -29.60
C GLY C 256 -18.47 -23.47 -28.28
N VAL C 257 -19.11 -24.38 -27.55
CA VAL C 257 -19.74 -24.07 -26.27
C VAL C 257 -18.96 -24.67 -25.11
N LYS C 258 -18.76 -25.98 -25.12
CA LYS C 258 -18.13 -26.67 -23.99
C LYS C 258 -16.82 -27.36 -24.36
N ILE C 259 -16.83 -28.19 -25.40
CA ILE C 259 -15.66 -29.03 -25.67
C ILE C 259 -14.56 -28.25 -26.42
N LEU C 260 -14.95 -27.35 -27.34
CA LEU C 260 -13.97 -26.59 -28.08
C LEU C 260 -13.25 -25.58 -27.19
N SER C 261 -13.96 -25.02 -26.22
CA SER C 261 -13.34 -24.11 -25.25
C SER C 261 -12.30 -24.82 -24.40
N ASN C 262 -12.62 -26.04 -23.93
CA ASN C 262 -11.68 -26.80 -23.13
C ASN C 262 -10.46 -27.23 -23.95
N ALA C 263 -10.68 -27.66 -25.19
CA ALA C 263 -9.56 -28.05 -26.05
C ALA C 263 -8.69 -26.85 -26.40
N ASN C 264 -9.32 -25.69 -26.63
CA ASN C 264 -8.57 -24.47 -26.93
C ASN C 264 -7.76 -24.00 -25.73
N MET C 265 -8.32 -24.11 -24.52
CA MET C 265 -7.56 -23.76 -23.33
C MET C 265 -6.43 -24.73 -23.09
N TYR C 266 -6.63 -26.02 -23.40
CA TYR C 266 -5.56 -27.02 -23.26
C TYR C 266 -4.42 -26.74 -24.23
N ILE C 267 -4.72 -26.42 -25.49
CA ILE C 267 -3.64 -26.16 -26.43
C ILE C 267 -3.00 -24.78 -26.18
N ALA C 268 -3.75 -23.83 -25.60
CA ALA C 268 -3.14 -22.55 -25.21
C ALA C 268 -2.18 -22.75 -24.04
N ALA C 269 -2.56 -23.57 -23.06
CA ALA C 269 -1.68 -23.88 -21.94
C ALA C 269 -0.46 -24.66 -22.39
N SER C 270 -0.63 -25.57 -23.36
CA SER C 270 0.51 -26.29 -23.92
C SER C 270 1.46 -25.37 -24.68
N PHE C 271 0.91 -24.42 -25.44
CA PHE C 271 1.74 -23.43 -26.14
C PHE C 271 2.49 -22.53 -25.17
N MET C 272 1.81 -22.07 -24.12
CA MET C 272 2.46 -21.22 -23.12
C MET C 272 3.53 -21.99 -22.35
N LEU C 273 3.27 -23.26 -22.02
CA LEU C 273 4.27 -24.08 -21.35
C LEU C 273 5.45 -24.40 -22.25
N LEU C 274 5.21 -24.55 -23.55
CA LEU C 274 6.31 -24.78 -24.50
C LEU C 274 7.20 -23.55 -24.62
N ILE C 275 6.60 -22.35 -24.65
CA ILE C 275 7.39 -21.12 -24.67
C ILE C 275 8.13 -20.93 -23.34
N PHE C 276 7.48 -21.30 -22.23
CA PHE C 276 8.10 -21.21 -20.92
C PHE C 276 9.30 -22.15 -20.78
N ILE C 277 9.19 -23.36 -21.31
CA ILE C 277 10.27 -24.34 -21.20
C ILE C 277 11.40 -24.01 -22.17
N LEU C 278 11.06 -23.78 -23.45
CA LEU C 278 12.08 -23.54 -24.48
C LEU C 278 12.74 -22.17 -24.35
N GLY C 279 12.10 -21.23 -23.66
CA GLY C 279 12.68 -19.93 -23.44
C GLY C 279 13.51 -19.88 -22.17
N PRO C 280 13.90 -18.68 -21.75
CA PRO C 280 14.66 -18.54 -20.51
C PRO C 280 13.79 -18.70 -19.27
N THR C 281 13.59 -19.96 -18.84
CA THR C 281 12.62 -20.28 -17.79
C THR C 281 12.98 -19.67 -16.44
N LEU C 282 14.27 -19.58 -16.12
CA LEU C 282 14.68 -18.95 -14.86
C LEU C 282 14.39 -17.47 -14.86
N PHE C 283 14.72 -16.79 -15.97
CA PHE C 283 14.39 -15.37 -16.13
C PHE C 283 12.90 -15.15 -16.12
N ILE C 284 12.14 -16.08 -16.74
CA ILE C 284 10.69 -15.94 -16.80
C ILE C 284 10.07 -16.06 -15.41
N MET C 285 10.53 -17.03 -14.60
CA MET C 285 9.98 -17.21 -13.26
C MET C 285 10.36 -16.06 -12.34
N LYS C 286 11.64 -15.64 -12.37
CA LYS C 286 12.09 -14.53 -11.53
C LYS C 286 11.43 -13.22 -11.94
N GLY C 287 11.28 -13.00 -13.25
CA GLY C 287 10.58 -11.82 -13.72
C GLY C 287 9.09 -11.86 -13.43
N TYR C 288 8.49 -13.05 -13.38
CA TYR C 288 7.09 -13.15 -13.01
C TYR C 288 6.87 -12.74 -11.57
N VAL C 289 7.72 -13.25 -10.66
CA VAL C 289 7.61 -12.88 -9.25
C VAL C 289 7.90 -11.39 -9.04
N GLU C 290 8.98 -10.90 -9.66
CA GLU C 290 9.38 -9.50 -9.49
C GLU C 290 8.36 -8.54 -10.10
N ASN C 291 7.85 -8.84 -11.30
CA ASN C 291 6.93 -7.92 -11.96
C ASN C 291 5.54 -7.97 -11.33
N THR C 292 5.12 -9.14 -10.83
CA THR C 292 3.85 -9.20 -10.09
C THR C 292 3.95 -8.40 -8.79
N GLY C 293 5.08 -8.51 -8.08
CA GLY C 293 5.25 -7.72 -6.87
C GLY C 293 5.38 -6.24 -7.14
N ALA C 294 6.05 -5.85 -8.23
CA ALA C 294 6.19 -4.44 -8.56
C ALA C 294 4.89 -3.86 -9.08
N TYR C 295 4.06 -4.68 -9.71
CA TYR C 295 2.73 -4.22 -10.14
C TYR C 295 1.79 -4.08 -8.96
N LEU C 296 1.91 -4.96 -7.96
CA LEU C 296 1.11 -4.79 -6.74
C LEU C 296 1.61 -3.62 -5.90
N ALA C 297 2.90 -3.34 -5.93
CA ALA C 297 3.46 -2.27 -5.11
C ALA C 297 3.11 -0.89 -5.68
N ASN C 298 3.22 -0.73 -6.99
CA ASN C 298 2.93 0.53 -7.66
C ASN C 298 1.54 0.54 -8.27
N PHE C 299 0.58 -0.09 -7.59
CA PHE C 299 -0.76 -0.29 -8.15
C PHE C 299 -1.53 1.03 -8.25
N ILE C 300 -1.55 1.80 -7.15
CA ILE C 300 -2.34 3.04 -7.15
C ILE C 300 -1.63 4.12 -7.96
N ASP C 301 -0.31 4.03 -8.11
CA ASP C 301 0.43 5.06 -8.85
C ASP C 301 0.20 4.93 -10.34
N ILE C 302 0.14 3.70 -10.86
CA ILE C 302 -0.06 3.50 -12.30
C ILE C 302 -1.52 3.26 -12.67
N SER C 303 -2.39 2.97 -11.69
CA SER C 303 -3.80 2.76 -11.99
C SER C 303 -4.52 4.09 -12.24
N THR C 304 -4.12 5.14 -11.54
CA THR C 304 -4.74 6.44 -11.65
C THR C 304 -3.88 7.43 -12.44
N TRP C 305 -2.85 6.95 -13.13
CA TRP C 305 -1.98 7.84 -13.89
C TRP C 305 -2.70 8.34 -15.13
N ASN C 306 -2.74 9.65 -15.30
CA ASN C 306 -3.51 10.28 -16.36
C ASN C 306 -2.65 11.02 -17.38
N ASP C 307 -1.32 11.03 -17.20
CA ASP C 307 -0.35 11.69 -18.10
C ASP C 307 -0.66 13.18 -18.27
N THR C 308 -1.05 13.82 -17.18
CA THR C 308 -1.54 15.20 -17.30
C THR C 308 -0.41 16.21 -17.44
N TYR C 309 0.73 15.98 -16.81
CA TYR C 309 1.80 16.99 -16.83
C TYR C 309 2.59 16.95 -18.12
N LEU C 310 3.01 15.75 -18.55
CA LEU C 310 3.76 15.65 -19.80
C LEU C 310 2.83 15.86 -21.00
N GLY C 311 1.66 15.24 -20.98
CA GLY C 311 0.70 15.36 -22.07
C GLY C 311 1.18 14.76 -23.38
N SER C 312 1.92 13.67 -23.34
CA SER C 312 2.51 13.09 -24.53
C SER C 312 1.51 12.37 -25.41
N GLY C 313 0.33 12.04 -24.88
CA GLY C 313 -0.63 11.29 -25.66
C GLY C 313 -0.31 9.82 -25.82
N TRP C 314 0.52 9.25 -24.94
CA TRP C 314 0.74 7.81 -24.98
C TRP C 314 -0.51 7.05 -24.53
N GLN C 315 -1.24 7.61 -23.56
CA GLN C 315 -2.37 6.90 -22.96
C GLN C 315 -3.53 6.75 -23.93
N ASN C 316 -3.64 7.66 -24.90
CA ASN C 316 -4.83 7.71 -25.75
C ASN C 316 -4.86 6.59 -26.78
N VAL C 317 -3.77 5.87 -26.98
CA VAL C 317 -3.72 4.81 -27.97
C VAL C 317 -3.61 3.46 -27.25
N TRP C 318 -3.14 3.47 -26.01
CA TRP C 318 -2.96 2.23 -25.26
C TRP C 318 -3.94 2.10 -24.10
N THR C 319 -3.89 3.00 -23.12
CA THR C 319 -4.52 2.74 -21.84
C THR C 319 -6.03 2.99 -21.90
N ILE C 320 -6.43 4.14 -22.44
CA ILE C 320 -7.84 4.46 -22.55
C ILE C 320 -8.51 3.58 -23.60
N PHE C 321 -7.77 3.21 -24.65
CA PHE C 321 -8.27 2.24 -25.62
C PHE C 321 -8.50 0.89 -24.97
N TYR C 322 -7.60 0.46 -24.09
CA TYR C 322 -7.78 -0.81 -23.39
C TYR C 322 -8.97 -0.76 -22.45
N TRP C 323 -9.15 0.36 -21.73
CA TRP C 323 -10.28 0.45 -20.81
C TRP C 323 -11.61 0.48 -21.57
N ALA C 324 -11.67 1.21 -22.68
CA ALA C 324 -12.89 1.21 -23.51
C ALA C 324 -13.09 -0.14 -24.18
N TRP C 325 -12.02 -0.88 -24.48
CA TRP C 325 -12.15 -2.20 -25.09
C TRP C 325 -12.68 -3.24 -24.11
N TRP C 326 -12.12 -3.27 -22.89
CA TRP C 326 -12.63 -4.17 -21.86
C TRP C 326 -14.03 -3.79 -21.40
N ILE C 327 -14.35 -2.50 -21.40
CA ILE C 327 -15.68 -2.05 -21.05
C ILE C 327 -16.67 -2.37 -22.17
N ALA C 328 -16.22 -2.36 -23.42
CA ALA C 328 -17.12 -2.69 -24.52
C ALA C 328 -17.35 -4.19 -24.71
N TRP C 329 -16.46 -5.05 -24.20
CA TRP C 329 -16.76 -6.48 -24.19
C TRP C 329 -17.55 -6.91 -22.97
N SER C 330 -17.87 -5.97 -22.06
CA SER C 330 -18.49 -6.31 -20.79
C SER C 330 -19.85 -6.99 -20.88
N PRO C 331 -20.83 -6.55 -21.72
CA PRO C 331 -22.11 -7.29 -21.74
C PRO C 331 -21.99 -8.72 -22.23
N PHE C 332 -21.12 -8.98 -23.21
CA PHE C 332 -20.97 -10.34 -23.76
C PHE C 332 -20.38 -11.30 -22.73
N VAL C 333 -19.23 -10.94 -22.13
CA VAL C 333 -18.61 -11.84 -21.16
C VAL C 333 -19.40 -11.87 -19.86
N GLY C 334 -19.98 -10.74 -19.45
CA GLY C 334 -20.79 -10.71 -18.24
C GLY C 334 -22.04 -11.57 -18.35
N SER C 335 -22.72 -11.51 -19.50
CA SER C 335 -23.87 -12.36 -19.72
C SER C 335 -23.48 -13.82 -19.83
N PHE C 336 -22.32 -14.12 -20.43
CA PHE C 336 -21.88 -15.52 -20.56
C PHE C 336 -21.57 -16.14 -19.21
N ILE C 337 -20.78 -15.46 -18.37
CA ILE C 337 -20.50 -16.00 -17.04
C ILE C 337 -21.71 -15.88 -16.12
N ALA C 338 -22.68 -15.02 -16.45
CA ALA C 338 -23.91 -14.95 -15.67
C ALA C 338 -24.81 -16.15 -15.94
N ARG C 339 -24.93 -16.58 -17.20
CA ARG C 339 -25.57 -17.86 -17.47
C ARG C 339 -24.76 -19.03 -16.93
N ILE C 340 -23.45 -18.87 -16.81
CA ILE C 340 -22.61 -19.98 -16.40
C ILE C 340 -22.69 -20.21 -14.89
N SER C 341 -22.50 -19.16 -14.08
CA SER C 341 -22.38 -19.30 -12.64
C SER C 341 -23.77 -19.33 -12.02
N LYS C 342 -24.24 -20.53 -11.68
CA LYS C 342 -25.60 -20.71 -11.21
C LYS C 342 -25.71 -20.83 -9.69
N GLY C 343 -24.66 -21.27 -9.01
CA GLY C 343 -24.71 -21.45 -7.58
C GLY C 343 -23.45 -21.02 -6.85
N ARG C 344 -22.70 -20.11 -7.46
CA ARG C 344 -21.46 -19.62 -6.86
C ARG C 344 -21.76 -18.62 -5.74
N THR C 345 -20.94 -18.69 -4.70
CA THR C 345 -20.92 -17.65 -3.67
C THR C 345 -20.37 -16.37 -4.29
N VAL C 346 -20.95 -15.22 -3.90
CA VAL C 346 -20.64 -13.93 -4.53
C VAL C 346 -19.17 -13.57 -4.32
N LYS C 347 -18.66 -13.76 -3.11
CA LYS C 347 -17.23 -13.56 -2.84
C LYS C 347 -16.38 -14.55 -3.62
N GLU C 348 -16.82 -15.81 -3.67
CA GLU C 348 -16.11 -16.83 -4.44
C GLU C 348 -16.18 -16.54 -5.94
N PHE C 349 -17.30 -16.00 -6.41
CA PHE C 349 -17.43 -15.63 -7.82
C PHE C 349 -16.49 -14.49 -8.19
N VAL C 350 -16.45 -13.44 -7.36
CA VAL C 350 -15.60 -12.29 -7.64
C VAL C 350 -14.13 -12.68 -7.56
N LEU C 351 -13.78 -13.55 -6.61
CA LEU C 351 -12.40 -14.07 -6.53
C LEU C 351 -12.06 -14.91 -7.76
N GLY C 352 -12.95 -15.80 -8.18
CA GLY C 352 -12.68 -16.66 -9.32
C GLY C 352 -12.75 -16.01 -10.67
N VAL C 353 -13.31 -14.80 -10.77
CA VAL C 353 -13.27 -14.08 -12.04
C VAL C 353 -12.13 -13.06 -12.01
N LEU C 354 -11.78 -12.56 -10.81
CA LEU C 354 -10.79 -11.51 -10.68
C LEU C 354 -9.36 -12.06 -10.55
N ILE C 355 -9.11 -12.87 -9.54
CA ILE C 355 -7.74 -13.16 -9.14
C ILE C 355 -7.11 -14.22 -10.04
N VAL C 356 -7.77 -15.37 -10.17
CA VAL C 356 -7.23 -16.50 -10.94
C VAL C 356 -7.10 -16.21 -12.43
N PRO C 357 -8.11 -15.67 -13.17
CA PRO C 357 -7.82 -15.31 -14.56
C PRO C 357 -6.88 -14.14 -14.70
N GLY C 358 -6.89 -13.22 -13.73
CA GLY C 358 -5.90 -12.14 -13.73
C GLY C 358 -4.49 -12.65 -13.55
N LEU C 359 -4.30 -13.63 -12.65
CA LEU C 359 -2.98 -14.21 -12.45
C LEU C 359 -2.54 -15.03 -13.66
N ILE C 360 -3.49 -15.72 -14.32
CA ILE C 360 -3.15 -16.49 -15.51
C ILE C 360 -2.77 -15.56 -16.67
N THR C 361 -3.49 -14.46 -16.83
CA THR C 361 -3.15 -13.47 -17.85
C THR C 361 -1.81 -12.79 -17.55
N LEU C 362 -1.53 -12.52 -16.28
CA LEU C 362 -0.23 -11.97 -15.91
C LEU C 362 0.89 -12.97 -16.14
N LEU C 363 0.61 -14.26 -15.95
CA LEU C 363 1.59 -15.30 -16.25
C LEU C 363 1.86 -15.38 -17.75
N TRP C 364 0.82 -15.26 -18.57
CA TRP C 364 1.00 -15.25 -20.02
C TRP C 364 1.81 -14.03 -20.48
N MET C 365 1.47 -12.86 -19.92
CA MET C 365 2.22 -11.63 -20.19
C MET C 365 3.68 -11.76 -19.78
N ASN C 366 3.94 -12.36 -18.63
CA ASN C 366 5.32 -12.52 -18.20
C ASN C 366 6.07 -13.51 -19.09
N VAL C 367 5.44 -14.65 -19.40
CA VAL C 367 6.07 -15.72 -20.20
C VAL C 367 6.43 -15.20 -21.59
N PHE C 368 5.58 -14.39 -22.20
CA PHE C 368 5.91 -13.89 -23.53
C PHE C 368 6.72 -12.59 -23.49
N GLY C 369 6.20 -11.57 -22.81
CA GLY C 369 6.85 -10.27 -22.82
C GLY C 369 8.19 -10.23 -22.09
N GLY C 370 8.31 -10.93 -20.96
CA GLY C 370 9.59 -10.96 -20.27
C GLY C 370 10.66 -11.70 -21.04
N SER C 371 10.28 -12.76 -21.76
CA SER C 371 11.23 -13.44 -22.63
C SER C 371 11.63 -12.55 -23.80
N ALA C 372 10.67 -11.79 -24.36
CA ALA C 372 10.98 -10.85 -25.43
C ALA C 372 11.90 -9.74 -24.94
N LEU C 373 11.67 -9.26 -23.72
CA LEU C 373 12.52 -8.21 -23.17
C LEU C 373 13.89 -8.76 -22.77
N HIS C 374 13.97 -10.04 -22.41
CA HIS C 374 15.26 -10.68 -22.19
C HIS C 374 16.05 -10.79 -23.49
N THR C 375 15.36 -11.11 -24.58
CA THR C 375 16.01 -11.15 -25.90
C THR C 375 16.46 -9.76 -26.34
N ILE C 376 15.67 -8.73 -26.01
CA ILE C 376 16.04 -7.35 -26.36
C ILE C 376 17.22 -6.88 -25.51
N LEU C 377 17.18 -7.13 -24.20
CA LEU C 377 18.25 -6.71 -23.31
C LEU C 377 19.53 -7.52 -23.49
N SER C 378 19.43 -8.71 -24.10
CA SER C 378 20.64 -9.45 -24.45
C SER C 378 21.40 -8.80 -25.59
N GLY C 379 20.73 -8.00 -26.42
CA GLY C 379 21.40 -7.31 -27.51
C GLY C 379 20.66 -7.43 -28.83
N ASP C 380 19.77 -8.41 -28.93
CA ASP C 380 19.03 -8.66 -30.17
C ASP C 380 17.92 -7.64 -30.28
N VAL C 381 18.07 -6.68 -31.18
CA VAL C 381 17.12 -5.59 -31.34
C VAL C 381 16.32 -5.73 -32.64
N THR C 382 16.22 -6.95 -33.17
CA THR C 382 15.41 -7.15 -34.39
C THR C 382 13.92 -7.06 -34.09
N MET C 383 13.52 -7.42 -32.86
CA MET C 383 12.11 -7.30 -32.48
C MET C 383 11.68 -5.85 -32.38
N ILE C 384 12.59 -4.95 -31.99
CA ILE C 384 12.30 -3.52 -31.91
C ILE C 384 12.00 -2.97 -33.31
N ALA C 385 12.84 -3.32 -34.28
CA ALA C 385 12.63 -2.87 -35.65
C ALA C 385 11.41 -3.53 -36.28
N ALA C 386 11.12 -4.78 -35.89
CA ALA C 386 9.93 -5.46 -36.39
C ALA C 386 8.66 -4.81 -35.86
N VAL C 387 8.65 -4.41 -34.58
CA VAL C 387 7.50 -3.71 -34.01
C VAL C 387 7.37 -2.33 -34.62
N LYS C 388 8.49 -1.64 -34.85
CA LYS C 388 8.48 -0.32 -35.49
C LYS C 388 8.01 -0.39 -36.94
N ALA C 389 8.22 -1.53 -37.61
CA ALA C 389 7.64 -1.71 -38.94
C ALA C 389 6.13 -1.88 -38.86
N ASP C 390 5.69 -2.93 -38.17
CA ASP C 390 4.26 -3.17 -37.93
C ASP C 390 4.13 -4.03 -36.69
N VAL C 391 3.18 -3.66 -35.81
CA VAL C 391 3.02 -4.37 -34.54
C VAL C 391 2.36 -5.73 -34.68
N SER C 392 1.95 -6.11 -35.88
CA SER C 392 1.21 -7.35 -36.10
C SER C 392 2.10 -8.57 -36.28
N THR C 393 3.39 -8.37 -36.54
CA THR C 393 4.33 -9.48 -36.76
C THR C 393 5.23 -9.74 -35.57
N ALA C 394 4.91 -9.16 -34.41
CA ALA C 394 5.78 -9.26 -33.23
C ALA C 394 5.84 -10.67 -32.69
N LEU C 395 4.71 -11.37 -32.65
CA LEU C 395 4.67 -12.74 -32.13
C LEU C 395 5.47 -13.69 -33.03
N PHE C 396 5.36 -13.51 -34.34
CA PHE C 396 6.07 -14.39 -35.25
C PHE C 396 7.56 -14.07 -35.33
N VAL C 397 7.93 -12.80 -35.17
CA VAL C 397 9.35 -12.44 -35.06
C VAL C 397 9.94 -12.98 -33.76
N PHE C 398 9.15 -12.97 -32.68
CA PHE C 398 9.57 -13.61 -31.44
C PHE C 398 9.74 -15.11 -31.59
N LEU C 399 8.84 -15.76 -32.33
CA LEU C 399 8.93 -17.20 -32.56
C LEU C 399 10.03 -17.56 -33.56
N GLU C 400 10.53 -16.58 -34.32
CA GLU C 400 11.63 -16.85 -35.24
C GLU C 400 12.90 -17.28 -34.52
N ASN C 401 13.18 -16.67 -33.37
CA ASN C 401 14.34 -17.07 -32.56
C ASN C 401 13.97 -18.13 -31.53
N PHE C 402 13.33 -19.19 -31.99
CA PHE C 402 12.89 -20.31 -31.16
C PHE C 402 13.08 -21.60 -31.94
N PRO C 403 13.34 -22.71 -31.26
CA PRO C 403 13.28 -24.02 -31.93
C PRO C 403 11.86 -24.35 -32.35
N PHE C 404 11.77 -25.05 -33.48
CA PHE C 404 10.51 -25.38 -34.17
C PHE C 404 9.70 -24.11 -34.45
N THR C 405 10.27 -23.24 -35.28
CA THR C 405 9.67 -21.94 -35.56
C THR C 405 8.37 -22.08 -36.35
N LYS C 406 8.38 -22.89 -37.41
CA LYS C 406 7.21 -23.05 -38.26
C LYS C 406 6.07 -23.76 -37.52
N PHE C 407 6.41 -24.79 -36.71
CA PHE C 407 5.40 -25.49 -35.94
C PHE C 407 4.76 -24.59 -34.89
N LEU C 408 5.57 -23.77 -34.21
CA LEU C 408 5.04 -22.85 -33.21
C LEU C 408 4.21 -21.75 -33.87
N SER C 409 4.59 -21.30 -35.06
CA SER C 409 3.80 -20.30 -35.76
C SER C 409 2.46 -20.86 -36.23
N ILE C 410 2.45 -22.12 -36.69
CA ILE C 410 1.20 -22.77 -37.08
C ILE C 410 0.31 -22.99 -35.86
N VAL C 411 0.92 -23.36 -34.72
CA VAL C 411 0.17 -23.53 -33.48
C VAL C 411 -0.42 -22.21 -33.01
N ALA C 412 0.33 -21.12 -33.16
CA ALA C 412 -0.17 -19.79 -32.80
C ALA C 412 -1.30 -19.35 -33.70
N ILE C 413 -1.21 -19.65 -35.01
CA ILE C 413 -2.28 -19.31 -35.95
C ILE C 413 -3.56 -20.09 -35.62
N ILE C 414 -3.42 -21.38 -35.32
CA ILE C 414 -4.57 -22.22 -34.95
C ILE C 414 -5.16 -21.75 -33.61
N LEU C 415 -4.30 -21.30 -32.69
CA LEU C 415 -4.75 -20.77 -31.40
C LEU C 415 -5.56 -19.49 -31.58
N ILE C 416 -5.09 -18.58 -32.44
CA ILE C 416 -5.84 -17.36 -32.76
C ILE C 416 -7.17 -17.72 -33.42
N PHE C 417 -7.15 -18.70 -34.33
CA PHE C 417 -8.33 -19.18 -35.04
C PHE C 417 -9.40 -19.70 -34.07
N SER C 418 -8.98 -20.51 -33.10
CA SER C 418 -9.92 -21.00 -32.10
C SER C 418 -10.39 -19.89 -31.18
N PHE C 419 -9.50 -18.93 -30.86
CA PHE C 419 -9.84 -17.81 -29.99
C PHE C 419 -10.94 -16.93 -30.58
N PHE C 420 -10.88 -16.65 -31.87
CA PHE C 420 -11.91 -15.80 -32.48
C PHE C 420 -12.92 -16.59 -33.30
N ILE C 421 -12.91 -17.92 -33.18
CA ILE C 421 -14.09 -18.71 -33.53
C ILE C 421 -14.92 -19.09 -32.31
N THR C 422 -14.36 -18.99 -31.10
CA THR C 422 -15.16 -19.26 -29.90
C THR C 422 -15.98 -18.06 -29.47
N SER C 423 -15.37 -16.86 -29.50
CA SER C 423 -16.04 -15.67 -28.98
C SER C 423 -17.18 -15.22 -29.87
N SER C 424 -17.05 -15.40 -31.20
CA SER C 424 -18.14 -15.05 -32.11
C SER C 424 -19.36 -15.95 -31.90
N ASP C 425 -19.12 -17.25 -31.70
CA ASP C 425 -20.20 -18.18 -31.42
C ASP C 425 -20.85 -17.88 -30.07
N SER C 426 -20.04 -17.54 -29.06
CA SER C 426 -20.60 -17.20 -27.76
C SER C 426 -21.25 -15.82 -27.73
N GLY C 427 -20.96 -14.96 -28.71
CA GLY C 427 -21.51 -13.63 -28.73
C GLY C 427 -22.72 -13.45 -29.62
N SER C 428 -22.89 -14.33 -30.62
CA SER C 428 -24.08 -14.28 -31.45
C SER C 428 -25.33 -14.56 -30.65
N LEU C 429 -25.27 -15.55 -29.74
CA LEU C 429 -26.40 -15.82 -28.86
C LEU C 429 -26.61 -14.70 -27.86
N VAL C 430 -25.55 -13.99 -27.47
CA VAL C 430 -25.68 -12.87 -26.54
C VAL C 430 -26.42 -11.71 -27.20
N VAL C 431 -26.04 -11.37 -28.44
CA VAL C 431 -26.75 -10.31 -29.16
C VAL C 431 -28.18 -10.74 -29.50
N ASP C 432 -28.39 -12.03 -29.78
CA ASP C 432 -29.73 -12.53 -30.03
C ASP C 432 -30.61 -12.44 -28.78
N ASN C 433 -30.05 -12.74 -27.61
CA ASN C 433 -30.80 -12.59 -26.36
C ASN C 433 -31.04 -11.14 -26.00
N ILE C 434 -30.12 -10.24 -26.38
CA ILE C 434 -30.32 -8.82 -26.13
C ILE C 434 -31.44 -8.28 -27.01
N THR C 435 -31.42 -8.61 -28.30
CA THR C 435 -32.36 -8.00 -29.24
C THR C 435 -33.64 -8.83 -29.44
N SER C 436 -33.77 -9.99 -28.79
CA SER C 436 -34.98 -10.79 -28.90
C SER C 436 -35.82 -10.80 -27.64
N GLY C 437 -35.22 -10.60 -26.46
CA GLY C 437 -35.96 -10.62 -25.22
C GLY C 437 -36.28 -12.00 -24.68
N SER C 438 -35.65 -13.05 -25.20
CA SER C 438 -35.89 -14.40 -24.73
C SER C 438 -34.62 -15.22 -24.93
N ASN C 439 -34.66 -16.47 -24.48
CA ASN C 439 -33.53 -17.38 -24.58
C ASN C 439 -33.71 -18.42 -25.68
N GLY C 440 -34.81 -19.19 -25.63
CA GLY C 440 -35.07 -20.16 -26.69
C GLY C 440 -35.43 -19.49 -28.00
N GLU C 441 -36.33 -18.52 -27.95
CA GLU C 441 -36.61 -17.69 -29.11
C GLU C 441 -35.46 -16.74 -29.35
N SER C 442 -35.15 -16.46 -30.61
CA SER C 442 -35.74 -16.91 -31.88
C SER C 442 -35.16 -18.25 -32.31
N PRO C 443 -35.88 -18.96 -33.18
CA PRO C 443 -35.25 -20.09 -33.90
C PRO C 443 -34.07 -19.62 -34.73
N VAL C 444 -33.12 -20.53 -34.93
CA VAL C 444 -31.75 -20.13 -35.26
C VAL C 444 -31.62 -19.73 -36.72
N TRP C 445 -31.89 -18.46 -37.00
CA TRP C 445 -31.45 -17.80 -38.22
C TRP C 445 -30.87 -16.43 -37.97
N GLN C 446 -31.23 -15.76 -36.87
CA GLN C 446 -30.75 -14.42 -36.59
C GLN C 446 -29.31 -14.41 -36.09
N ARG C 447 -28.84 -15.50 -35.47
CA ARG C 447 -27.46 -15.58 -35.02
C ARG C 447 -26.49 -15.61 -36.19
N VAL C 448 -26.89 -16.27 -37.29
CA VAL C 448 -26.11 -16.24 -38.52
C VAL C 448 -26.04 -14.83 -39.07
N PHE C 449 -27.17 -14.10 -39.01
CA PHE C 449 -27.21 -12.72 -39.47
C PHE C 449 -26.33 -11.83 -38.60
N TRP C 450 -26.29 -12.07 -37.28
CA TRP C 450 -25.47 -11.22 -36.41
C TRP C 450 -23.99 -11.51 -36.57
N SER C 451 -23.63 -12.78 -36.79
CA SER C 451 -22.24 -13.11 -37.11
C SER C 451 -21.81 -12.50 -38.45
N PHE C 452 -22.71 -12.54 -39.44
CA PHE C 452 -22.43 -11.89 -40.72
C PHE C 452 -22.33 -10.37 -40.58
N ALA C 453 -23.12 -9.79 -39.66
CA ALA C 453 -23.02 -8.35 -39.39
C ALA C 453 -21.69 -8.00 -38.74
N GLN C 454 -21.22 -8.86 -37.82
CA GLN C 454 -19.89 -8.67 -37.24
C GLN C 454 -18.80 -8.75 -38.28
N GLY C 455 -18.90 -9.72 -39.20
CA GLY C 455 -17.93 -9.83 -40.28
C GLY C 455 -17.96 -8.65 -41.23
N ILE C 456 -19.17 -8.17 -41.56
CA ILE C 456 -19.33 -7.03 -42.46
C ILE C 456 -18.77 -5.77 -41.82
N ILE C 457 -19.03 -5.56 -40.53
CA ILE C 457 -18.53 -4.37 -39.84
C ILE C 457 -17.01 -4.42 -39.70
N ALA C 458 -16.45 -5.61 -39.45
CA ALA C 458 -15.00 -5.75 -39.37
C ALA C 458 -14.34 -5.50 -40.73
N ILE C 459 -14.93 -6.02 -41.81
CA ILE C 459 -14.41 -5.82 -43.16
C ILE C 459 -14.46 -4.34 -43.55
N VAL C 460 -15.58 -3.69 -43.24
CA VAL C 460 -15.77 -2.28 -43.59
C VAL C 460 -14.83 -1.39 -42.79
N LEU C 461 -14.65 -1.69 -41.50
CA LEU C 461 -13.74 -0.91 -40.66
C LEU C 461 -12.29 -1.10 -41.06
N LEU C 462 -11.93 -2.31 -41.51
CA LEU C 462 -10.56 -2.54 -41.94
C LEU C 462 -10.28 -1.99 -43.33
N TRP C 463 -11.31 -1.88 -44.18
CA TRP C 463 -11.10 -1.27 -45.49
C TRP C 463 -11.00 0.25 -45.37
N GLY C 464 -11.82 0.86 -44.52
CA GLY C 464 -11.77 2.30 -44.30
C GLY C 464 -10.91 2.69 -43.12
N GLY C 465 -9.68 2.20 -43.07
CA GLY C 465 -8.78 2.51 -41.98
C GLY C 465 -8.11 1.29 -41.39
N GLY C 466 -6.97 1.48 -40.75
CA GLY C 466 -6.23 0.36 -40.20
C GLY C 466 -6.70 -0.04 -38.81
N LEU C 467 -5.76 -0.12 -37.87
CA LEU C 467 -6.11 -0.43 -36.49
C LEU C 467 -6.89 0.71 -35.84
N ASP C 468 -6.62 1.94 -36.30
CA ASP C 468 -7.18 3.13 -35.68
C ASP C 468 -8.69 3.24 -35.87
N ALA C 469 -9.23 2.66 -36.94
CA ALA C 469 -10.68 2.64 -37.12
C ALA C 469 -11.35 1.75 -36.08
N LEU C 470 -10.76 0.58 -35.80
CA LEU C 470 -11.28 -0.29 -34.76
C LEU C 470 -11.18 0.35 -33.38
N GLN C 471 -10.04 1.00 -33.09
CA GLN C 471 -9.88 1.71 -31.82
C GLN C 471 -10.88 2.85 -31.70
N THR C 472 -11.11 3.57 -32.79
CA THR C 472 -12.08 4.66 -32.83
C THR C 472 -13.48 4.15 -32.52
N ALA C 473 -13.90 3.08 -33.20
CA ALA C 473 -15.24 2.54 -33.01
C ALA C 473 -15.46 2.03 -31.60
N VAL C 474 -14.47 1.30 -31.05
CA VAL C 474 -14.63 0.74 -29.71
C VAL C 474 -14.59 1.83 -28.64
N ILE C 475 -13.82 2.91 -28.85
CA ILE C 475 -13.74 3.99 -27.87
C ILE C 475 -15.04 4.80 -27.85
N ILE C 476 -15.59 5.10 -29.03
CA ILE C 476 -16.89 5.79 -29.07
C ILE C 476 -18.04 4.97 -28.53
N THR C 477 -18.09 3.65 -28.77
CA THR C 477 -19.21 2.95 -28.15
C THR C 477 -18.97 2.65 -26.68
N GLY C 478 -17.72 2.69 -26.22
CA GLY C 478 -17.48 2.52 -24.80
C GLY C 478 -17.53 3.78 -23.97
N LEU C 479 -17.63 4.95 -24.61
CA LEU C 479 -17.78 6.19 -23.86
C LEU C 479 -19.07 6.29 -23.02
N PRO C 480 -20.29 6.03 -23.53
CA PRO C 480 -21.45 6.07 -22.62
C PRO C 480 -21.55 4.89 -21.68
N PHE C 481 -20.82 3.81 -21.95
CA PHE C 481 -20.80 2.69 -21.03
C PHE C 481 -20.06 2.97 -19.73
N ALA C 482 -19.30 4.07 -19.64
CA ALA C 482 -18.77 4.48 -18.35
C ALA C 482 -19.88 4.88 -17.39
N VAL C 483 -20.81 5.73 -17.85
CA VAL C 483 -21.93 6.10 -16.99
C VAL C 483 -22.89 4.91 -16.83
N ILE C 484 -22.97 4.04 -17.84
CA ILE C 484 -23.83 2.85 -17.72
C ILE C 484 -23.30 1.91 -16.66
N LEU C 485 -21.98 1.71 -16.61
CA LEU C 485 -21.40 0.81 -15.61
C LEU C 485 -21.37 1.44 -14.22
N LEU C 486 -21.27 2.77 -14.12
CA LEU C 486 -21.37 3.40 -12.80
C LEU C 486 -22.79 3.28 -12.23
N VAL C 487 -23.80 3.52 -13.07
CA VAL C 487 -25.19 3.32 -12.65
C VAL C 487 -25.44 1.84 -12.34
N MET C 488 -24.80 0.95 -13.11
CA MET C 488 -24.88 -0.49 -12.86
C MET C 488 -24.31 -0.87 -11.50
N CYS C 489 -23.16 -0.29 -11.13
CA CYS C 489 -22.55 -0.59 -9.84
C CYS C 489 -23.41 -0.07 -8.69
N TYR C 490 -23.97 1.13 -8.82
CA TYR C 490 -24.82 1.66 -7.76
C TYR C 490 -26.13 0.86 -7.63
N SER C 491 -26.69 0.44 -8.77
CA SER C 491 -27.90 -0.38 -8.75
C SER C 491 -27.63 -1.76 -8.18
N LEU C 492 -26.44 -2.32 -8.44
CA LEU C 492 -26.08 -3.60 -7.84
C LEU C 492 -25.88 -3.48 -6.34
N GLN C 493 -25.31 -2.37 -5.87
CA GLN C 493 -25.18 -2.15 -4.44
C GLN C 493 -26.54 -2.04 -3.76
N LYS C 494 -27.48 -1.32 -4.39
CA LYS C 494 -28.84 -1.22 -3.85
C LYS C 494 -29.55 -2.57 -3.86
N GLY C 495 -29.38 -3.34 -4.93
CA GLY C 495 -30.01 -4.65 -5.00
C GLY C 495 -29.44 -5.65 -4.01
N LEU C 496 -28.13 -5.60 -3.78
CA LEU C 496 -27.51 -6.47 -2.79
C LEU C 496 -27.93 -6.08 -1.38
N LYS C 497 -28.09 -4.77 -1.12
CA LYS C 497 -28.62 -4.32 0.16
C LYS C 497 -30.04 -4.81 0.36
N GLU C 498 -30.87 -4.74 -0.69
CA GLU C 498 -32.25 -5.22 -0.61
C GLU C 498 -32.32 -6.72 -0.36
N GLU C 499 -31.47 -7.49 -1.06
CA GLU C 499 -31.49 -8.94 -0.91
C GLU C 499 -30.93 -9.38 0.43
N LEU C 500 -29.93 -8.67 0.96
CA LEU C 500 -29.41 -9.01 2.28
C LEU C 500 -30.35 -8.59 3.40
N ALA C 501 -31.09 -7.49 3.22
CA ALA C 501 -32.10 -7.12 4.21
C ALA C 501 -33.33 -7.99 4.12
N LYS C 502 -33.60 -8.61 2.96
CA LYS C 502 -34.73 -9.52 2.82
C LYS C 502 -34.50 -10.81 3.59
N SER C 503 -33.32 -11.40 3.45
CA SER C 503 -32.99 -12.65 4.11
C SER C 503 -32.82 -12.48 5.61
N SER C 504 -33.13 -13.52 6.38
CA SER C 504 -33.01 -13.46 7.83
C SER C 504 -31.57 -13.72 8.27
CA1 KEN D . -5.36 24.43 9.46
CB1 KEN D . -6.12 26.69 9.18
CC1 KEN D . -7.70 24.91 9.27
NE1 KEN D . -6.42 25.40 9.80
CA1 KEN E . 19.35 -16.62 12.30
CB1 KEN E . 18.77 -15.05 14.01
CC1 KEN E . 19.92 -14.31 12.07
NE1 KEN E . 18.90 -15.24 12.55
CA1 KEN F . -10.74 -8.81 -26.06
CB1 KEN F . -8.92 -9.47 -24.70
CC1 KEN F . -9.95 -7.31 -24.43
NE1 KEN F . -10.19 -8.73 -24.71
#